data_5TZM
# 
_entry.id   5TZM 
# 
_audit_conform.dict_name       mmcif_pdbx.dic 
_audit_conform.dict_version    5.397 
_audit_conform.dict_location   http://mmcif.pdb.org/dictionaries/ascii/mmcif_pdbx.dic 
# 
loop_
_database_2.database_id 
_database_2.database_code 
_database_2.pdbx_database_accession 
_database_2.pdbx_DOI 
PDB   5TZM         pdb_00005tzm 10.2210/pdb5tzm/pdb 
WWPDB D_1000225076 ?            ?                   
# 
loop_
_pdbx_audit_revision_history.ordinal 
_pdbx_audit_revision_history.data_content_type 
_pdbx_audit_revision_history.major_revision 
_pdbx_audit_revision_history.minor_revision 
_pdbx_audit_revision_history.revision_date 
1 'Structure model' 1 0 2017-11-08 
2 'Structure model' 1 1 2019-11-27 
3 'Structure model' 1 2 2023-10-04 
4 'Structure model' 1 3 2024-10-16 
# 
_pdbx_audit_revision_details.ordinal             1 
_pdbx_audit_revision_details.revision_ordinal    1 
_pdbx_audit_revision_details.data_content_type   'Structure model' 
_pdbx_audit_revision_details.provider            repository 
_pdbx_audit_revision_details.type                'Initial release' 
_pdbx_audit_revision_details.description         ? 
_pdbx_audit_revision_details.details             ? 
# 
loop_
_pdbx_audit_revision_group.ordinal 
_pdbx_audit_revision_group.revision_ordinal 
_pdbx_audit_revision_group.data_content_type 
_pdbx_audit_revision_group.group 
1 2 'Structure model' 'Author supporting evidence' 
2 3 'Structure model' 'Data collection'            
3 3 'Structure model' 'Database references'        
4 3 'Structure model' 'Refinement description'     
5 4 'Structure model' 'Structure summary'          
# 
loop_
_pdbx_audit_revision_category.ordinal 
_pdbx_audit_revision_category.revision_ordinal 
_pdbx_audit_revision_category.data_content_type 
_pdbx_audit_revision_category.category 
1 2 'Structure model' pdbx_audit_support            
2 3 'Structure model' chem_comp_atom                
3 3 'Structure model' chem_comp_bond                
4 3 'Structure model' database_2                    
5 3 'Structure model' pdbx_initial_refinement_model 
6 4 'Structure model' pdbx_entry_details            
7 4 'Structure model' pdbx_modification_feature     
# 
loop_
_pdbx_audit_revision_item.ordinal 
_pdbx_audit_revision_item.revision_ordinal 
_pdbx_audit_revision_item.data_content_type 
_pdbx_audit_revision_item.item 
1 2 'Structure model' '_pdbx_audit_support.funding_organization' 
2 3 'Structure model' '_database_2.pdbx_DOI'                     
3 3 'Structure model' '_database_2.pdbx_database_accession'      
# 
_pdbx_database_status.status_code                     REL 
_pdbx_database_status.status_code_sf                  REL 
_pdbx_database_status.status_code_mr                  ? 
_pdbx_database_status.entry_id                        5TZM 
_pdbx_database_status.recvd_initial_deposition_date   2016-11-21 
_pdbx_database_status.SG_entry                        N 
_pdbx_database_status.deposit_site                    RCSB 
_pdbx_database_status.process_site                    RCSB 
_pdbx_database_status.status_code_cs                  ? 
_pdbx_database_status.methods_development_category    ? 
_pdbx_database_status.pdb_format_compatible           Y 
_pdbx_database_status.status_code_nmr_data            ? 
# 
loop_
_audit_author.name 
_audit_author.pdbx_ordinal 
'Wright, N.T.'   1 
'Berndsen, C.E.' 2 
'Policke, R.A.'  3 
# 
_citation.abstract                  ? 
_citation.abstract_id_CAS           ? 
_citation.book_id_ISBN              ? 
_citation.book_publisher            ? 
_citation.book_publisher_city       ? 
_citation.book_title                ? 
_citation.coordinate_linkage        ? 
_citation.country                   US 
_citation.database_id_Medline       ? 
_citation.details                   ? 
_citation.id                        primary 
_citation.journal_abbrev            'PLoS ONE' 
_citation.journal_id_ASTM           ? 
_citation.journal_id_CSD            ? 
_citation.journal_id_ISSN           1932-6203 
_citation.journal_full              ? 
_citation.journal_issue             ? 
_citation.journal_volume            12 
_citation.language                  ? 
_citation.page_first                e0186642 
_citation.page_last                 e0186642 
_citation.title                     'A novel FLNC frameshift and an OBSCN variant in a family with distal muscular dystrophy.' 
_citation.year                      2017 
_citation.database_id_CSD           ? 
_citation.pdbx_database_id_DOI      10.1371/journal.pone.0186642 
_citation.pdbx_database_id_PubMed   29073160 
_citation.unpublished_flag          ? 
# 
loop_
_citation_author.citation_id 
_citation_author.name 
_citation_author.ordinal 
_citation_author.identifier_ORCID 
primary 'Rossi, D.'          1  ? 
primary 'Palmio, J.'         2  ? 
primary 'Evila, A.'          3  ? 
primary 'Galli, L.'          4  ? 
primary 'Barone, V.'         5  ? 
primary 'Caldwell, T.A.'     6  ? 
primary 'Policke, R.A.'      7  ? 
primary 'Aldkheil, E.'       8  ? 
primary 'Berndsen, C.E.'     9  ? 
primary 'Wright, N.T.'       10 ? 
primary 'Malfatti, E.'       11 ? 
primary 'Brochier, G.'       12 ? 
primary 'Pierantozzi, E.'    13 ? 
primary 'Jordanova, A.'      14 ? 
primary 'Guergueltcheva, V.' 15 ? 
primary 'Romero, N.B.'       16 ? 
primary 'Hackman, P.'        17 ? 
primary 'Eymard, B.'         18 ? 
primary 'Udd, B.'            19 ? 
primary 'Sorrentino, V.'     20 ? 
# 
loop_
_entity.id 
_entity.type 
_entity.src_method 
_entity.pdbx_description 
_entity.formula_weight 
_entity.pdbx_number_of_molecules 
_entity.pdbx_ec 
_entity.pdbx_mutation 
_entity.pdbx_fragment 
_entity.details 
1 polymer man Obscurin 10708.931 1  2.7.11.1 ? 'UNP residues 4946-5036' ? 
2 water   nat water    18.015    97 ?        ? ?                        ? 
# 
_entity_name_com.entity_id   1 
_entity_name_com.name        'Obscurin-RhoGEF,Obscurin-myosin light chain kinase,Obscurin-MLCK' 
# 
_entity_poly.entity_id                      1 
_entity_poly.type                           'polypeptide(L)' 
_entity_poly.nstd_linkage                   no 
_entity_poly.nstd_monomer                   no 
_entity_poly.pdbx_seq_one_letter_code       
;RLEILELLKNAAVRAGAQACFTCTLSEAVPVGEASWYINGAAVQPDDSDWTVTADGSHHALLLRSAQPHHAGEVTFACRD
AVASARLTVLGGLEHHHHHH
;
_entity_poly.pdbx_seq_one_letter_code_can   
;RLEILELLKNAAVRAGAQACFTCTLSEAVPVGEASWYINGAAVQPDDSDWTVTADGSHHALLLRSAQPHHAGEVTFACRD
AVASARLTVLGGLEHHHHHH
;
_entity_poly.pdbx_strand_id                 A 
_entity_poly.pdbx_target_identifier         ? 
# 
_pdbx_entity_nonpoly.entity_id   2 
_pdbx_entity_nonpoly.name        water 
_pdbx_entity_nonpoly.comp_id     HOH 
# 
loop_
_entity_poly_seq.entity_id 
_entity_poly_seq.num 
_entity_poly_seq.mon_id 
_entity_poly_seq.hetero 
1 1   ARG n 
1 2   LEU n 
1 3   GLU n 
1 4   ILE n 
1 5   LEU n 
1 6   GLU n 
1 7   LEU n 
1 8   LEU n 
1 9   LYS n 
1 10  ASN n 
1 11  ALA n 
1 12  ALA n 
1 13  VAL n 
1 14  ARG n 
1 15  ALA n 
1 16  GLY n 
1 17  ALA n 
1 18  GLN n 
1 19  ALA n 
1 20  CYS n 
1 21  PHE n 
1 22  THR n 
1 23  CYS n 
1 24  THR n 
1 25  LEU n 
1 26  SER n 
1 27  GLU n 
1 28  ALA n 
1 29  VAL n 
1 30  PRO n 
1 31  VAL n 
1 32  GLY n 
1 33  GLU n 
1 34  ALA n 
1 35  SER n 
1 36  TRP n 
1 37  TYR n 
1 38  ILE n 
1 39  ASN n 
1 40  GLY n 
1 41  ALA n 
1 42  ALA n 
1 43  VAL n 
1 44  GLN n 
1 45  PRO n 
1 46  ASP n 
1 47  ASP n 
1 48  SER n 
1 49  ASP n 
1 50  TRP n 
1 51  THR n 
1 52  VAL n 
1 53  THR n 
1 54  ALA n 
1 55  ASP n 
1 56  GLY n 
1 57  SER n 
1 58  HIS n 
1 59  HIS n 
1 60  ALA n 
1 61  LEU n 
1 62  LEU n 
1 63  LEU n 
1 64  ARG n 
1 65  SER n 
1 66  ALA n 
1 67  GLN n 
1 68  PRO n 
1 69  HIS n 
1 70  HIS n 
1 71  ALA n 
1 72  GLY n 
1 73  GLU n 
1 74  VAL n 
1 75  THR n 
1 76  PHE n 
1 77  ALA n 
1 78  CYS n 
1 79  ARG n 
1 80  ASP n 
1 81  ALA n 
1 82  VAL n 
1 83  ALA n 
1 84  SER n 
1 85  ALA n 
1 86  ARG n 
1 87  LEU n 
1 88  THR n 
1 89  VAL n 
1 90  LEU n 
1 91  GLY n 
1 92  GLY n 
1 93  LEU n 
1 94  GLU n 
1 95  HIS n 
1 96  HIS n 
1 97  HIS n 
1 98  HIS n 
1 99  HIS n 
1 100 HIS n 
# 
_entity_src_gen.entity_id                          1 
_entity_src_gen.pdbx_src_id                        1 
_entity_src_gen.pdbx_alt_source_flag               sample 
_entity_src_gen.pdbx_seq_type                      'Biological sequence' 
_entity_src_gen.pdbx_beg_seq_num                   1 
_entity_src_gen.pdbx_end_seq_num                   100 
_entity_src_gen.gene_src_common_name               Human 
_entity_src_gen.gene_src_genus                     ? 
_entity_src_gen.pdbx_gene_src_gene                 'OBSCN, KIAA1556, KIAA1639' 
_entity_src_gen.gene_src_species                   ? 
_entity_src_gen.gene_src_strain                    ? 
_entity_src_gen.gene_src_tissue                    ? 
_entity_src_gen.gene_src_tissue_fraction           ? 
_entity_src_gen.gene_src_details                   ? 
_entity_src_gen.pdbx_gene_src_fragment             ? 
_entity_src_gen.pdbx_gene_src_scientific_name      'Homo sapiens' 
_entity_src_gen.pdbx_gene_src_ncbi_taxonomy_id     9606 
_entity_src_gen.pdbx_gene_src_variant              ? 
_entity_src_gen.pdbx_gene_src_cell_line            ? 
_entity_src_gen.pdbx_gene_src_atcc                 ? 
_entity_src_gen.pdbx_gene_src_organ                ? 
_entity_src_gen.pdbx_gene_src_organelle            ? 
_entity_src_gen.pdbx_gene_src_cell                 ? 
_entity_src_gen.pdbx_gene_src_cellular_location    ? 
_entity_src_gen.host_org_common_name               ? 
_entity_src_gen.pdbx_host_org_scientific_name      'Escherichia coli ' 
_entity_src_gen.pdbx_host_org_ncbi_taxonomy_id     511693 
_entity_src_gen.host_org_genus                     ? 
_entity_src_gen.pdbx_host_org_gene                 ? 
_entity_src_gen.pdbx_host_org_organ                ? 
_entity_src_gen.host_org_species                   ? 
_entity_src_gen.pdbx_host_org_tissue               ? 
_entity_src_gen.pdbx_host_org_tissue_fraction      ? 
_entity_src_gen.pdbx_host_org_strain               K12 
_entity_src_gen.pdbx_host_org_variant              BL21 
_entity_src_gen.pdbx_host_org_cell_line            ? 
_entity_src_gen.pdbx_host_org_atcc                 ? 
_entity_src_gen.pdbx_host_org_culture_collection   ? 
_entity_src_gen.pdbx_host_org_cell                 ? 
_entity_src_gen.pdbx_host_org_organelle            ? 
_entity_src_gen.pdbx_host_org_cellular_location    ? 
_entity_src_gen.pdbx_host_org_vector_type          pET24a 
_entity_src_gen.pdbx_host_org_vector               ? 
_entity_src_gen.host_org_details                   ? 
_entity_src_gen.expression_system_id               ? 
_entity_src_gen.plasmid_name                       ? 
_entity_src_gen.plasmid_details                    ? 
_entity_src_gen.pdbx_description                   ? 
# 
loop_
_chem_comp.id 
_chem_comp.type 
_chem_comp.mon_nstd_flag 
_chem_comp.name 
_chem_comp.pdbx_synonyms 
_chem_comp.formula 
_chem_comp.formula_weight 
ALA 'L-peptide linking' y ALANINE         ? 'C3 H7 N O2'     89.093  
ARG 'L-peptide linking' y ARGININE        ? 'C6 H15 N4 O2 1' 175.209 
ASN 'L-peptide linking' y ASPARAGINE      ? 'C4 H8 N2 O3'    132.118 
ASP 'L-peptide linking' y 'ASPARTIC ACID' ? 'C4 H7 N O4'     133.103 
CYS 'L-peptide linking' y CYSTEINE        ? 'C3 H7 N O2 S'   121.158 
GLN 'L-peptide linking' y GLUTAMINE       ? 'C5 H10 N2 O3'   146.144 
GLU 'L-peptide linking' y 'GLUTAMIC ACID' ? 'C5 H9 N O4'     147.129 
GLY 'peptide linking'   y GLYCINE         ? 'C2 H5 N O2'     75.067  
HIS 'L-peptide linking' y HISTIDINE       ? 'C6 H10 N3 O2 1' 156.162 
HOH non-polymer         . WATER           ? 'H2 O'           18.015  
ILE 'L-peptide linking' y ISOLEUCINE      ? 'C6 H13 N O2'    131.173 
LEU 'L-peptide linking' y LEUCINE         ? 'C6 H13 N O2'    131.173 
LYS 'L-peptide linking' y LYSINE          ? 'C6 H15 N2 O2 1' 147.195 
PHE 'L-peptide linking' y PHENYLALANINE   ? 'C9 H11 N O2'    165.189 
PRO 'L-peptide linking' y PROLINE         ? 'C5 H9 N O2'     115.130 
SER 'L-peptide linking' y SERINE          ? 'C3 H7 N O3'     105.093 
THR 'L-peptide linking' y THREONINE       ? 'C4 H9 N O3'     119.119 
TRP 'L-peptide linking' y TRYPTOPHAN      ? 'C11 H12 N2 O2'  204.225 
TYR 'L-peptide linking' y TYROSINE        ? 'C9 H11 N O3'    181.189 
VAL 'L-peptide linking' y VALINE          ? 'C5 H11 N O2'    117.146 
# 
loop_
_pdbx_poly_seq_scheme.asym_id 
_pdbx_poly_seq_scheme.entity_id 
_pdbx_poly_seq_scheme.seq_id 
_pdbx_poly_seq_scheme.mon_id 
_pdbx_poly_seq_scheme.ndb_seq_num 
_pdbx_poly_seq_scheme.pdb_seq_num 
_pdbx_poly_seq_scheme.auth_seq_num 
_pdbx_poly_seq_scheme.pdb_mon_id 
_pdbx_poly_seq_scheme.auth_mon_id 
_pdbx_poly_seq_scheme.pdb_strand_id 
_pdbx_poly_seq_scheme.pdb_ins_code 
_pdbx_poly_seq_scheme.hetero 
A 1 1   ARG 1   3   3  ARG ARG A . n 
A 1 2   LEU 2   4   4  LEU LEU A . n 
A 1 3   GLU 3   5   5  GLU GLU A . n 
A 1 4   ILE 4   6   6  ILE ILE A . n 
A 1 5   LEU 5   7   7  LEU LEU A . n 
A 1 6   GLU 6   8   8  GLU GLU A . n 
A 1 7   LEU 7   9   9  LEU LEU A . n 
A 1 8   LEU 8   10  10 LEU LEU A . n 
A 1 9   LYS 9   11  11 LYS LYS A . n 
A 1 10  ASN 10  12  12 ASN ASN A . n 
A 1 11  ALA 11  13  13 ALA ALA A . n 
A 1 12  ALA 12  14  14 ALA ALA A . n 
A 1 13  VAL 13  15  15 VAL VAL A . n 
A 1 14  ARG 14  16  16 ARG ARG A . n 
A 1 15  ALA 15  17  17 ALA ALA A . n 
A 1 16  GLY 16  18  18 GLY GLY A . n 
A 1 17  ALA 17  19  19 ALA ALA A . n 
A 1 18  GLN 18  20  20 GLN GLN A . n 
A 1 19  ALA 19  21  21 ALA ALA A . n 
A 1 20  CYS 20  22  22 CYS CYS A . n 
A 1 21  PHE 21  23  23 PHE PHE A . n 
A 1 22  THR 22  24  24 THR THR A . n 
A 1 23  CYS 23  25  25 CYS CYS A . n 
A 1 24  THR 24  26  26 THR THR A . n 
A 1 25  LEU 25  27  27 LEU LEU A . n 
A 1 26  SER 26  28  28 SER SER A . n 
A 1 27  GLU 27  29  29 GLU GLU A . n 
A 1 28  ALA 28  30  30 ALA ALA A . n 
A 1 29  VAL 29  31  31 VAL VAL A . n 
A 1 30  PRO 30  32  32 PRO PRO A . n 
A 1 31  VAL 31  33  33 VAL VAL A . n 
A 1 32  GLY 32  34  34 GLY GLY A . n 
A 1 33  GLU 33  35  35 GLU GLU A . n 
A 1 34  ALA 34  36  36 ALA ALA A . n 
A 1 35  SER 35  37  37 SER SER A . n 
A 1 36  TRP 36  38  38 TRP TRP A . n 
A 1 37  TYR 37  39  39 TYR TYR A . n 
A 1 38  ILE 38  40  40 ILE ILE A . n 
A 1 39  ASN 39  41  41 ASN ASN A . n 
A 1 40  GLY 40  42  42 GLY GLY A . n 
A 1 41  ALA 41  43  43 ALA ALA A . n 
A 1 42  ALA 42  44  44 ALA ALA A . n 
A 1 43  VAL 43  45  45 VAL VAL A . n 
A 1 44  GLN 44  46  46 GLN GLN A . n 
A 1 45  PRO 45  47  47 PRO PRO A . n 
A 1 46  ASP 46  48  48 ASP ASP A . n 
A 1 47  ASP 47  49  49 ASP ASP A . n 
A 1 48  SER 48  50  50 SER SER A . n 
A 1 49  ASP 49  51  51 ASP ASP A . n 
A 1 50  TRP 50  52  52 TRP TRP A . n 
A 1 51  THR 51  53  53 THR THR A . n 
A 1 52  VAL 52  54  54 VAL VAL A . n 
A 1 53  THR 53  55  55 THR THR A . n 
A 1 54  ALA 54  56  56 ALA ALA A . n 
A 1 55  ASP 55  57  57 ASP ASP A . n 
A 1 56  GLY 56  58  58 GLY GLY A . n 
A 1 57  SER 57  59  59 SER SER A . n 
A 1 58  HIS 58  60  60 HIS HIS A . n 
A 1 59  HIS 59  61  61 HIS HIS A . n 
A 1 60  ALA 60  62  62 ALA ALA A . n 
A 1 61  LEU 61  63  63 LEU LEU A . n 
A 1 62  LEU 62  64  64 LEU LEU A . n 
A 1 63  LEU 63  65  65 LEU LEU A . n 
A 1 64  ARG 64  66  66 ARG ARG A . n 
A 1 65  SER 65  67  67 SER SER A . n 
A 1 66  ALA 66  68  68 ALA ALA A . n 
A 1 67  GLN 67  69  69 GLN GLN A . n 
A 1 68  PRO 68  70  70 PRO PRO A . n 
A 1 69  HIS 69  71  71 HIS HIS A . n 
A 1 70  HIS 70  72  72 HIS HIS A . n 
A 1 71  ALA 71  73  73 ALA ALA A . n 
A 1 72  GLY 72  74  74 GLY GLY A . n 
A 1 73  GLU 73  75  75 GLU GLU A . n 
A 1 74  VAL 74  76  76 VAL VAL A . n 
A 1 75  THR 75  77  77 THR THR A . n 
A 1 76  PHE 76  78  78 PHE PHE A . n 
A 1 77  ALA 77  79  79 ALA ALA A . n 
A 1 78  CYS 78  80  80 CYS CYS A . n 
A 1 79  ARG 79  81  81 ARG ARG A . n 
A 1 80  ASP 80  82  82 ASP ASP A . n 
A 1 81  ALA 81  83  83 ALA ALA A . n 
A 1 82  VAL 82  84  84 VAL VAL A . n 
A 1 83  ALA 83  85  85 ALA ALA A . n 
A 1 84  SER 84  86  86 SER SER A . n 
A 1 85  ALA 85  87  87 ALA ALA A . n 
A 1 86  ARG 86  88  88 ARG ARG A . n 
A 1 87  LEU 87  89  89 LEU LEU A . n 
A 1 88  THR 88  90  90 THR THR A . n 
A 1 89  VAL 89  91  91 VAL VAL A . n 
A 1 90  LEU 90  92  92 LEU LEU A . n 
A 1 91  GLY 91  93  ?  ?   ?   A . n 
A 1 92  GLY 92  94  ?  ?   ?   A . n 
A 1 93  LEU 93  95  ?  ?   ?   A . n 
A 1 94  GLU 94  96  ?  ?   ?   A . n 
A 1 95  HIS 95  97  ?  ?   ?   A . n 
A 1 96  HIS 96  98  ?  ?   ?   A . n 
A 1 97  HIS 97  99  ?  ?   ?   A . n 
A 1 98  HIS 98  100 ?  ?   ?   A . n 
A 1 99  HIS 99  101 ?  ?   ?   A . n 
A 1 100 HIS 100 102 ?  ?   ?   A . n 
# 
loop_
_pdbx_nonpoly_scheme.asym_id 
_pdbx_nonpoly_scheme.entity_id 
_pdbx_nonpoly_scheme.mon_id 
_pdbx_nonpoly_scheme.ndb_seq_num 
_pdbx_nonpoly_scheme.pdb_seq_num 
_pdbx_nonpoly_scheme.auth_seq_num 
_pdbx_nonpoly_scheme.pdb_mon_id 
_pdbx_nonpoly_scheme.auth_mon_id 
_pdbx_nonpoly_scheme.pdb_strand_id 
_pdbx_nonpoly_scheme.pdb_ins_code 
B 2 HOH 1  201 81 HOH HOH A . 
B 2 HOH 2  202 15 HOH HOH A . 
B 2 HOH 3  203 68 HOH HOH A . 
B 2 HOH 4  204 40 HOH HOH A . 
B 2 HOH 5  205 19 HOH HOH A . 
B 2 HOH 6  206 21 HOH HOH A . 
B 2 HOH 7  207 79 HOH HOH A . 
B 2 HOH 8  208 61 HOH HOH A . 
B 2 HOH 9  209 59 HOH HOH A . 
B 2 HOH 10 210 25 HOH HOH A . 
B 2 HOH 11 211 27 HOH HOH A . 
B 2 HOH 12 212 37 HOH HOH A . 
B 2 HOH 13 213 4  HOH HOH A . 
B 2 HOH 14 214 35 HOH HOH A . 
B 2 HOH 15 215 47 HOH HOH A . 
B 2 HOH 16 216 14 HOH HOH A . 
B 2 HOH 17 217 92 HOH HOH A . 
B 2 HOH 18 218 82 HOH HOH A . 
B 2 HOH 19 219 60 HOH HOH A . 
B 2 HOH 20 220 91 HOH HOH A . 
B 2 HOH 21 221 30 HOH HOH A . 
B 2 HOH 22 222 70 HOH HOH A . 
B 2 HOH 23 223 23 HOH HOH A . 
B 2 HOH 24 224 11 HOH HOH A . 
B 2 HOH 25 225 17 HOH HOH A . 
B 2 HOH 26 226 57 HOH HOH A . 
B 2 HOH 27 227 84 HOH HOH A . 
B 2 HOH 28 228 6  HOH HOH A . 
B 2 HOH 29 229 31 HOH HOH A . 
B 2 HOH 30 230 73 HOH HOH A . 
B 2 HOH 31 231 74 HOH HOH A . 
B 2 HOH 32 232 8  HOH HOH A . 
B 2 HOH 33 233 38 HOH HOH A . 
B 2 HOH 34 234 5  HOH HOH A . 
B 2 HOH 35 235 20 HOH HOH A . 
B 2 HOH 36 236 95 HOH HOH A . 
B 2 HOH 37 237 3  HOH HOH A . 
B 2 HOH 38 238 49 HOH HOH A . 
B 2 HOH 39 239 62 HOH HOH A . 
B 2 HOH 40 240 96 HOH HOH A . 
B 2 HOH 41 241 1  HOH HOH A . 
B 2 HOH 42 242 78 HOH HOH A . 
B 2 HOH 43 243 2  HOH HOH A . 
B 2 HOH 44 244 9  HOH HOH A . 
B 2 HOH 45 245 72 HOH HOH A . 
B 2 HOH 46 246 43 HOH HOH A . 
B 2 HOH 47 247 34 HOH HOH A . 
B 2 HOH 48 248 18 HOH HOH A . 
B 2 HOH 49 249 24 HOH HOH A . 
B 2 HOH 50 250 45 HOH HOH A . 
B 2 HOH 51 251 26 HOH HOH A . 
B 2 HOH 52 252 41 HOH HOH A . 
B 2 HOH 53 253 53 HOH HOH A . 
B 2 HOH 54 254 10 HOH HOH A . 
B 2 HOH 55 255 7  HOH HOH A . 
B 2 HOH 56 256 63 HOH HOH A . 
B 2 HOH 57 257 52 HOH HOH A . 
B 2 HOH 58 258 93 HOH HOH A . 
B 2 HOH 59 259 13 HOH HOH A . 
B 2 HOH 60 260 67 HOH HOH A . 
B 2 HOH 61 261 29 HOH HOH A . 
B 2 HOH 62 262 66 HOH HOH A . 
B 2 HOH 63 263 33 HOH HOH A . 
B 2 HOH 64 264 36 HOH HOH A . 
B 2 HOH 65 265 83 HOH HOH A . 
B 2 HOH 66 266 44 HOH HOH A . 
B 2 HOH 67 267 69 HOH HOH A . 
B 2 HOH 68 268 64 HOH HOH A . 
B 2 HOH 69 269 77 HOH HOH A . 
B 2 HOH 70 270 80 HOH HOH A . 
B 2 HOH 71 271 97 HOH HOH A . 
B 2 HOH 72 272 88 HOH HOH A . 
B 2 HOH 73 273 54 HOH HOH A . 
B 2 HOH 74 274 89 HOH HOH A . 
B 2 HOH 75 275 42 HOH HOH A . 
B 2 HOH 76 276 22 HOH HOH A . 
B 2 HOH 77 277 12 HOH HOH A . 
B 2 HOH 78 278 16 HOH HOH A . 
B 2 HOH 79 279 58 HOH HOH A . 
B 2 HOH 80 280 56 HOH HOH A . 
B 2 HOH 81 281 71 HOH HOH A . 
B 2 HOH 82 282 32 HOH HOH A . 
B 2 HOH 83 283 50 HOH HOH A . 
B 2 HOH 84 284 90 HOH HOH A . 
B 2 HOH 85 285 85 HOH HOH A . 
B 2 HOH 86 286 51 HOH HOH A . 
B 2 HOH 87 287 65 HOH HOH A . 
B 2 HOH 88 288 94 HOH HOH A . 
B 2 HOH 89 289 86 HOH HOH A . 
B 2 HOH 90 290 75 HOH HOH A . 
B 2 HOH 91 291 48 HOH HOH A . 
B 2 HOH 92 292 55 HOH HOH A . 
B 2 HOH 93 293 28 HOH HOH A . 
B 2 HOH 94 294 46 HOH HOH A . 
B 2 HOH 95 295 87 HOH HOH A . 
B 2 HOH 96 296 76 HOH HOH A . 
B 2 HOH 97 297 39 HOH HOH A . 
# 
loop_
_pdbx_unobs_or_zero_occ_atoms.id 
_pdbx_unobs_or_zero_occ_atoms.PDB_model_num 
_pdbx_unobs_or_zero_occ_atoms.polymer_flag 
_pdbx_unobs_or_zero_occ_atoms.occupancy_flag 
_pdbx_unobs_or_zero_occ_atoms.auth_asym_id 
_pdbx_unobs_or_zero_occ_atoms.auth_comp_id 
_pdbx_unobs_or_zero_occ_atoms.auth_seq_id 
_pdbx_unobs_or_zero_occ_atoms.PDB_ins_code 
_pdbx_unobs_or_zero_occ_atoms.auth_atom_id 
_pdbx_unobs_or_zero_occ_atoms.label_alt_id 
_pdbx_unobs_or_zero_occ_atoms.label_asym_id 
_pdbx_unobs_or_zero_occ_atoms.label_comp_id 
_pdbx_unobs_or_zero_occ_atoms.label_seq_id 
_pdbx_unobs_or_zero_occ_atoms.label_atom_id 
1 1 Y 1 A ARG 3 ? CG  ? A ARG 1 CG  
2 1 Y 1 A ARG 3 ? CD  ? A ARG 1 CD  
3 1 Y 1 A ARG 3 ? NE  ? A ARG 1 NE  
4 1 Y 1 A ARG 3 ? CZ  ? A ARG 1 CZ  
5 1 Y 1 A ARG 3 ? NH1 ? A ARG 1 NH1 
6 1 Y 1 A ARG 3 ? NH2 ? A ARG 1 NH2 
# 
loop_
_software.citation_id 
_software.classification 
_software.compiler_name 
_software.compiler_version 
_software.contact_author 
_software.contact_author_email 
_software.date 
_software.description 
_software.dependencies 
_software.hardware 
_software.language 
_software.location 
_software.mods 
_software.name 
_software.os 
_software.os_version 
_software.type 
_software.version 
_software.pdbx_ordinal 
? refinement       ? ? ? ? ? ? ? ? ? ? ? PHENIX   ? ? ? 1.8.4_1496 1 
? 'data reduction' ? ? ? ? ? ? ? ? ? ? ? HKL-2000 ? ? ? .          2 
? 'data scaling'   ? ? ? ? ? ? ? ? ? ? ? HKL-2000 ? ? ? .          3 
? phasing          ? ? ? ? ? ? ? ? ? ? ? PHASER   ? ? ? .          4 
# 
_cell.entry_id           5TZM 
_cell.length_a           60.980 
_cell.length_b           60.980 
_cell.length_c           47.560 
_cell.angle_alpha        90.00 
_cell.angle_beta         90.00 
_cell.angle_gamma        120.00 
_cell.Z_PDB              6 
_cell.pdbx_unique_axis   ? 
# 
_symmetry.entry_id                         5TZM 
_symmetry.space_group_name_H-M             'P 31 2 1' 
_symmetry.pdbx_full_space_group_name_H-M   ? 
_symmetry.cell_setting                     ? 
_symmetry.Int_Tables_number                152 
# 
_exptl.absorpt_coefficient_mu     ? 
_exptl.absorpt_correction_T_max   ? 
_exptl.absorpt_correction_T_min   ? 
_exptl.absorpt_correction_type    ? 
_exptl.absorpt_process_details    ? 
_exptl.entry_id                   5TZM 
_exptl.crystals_number            1 
_exptl.details                    ? 
_exptl.method                     'X-RAY DIFFRACTION' 
_exptl.method_details             ? 
# 
_exptl_crystal.colour                      ? 
_exptl_crystal.density_diffrn              ? 
_exptl_crystal.density_Matthews            2.38 
_exptl_crystal.density_method              ? 
_exptl_crystal.density_percent_sol         48.40 
_exptl_crystal.description                 ? 
_exptl_crystal.F_000                       ? 
_exptl_crystal.id                          1 
_exptl_crystal.preparation                 ? 
_exptl_crystal.size_max                    ? 
_exptl_crystal.size_mid                    ? 
_exptl_crystal.size_min                    ? 
_exptl_crystal.size_rad                    ? 
_exptl_crystal.colour_lustre               ? 
_exptl_crystal.colour_modifier             ? 
_exptl_crystal.colour_primary              ? 
_exptl_crystal.density_meas                ? 
_exptl_crystal.density_meas_esd            ? 
_exptl_crystal.density_meas_gt             ? 
_exptl_crystal.density_meas_lt             ? 
_exptl_crystal.density_meas_temp           ? 
_exptl_crystal.density_meas_temp_esd       ? 
_exptl_crystal.density_meas_temp_gt        ? 
_exptl_crystal.density_meas_temp_lt        ? 
_exptl_crystal.pdbx_crystal_image_url      ? 
_exptl_crystal.pdbx_crystal_image_format   ? 
_exptl_crystal.pdbx_mosaicity              ? 
_exptl_crystal.pdbx_mosaicity_esd          ? 
# 
_exptl_crystal_grow.apparatus       ? 
_exptl_crystal_grow.atmosphere      ? 
_exptl_crystal_grow.crystal_id      1 
_exptl_crystal_grow.details         ? 
_exptl_crystal_grow.method          'VAPOR DIFFUSION, HANGING DROP' 
_exptl_crystal_grow.method_ref      ? 
_exptl_crystal_grow.pH              7.5 
_exptl_crystal_grow.pressure        ? 
_exptl_crystal_grow.pressure_esd    ? 
_exptl_crystal_grow.seeding         ? 
_exptl_crystal_grow.seeding_ref     ? 
_exptl_crystal_grow.temp            293 
_exptl_crystal_grow.temp_details    ? 
_exptl_crystal_grow.temp_esd        ? 
_exptl_crystal_grow.time            ? 
_exptl_crystal_grow.pdbx_details    '17% tacsimate, 0.1M HEPES pH 7.5, 4% PEG3350, 10 mg/mL C-terminal his-tagged Ig59' 
_exptl_crystal_grow.pdbx_pH_range   ? 
# 
_diffrn.ambient_environment    ? 
_diffrn.ambient_temp           80 
_diffrn.ambient_temp_details   ? 
_diffrn.ambient_temp_esd       ? 
_diffrn.crystal_id             1 
_diffrn.crystal_support        ? 
_diffrn.crystal_treatment      ? 
_diffrn.details                ? 
_diffrn.id                     1 
_diffrn.ambient_pressure       ? 
_diffrn.ambient_pressure_esd   ? 
_diffrn.ambient_pressure_gt    ? 
_diffrn.ambient_pressure_lt    ? 
_diffrn.ambient_temp_gt        ? 
_diffrn.ambient_temp_lt        ? 
# 
_diffrn_detector.details                      ? 
_diffrn_detector.detector                     CCD 
_diffrn_detector.diffrn_id                    1 
_diffrn_detector.type                         'ADSC QUANTUM 315r' 
_diffrn_detector.area_resol_mean              ? 
_diffrn_detector.dtime                        ? 
_diffrn_detector.pdbx_frames_total            ? 
_diffrn_detector.pdbx_collection_time_total   ? 
_diffrn_detector.pdbx_collection_date         2014-04-10 
# 
_diffrn_radiation.collimation                      ? 
_diffrn_radiation.diffrn_id                        1 
_diffrn_radiation.filter_edge                      ? 
_diffrn_radiation.inhomogeneity                    ? 
_diffrn_radiation.monochromator                    ? 
_diffrn_radiation.polarisn_norm                    ? 
_diffrn_radiation.polarisn_ratio                   ? 
_diffrn_radiation.probe                            ? 
_diffrn_radiation.type                             ? 
_diffrn_radiation.xray_symbol                      ? 
_diffrn_radiation.wavelength_id                    1 
_diffrn_radiation.pdbx_monochromatic_or_laue_m_l   M 
_diffrn_radiation.pdbx_wavelength_list             ? 
_diffrn_radiation.pdbx_wavelength                  ? 
_diffrn_radiation.pdbx_diffrn_protocol             'SINGLE WAVELENGTH' 
_diffrn_radiation.pdbx_analyzer                    ? 
_diffrn_radiation.pdbx_scattering_type             x-ray 
# 
_diffrn_radiation_wavelength.id           1 
_diffrn_radiation_wavelength.wavelength   0.97918 
_diffrn_radiation_wavelength.wt           1.0 
# 
_diffrn_source.current                     ? 
_diffrn_source.details                     ? 
_diffrn_source.diffrn_id                   1 
_diffrn_source.power                       ? 
_diffrn_source.size                        ? 
_diffrn_source.source                      SYNCHROTRON 
_diffrn_source.target                      ? 
_diffrn_source.type                        'APS BEAMLINE 19-ID' 
_diffrn_source.voltage                     ? 
_diffrn_source.take-off_angle              ? 
_diffrn_source.pdbx_wavelength_list        0.97918 
_diffrn_source.pdbx_wavelength             ? 
_diffrn_source.pdbx_synchrotron_beamline   19-ID 
_diffrn_source.pdbx_synchrotron_site       APS 
# 
_reflns.B_iso_Wilson_estimate            14.83 
_reflns.entry_id                         5TZM 
_reflns.data_reduction_details           ? 
_reflns.data_reduction_method            ? 
_reflns.d_resolution_high                1.177 
_reflns.d_resolution_low                 30.49 
_reflns.details                          ? 
_reflns.limit_h_max                      ? 
_reflns.limit_h_min                      ? 
_reflns.limit_k_max                      ? 
_reflns.limit_k_min                      ? 
_reflns.limit_l_max                      ? 
_reflns.limit_l_min                      ? 
_reflns.number_all                       ? 
_reflns.number_obs                       33764 
_reflns.observed_criterion               ? 
_reflns.observed_criterion_F_max         ? 
_reflns.observed_criterion_F_min         ? 
_reflns.observed_criterion_I_max         ? 
_reflns.observed_criterion_I_min         ? 
_reflns.observed_criterion_sigma_F       ? 
_reflns.observed_criterion_sigma_I       ? 
_reflns.percent_possible_obs             98.82 
_reflns.R_free_details                   ? 
_reflns.Rmerge_F_all                     ? 
_reflns.Rmerge_F_obs                     ? 
_reflns.Friedel_coverage                 ? 
_reflns.number_gt                        ? 
_reflns.threshold_expression             ? 
_reflns.pdbx_redundancy                  19.5 
_reflns.pdbx_Rmerge_I_obs                0.1345 
_reflns.pdbx_Rmerge_I_all                ? 
_reflns.pdbx_Rsym_value                  ? 
_reflns.pdbx_netI_over_av_sigmaI         ? 
_reflns.pdbx_netI_over_sigmaI            22.98 
_reflns.pdbx_res_netI_over_av_sigmaI_2   ? 
_reflns.pdbx_res_netI_over_sigmaI_2      ? 
_reflns.pdbx_chi_squared                 ? 
_reflns.pdbx_scaling_rejects             ? 
_reflns.pdbx_d_res_high_opt              ? 
_reflns.pdbx_d_res_low_opt               ? 
_reflns.pdbx_d_res_opt_method            ? 
_reflns.phase_calculation_details        ? 
_reflns.pdbx_Rrim_I_all                  ? 
_reflns.pdbx_Rpim_I_all                  ? 
_reflns.pdbx_d_opt                       ? 
_reflns.pdbx_number_measured_all         ? 
_reflns.pdbx_diffrn_id                   1 
_reflns.pdbx_ordinal                     1 
_reflns.pdbx_CC_half                     0.988 
_reflns.pdbx_R_split                     ? 
# 
_reflns_shell.d_res_high                  1.177 
_reflns_shell.d_res_low                   1.219 
_reflns_shell.meanI_over_sigI_all         ? 
_reflns_shell.meanI_over_sigI_obs         5.07 
_reflns_shell.number_measured_all         ? 
_reflns_shell.number_measured_obs         ? 
_reflns_shell.number_possible             ? 
_reflns_shell.number_unique_all           ? 
_reflns_shell.number_unique_obs           ? 
_reflns_shell.percent_possible_all        92.53 
_reflns_shell.percent_possible_obs        ? 
_reflns_shell.Rmerge_F_all                ? 
_reflns_shell.Rmerge_F_obs                ? 
_reflns_shell.Rmerge_I_all                ? 
_reflns_shell.Rmerge_I_obs                0.5394 
_reflns_shell.meanI_over_sigI_gt          ? 
_reflns_shell.meanI_over_uI_all           ? 
_reflns_shell.meanI_over_uI_gt            ? 
_reflns_shell.number_measured_gt          ? 
_reflns_shell.number_unique_gt            ? 
_reflns_shell.percent_possible_gt         ? 
_reflns_shell.Rmerge_F_gt                 ? 
_reflns_shell.Rmerge_I_gt                 ? 
_reflns_shell.pdbx_redundancy             10.7 
_reflns_shell.pdbx_Rsym_value             ? 
_reflns_shell.pdbx_chi_squared            ? 
_reflns_shell.pdbx_netI_over_sigmaI_all   ? 
_reflns_shell.pdbx_netI_over_sigmaI_obs   ? 
_reflns_shell.pdbx_Rrim_I_all             ? 
_reflns_shell.pdbx_Rpim_I_all             ? 
_reflns_shell.pdbx_rejects                ? 
_reflns_shell.pdbx_ordinal                1 
_reflns_shell.pdbx_diffrn_id              1 
_reflns_shell.pdbx_CC_half                0.912 
_reflns_shell.pdbx_R_split                ? 
# 
_refine.pdbx_refine_id                           'X-RAY DIFFRACTION' 
_refine.entry_id                                 5TZM 
_refine.pdbx_diffrn_id                           1 
_refine.pdbx_TLS_residual_ADP_flag               ? 
_refine.ls_number_reflns_obs                     33763 
_refine.ls_number_reflns_all                     ? 
_refine.pdbx_ls_sigma_I                          ? 
_refine.pdbx_ls_sigma_F                          1.34 
_refine.pdbx_data_cutoff_high_absF               ? 
_refine.pdbx_data_cutoff_low_absF                ? 
_refine.pdbx_data_cutoff_high_rms_absF           ? 
_refine.ls_d_res_low                             30.490 
_refine.ls_d_res_high                            1.177 
_refine.ls_percent_reflns_obs                    98.50 
_refine.ls_R_factor_obs                          0.1650 
_refine.ls_R_factor_all                          ? 
_refine.ls_R_factor_R_work                       0.1642 
_refine.ls_R_factor_R_free                       0.1852 
_refine.ls_R_factor_R_free_error                 ? 
_refine.ls_R_factor_R_free_error_details         ? 
_refine.ls_percent_reflns_R_free                 4.07 
_refine.ls_number_reflns_R_free                  2626 
_refine.ls_number_parameters                     ? 
_refine.ls_number_restraints                     ? 
_refine.occupancy_min                            ? 
_refine.occupancy_max                            ? 
_refine.correlation_coeff_Fo_to_Fc               ? 
_refine.correlation_coeff_Fo_to_Fc_free          ? 
_refine.B_iso_mean                               ? 
_refine.aniso_B[1][1]                            ? 
_refine.aniso_B[2][2]                            ? 
_refine.aniso_B[3][3]                            ? 
_refine.aniso_B[1][2]                            ? 
_refine.aniso_B[1][3]                            ? 
_refine.aniso_B[2][3]                            ? 
_refine.solvent_model_details                    'FLAT BULK SOLVENT MODEL' 
_refine.solvent_model_param_ksol                 ? 
_refine.solvent_model_param_bsol                 ? 
_refine.pdbx_solvent_vdw_probe_radii             1.11 
_refine.pdbx_solvent_ion_probe_radii             ? 
_refine.pdbx_solvent_shrinkage_radii             0.90 
_refine.pdbx_ls_cross_valid_method               'FREE R-VALUE' 
_refine.details                                  ? 
_refine.pdbx_starting_model                      2YZ8 
_refine.pdbx_method_to_determine_struct          'MOLECULAR REPLACEMENT' 
_refine.pdbx_isotropic_thermal_model             ? 
_refine.pdbx_stereochemistry_target_values       ML 
_refine.pdbx_stereochem_target_val_spec_case     ? 
_refine.pdbx_R_Free_selection_details            0.1851 
_refine.pdbx_overall_ESU_R                       ? 
_refine.pdbx_overall_ESU_R_Free                  ? 
_refine.overall_SU_ML                            0.12 
_refine.pdbx_overall_phase_error                 17.52 
_refine.overall_SU_B                             ? 
_refine.overall_SU_R_Cruickshank_DPI             ? 
_refine.pdbx_overall_SU_R_free_Cruickshank_DPI   ? 
_refine.pdbx_overall_SU_R_Blow_DPI               ? 
_refine.pdbx_overall_SU_R_free_Blow_DPI          ? 
# 
_refine_hist.pdbx_refine_id                   'X-RAY DIFFRACTION' 
_refine_hist.cycle_id                         LAST 
_refine_hist.pdbx_number_atoms_protein        662 
_refine_hist.pdbx_number_atoms_nucleic_acid   0 
_refine_hist.pdbx_number_atoms_ligand         0 
_refine_hist.number_atoms_solvent             97 
_refine_hist.number_atoms_total               759 
_refine_hist.d_res_high                       1.177 
_refine_hist.d_res_low                        30.490 
# 
loop_
_refine_ls_restr.type 
_refine_ls_restr.dev_ideal 
_refine_ls_restr.dev_ideal_target 
_refine_ls_restr.weight 
_refine_ls_restr.number 
_refine_ls_restr.pdbx_refine_id 
_refine_ls_restr.pdbx_restraint_function 
f_bond_d           0.033  ? ? 697 'X-RAY DIFFRACTION' ? 
f_angle_d          1.459  ? ? 961 'X-RAY DIFFRACTION' ? 
f_dihedral_angle_d 14.169 ? ? 241 'X-RAY DIFFRACTION' ? 
f_chiral_restr     0.089  ? ? 117 'X-RAY DIFFRACTION' ? 
f_plane_restr      0.011  ? ? 125 'X-RAY DIFFRACTION' ? 
# 
loop_
_refine_ls_shell.pdbx_refine_id 
_refine_ls_shell.pdbx_total_number_of_bins_used 
_refine_ls_shell.d_res_high 
_refine_ls_shell.d_res_low 
_refine_ls_shell.number_reflns_R_work 
_refine_ls_shell.R_factor_R_work 
_refine_ls_shell.percent_reflns_obs 
_refine_ls_shell.R_factor_R_free 
_refine_ls_shell.R_factor_R_free_error 
_refine_ls_shell.percent_reflns_R_free 
_refine_ls_shell.number_reflns_R_free 
_refine_ls_shell.number_reflns_all 
_refine_ls_shell.R_factor_all 
_refine_ls_shell.R_factor_obs 
_refine_ls_shell.number_reflns_obs 
'X-RAY DIFFRACTION' . 1.1774 1.1988  2677 0.2798 82.00  0.3153 . . 106 . . . . 
'X-RAY DIFFRACTION' . 1.1988 1.2219  3300 0.2494 99.00  0.2846 . . 137 . . . . 
'X-RAY DIFFRACTION' . 1.2219 1.2468  3309 0.2188 100.00 0.2189 . . 135 . . . . 
'X-RAY DIFFRACTION' . 1.2468 1.2739  3302 0.1921 100.00 0.2273 . . 144 . . . . 
'X-RAY DIFFRACTION' . 1.2739 1.3036  3292 0.1748 100.00 0.2284 . . 134 . . . . 
'X-RAY DIFFRACTION' . 1.3036 1.3362  3338 0.1614 100.00 0.1853 . . 136 . . . . 
'X-RAY DIFFRACTION' . 1.3362 1.3723  3272 0.1574 100.00 0.1517 . . 144 . . . . 
'X-RAY DIFFRACTION' . 1.3723 1.4127  3331 0.1474 100.00 0.1619 . . 144 . . . . 
'X-RAY DIFFRACTION' . 1.4127 1.4583  3279 0.1362 100.00 0.1364 . . 142 . . . . 
'X-RAY DIFFRACTION' . 1.4583 1.5104  3295 0.1325 100.00 0.1834 . . 150 . . . . 
'X-RAY DIFFRACTION' . 1.5104 1.5709  3321 0.1340 100.00 0.1516 . . 138 . . . . 
'X-RAY DIFFRACTION' . 1.5709 1.6424  3318 0.1284 100.00 0.1455 . . 146 . . . . 
'X-RAY DIFFRACTION' . 1.6424 1.7289  3280 0.1463 100.00 0.1634 . . 144 . . . . 
'X-RAY DIFFRACTION' . 1.7289 1.8373  3331 0.1528 100.00 0.1834 . . 144 . . . . 
'X-RAY DIFFRACTION' . 1.8373 1.9791  3320 0.1454 100.00 0.1982 . . 138 . . . . 
'X-RAY DIFFRACTION' . 1.9791 2.1782  3303 0.1499 100.00 0.1465 . . 136 . . . . 
'X-RAY DIFFRACTION' . 2.1782 2.4933  3292 0.1765 100.00 0.1916 . . 138 . . . . 
'X-RAY DIFFRACTION' . 2.4933 3.1407  3312 0.1849 100.00 0.2011 . . 140 . . . . 
'X-RAY DIFFRACTION' . 3.1407 30.5002 3032 0.1664 91.00  0.1919 . . 132 . . . . 
# 
_struct.entry_id                     5TZM 
_struct.title                        '59th Ig domain of human obscurin (OBSCN Ig59)' 
_struct.pdbx_model_details           ? 
_struct.pdbx_formula_weight          ? 
_struct.pdbx_formula_weight_method   ? 
_struct.pdbx_model_type_details      ? 
_struct.pdbx_CASP_flag               N 
# 
_struct_keywords.entry_id        5TZM 
_struct_keywords.text            'Ig-like fold, cytoskeleton, muscle, muscular dystrophy, TRANSFERASE, STRUCTURAL PROTEIN' 
_struct_keywords.pdbx_keywords   'STRUCTURAL PROTEIN' 
# 
loop_
_struct_asym.id 
_struct_asym.pdbx_blank_PDB_chainid_flag 
_struct_asym.pdbx_modified 
_struct_asym.entity_id 
_struct_asym.details 
A N N 1 ? 
B N N 2 ? 
# 
_struct_ref.id                         1 
_struct_ref.db_name                    UNP 
_struct_ref.db_code                    OBSCN_HUMAN 
_struct_ref.pdbx_db_accession          Q5VST9 
_struct_ref.pdbx_db_isoform            Q5VST9-6 
_struct_ref.entity_id                  1 
_struct_ref.pdbx_seq_one_letter_code   
;RLEILEPLKNAAVRAGAQACFTCTLSEAVPVGEASWYINGAAVQPDDSDWTVTADGSHHALLLRSAQPHHAGEVTFACRD
AVASARLTVLG
;
_struct_ref.pdbx_align_begin           4946 
# 
_struct_ref_seq.align_id                      1 
_struct_ref_seq.ref_id                        1 
_struct_ref_seq.pdbx_PDB_id_code              5TZM 
_struct_ref_seq.pdbx_strand_id                A 
_struct_ref_seq.seq_align_beg                 1 
_struct_ref_seq.pdbx_seq_align_beg_ins_code   ? 
_struct_ref_seq.seq_align_end                 91 
_struct_ref_seq.pdbx_seq_align_end_ins_code   ? 
_struct_ref_seq.pdbx_db_accession             Q5VST9 
_struct_ref_seq.db_align_beg                  4946 
_struct_ref_seq.pdbx_db_align_beg_ins_code    ? 
_struct_ref_seq.db_align_end                  5036 
_struct_ref_seq.pdbx_db_align_end_ins_code    ? 
_struct_ref_seq.pdbx_auth_seq_align_beg       3 
_struct_ref_seq.pdbx_auth_seq_align_end       93 
# 
loop_
_struct_ref_seq_dif.align_id 
_struct_ref_seq_dif.pdbx_pdb_id_code 
_struct_ref_seq_dif.mon_id 
_struct_ref_seq_dif.pdbx_pdb_strand_id 
_struct_ref_seq_dif.seq_num 
_struct_ref_seq_dif.pdbx_pdb_ins_code 
_struct_ref_seq_dif.pdbx_seq_db_name 
_struct_ref_seq_dif.pdbx_seq_db_accession_code 
_struct_ref_seq_dif.db_mon_id 
_struct_ref_seq_dif.pdbx_seq_db_seq_num 
_struct_ref_seq_dif.details 
_struct_ref_seq_dif.pdbx_auth_seq_num 
_struct_ref_seq_dif.pdbx_ordinal 
1 5TZM LEU A 7   ? UNP Q5VST9 PRO 4952 'engineered mutation' 9   1  
1 5TZM GLY A 92  ? UNP Q5VST9 ?   ?    'expression tag'      94  2  
1 5TZM LEU A 93  ? UNP Q5VST9 ?   ?    'expression tag'      95  3  
1 5TZM GLU A 94  ? UNP Q5VST9 ?   ?    'expression tag'      96  4  
1 5TZM HIS A 95  ? UNP Q5VST9 ?   ?    'expression tag'      97  5  
1 5TZM HIS A 96  ? UNP Q5VST9 ?   ?    'expression tag'      98  6  
1 5TZM HIS A 97  ? UNP Q5VST9 ?   ?    'expression tag'      99  7  
1 5TZM HIS A 98  ? UNP Q5VST9 ?   ?    'expression tag'      100 8  
1 5TZM HIS A 99  ? UNP Q5VST9 ?   ?    'expression tag'      101 9  
1 5TZM HIS A 100 ? UNP Q5VST9 ?   ?    'expression tag'      102 10 
# 
_pdbx_struct_assembly.id                   1 
_pdbx_struct_assembly.details              author_defined_assembly 
_pdbx_struct_assembly.method_details       ? 
_pdbx_struct_assembly.oligomeric_details   monomeric 
_pdbx_struct_assembly.oligomeric_count     1 
# 
_pdbx_struct_assembly_gen.assembly_id       1 
_pdbx_struct_assembly_gen.oper_expression   1 
_pdbx_struct_assembly_gen.asym_id_list      A,B 
# 
_pdbx_struct_oper_list.id                   1 
_pdbx_struct_oper_list.type                 'identity operation' 
_pdbx_struct_oper_list.name                 1_555 
_pdbx_struct_oper_list.symmetry_operation   x,y,z 
_pdbx_struct_oper_list.matrix[1][1]         1.0000000000 
_pdbx_struct_oper_list.matrix[1][2]         0.0000000000 
_pdbx_struct_oper_list.matrix[1][3]         0.0000000000 
_pdbx_struct_oper_list.vector[1]            0.0000000000 
_pdbx_struct_oper_list.matrix[2][1]         0.0000000000 
_pdbx_struct_oper_list.matrix[2][2]         1.0000000000 
_pdbx_struct_oper_list.matrix[2][3]         0.0000000000 
_pdbx_struct_oper_list.vector[2]            0.0000000000 
_pdbx_struct_oper_list.matrix[3][1]         0.0000000000 
_pdbx_struct_oper_list.matrix[3][2]         0.0000000000 
_pdbx_struct_oper_list.matrix[3][3]         1.0000000000 
_pdbx_struct_oper_list.vector[3]            0.0000000000 
# 
loop_
_struct_conf.conf_type_id 
_struct_conf.id 
_struct_conf.pdbx_PDB_helix_id 
_struct_conf.beg_label_comp_id 
_struct_conf.beg_label_asym_id 
_struct_conf.beg_label_seq_id 
_struct_conf.pdbx_beg_PDB_ins_code 
_struct_conf.end_label_comp_id 
_struct_conf.end_label_asym_id 
_struct_conf.end_label_seq_id 
_struct_conf.pdbx_end_PDB_ins_code 
_struct_conf.beg_auth_comp_id 
_struct_conf.beg_auth_asym_id 
_struct_conf.beg_auth_seq_id 
_struct_conf.end_auth_comp_id 
_struct_conf.end_auth_asym_id 
_struct_conf.end_auth_seq_id 
_struct_conf.pdbx_PDB_helix_class 
_struct_conf.details 
_struct_conf.pdbx_PDB_helix_length 
HELX_P HELX_P1 AA1 PRO A 30 ? GLY A 32 ? PRO A 32 GLY A 34 5 ? 3 
HELX_P HELX_P2 AA2 GLN A 67 ? ALA A 71 ? GLN A 69 ALA A 73 5 ? 5 
# 
_struct_conf_type.id          HELX_P 
_struct_conf_type.criteria    ? 
_struct_conf_type.reference   ? 
# 
_struct_conn.id                            disulf1 
_struct_conn.conn_type_id                  disulf 
_struct_conn.pdbx_leaving_atom_flag        ? 
_struct_conn.pdbx_PDB_id                   ? 
_struct_conn.ptnr1_label_asym_id           A 
_struct_conn.ptnr1_label_comp_id           CYS 
_struct_conn.ptnr1_label_seq_id            20 
_struct_conn.ptnr1_label_atom_id           SG 
_struct_conn.pdbx_ptnr1_label_alt_id       C 
_struct_conn.pdbx_ptnr1_PDB_ins_code       ? 
_struct_conn.pdbx_ptnr1_standard_comp_id   ? 
_struct_conn.ptnr1_symmetry                1_555 
_struct_conn.ptnr2_label_asym_id           A 
_struct_conn.ptnr2_label_comp_id           CYS 
_struct_conn.ptnr2_label_seq_id            20 
_struct_conn.ptnr2_label_atom_id           SG 
_struct_conn.pdbx_ptnr2_label_alt_id       C 
_struct_conn.pdbx_ptnr2_PDB_ins_code       ? 
_struct_conn.ptnr1_auth_asym_id            A 
_struct_conn.ptnr1_auth_comp_id            CYS 
_struct_conn.ptnr1_auth_seq_id             22 
_struct_conn.ptnr2_auth_asym_id            A 
_struct_conn.ptnr2_auth_comp_id            CYS 
_struct_conn.ptnr2_auth_seq_id             22 
_struct_conn.ptnr2_symmetry                6_554 
_struct_conn.pdbx_ptnr3_label_atom_id      ? 
_struct_conn.pdbx_ptnr3_label_seq_id       ? 
_struct_conn.pdbx_ptnr3_label_comp_id      ? 
_struct_conn.pdbx_ptnr3_label_asym_id      ? 
_struct_conn.pdbx_ptnr3_label_alt_id       ? 
_struct_conn.pdbx_ptnr3_PDB_ins_code       ? 
_struct_conn.details                       ? 
_struct_conn.pdbx_dist_value               2.807 
_struct_conn.pdbx_value_order              ? 
_struct_conn.pdbx_role                     ? 
# 
_struct_conn_type.id          disulf 
_struct_conn_type.criteria    ? 
_struct_conn_type.reference   ? 
# 
_pdbx_modification_feature.ordinal                            1 
_pdbx_modification_feature.label_comp_id                      CYS 
_pdbx_modification_feature.label_asym_id                      A 
_pdbx_modification_feature.label_seq_id                       20 
_pdbx_modification_feature.label_alt_id                       C 
_pdbx_modification_feature.modified_residue_label_comp_id     CYS 
_pdbx_modification_feature.modified_residue_label_asym_id     A 
_pdbx_modification_feature.modified_residue_label_seq_id      20 
_pdbx_modification_feature.modified_residue_label_alt_id      C 
_pdbx_modification_feature.auth_comp_id                       CYS 
_pdbx_modification_feature.auth_asym_id                       A 
_pdbx_modification_feature.auth_seq_id                        22 
_pdbx_modification_feature.PDB_ins_code                       ? 
_pdbx_modification_feature.symmetry                           1_555 
_pdbx_modification_feature.modified_residue_auth_comp_id      CYS 
_pdbx_modification_feature.modified_residue_auth_asym_id      A 
_pdbx_modification_feature.modified_residue_auth_seq_id       22 
_pdbx_modification_feature.modified_residue_PDB_ins_code      ? 
_pdbx_modification_feature.modified_residue_symmetry          6_554 
_pdbx_modification_feature.comp_id_linking_atom               SG 
_pdbx_modification_feature.modified_residue_id_linking_atom   SG 
_pdbx_modification_feature.modified_residue_id                . 
_pdbx_modification_feature.ref_pcm_id                         . 
_pdbx_modification_feature.ref_comp_id                        . 
_pdbx_modification_feature.type                               None 
_pdbx_modification_feature.category                           'Disulfide bridge' 
# 
loop_
_struct_sheet.id 
_struct_sheet.type 
_struct_sheet.number_strands 
_struct_sheet.details 
AA1 ? 4 ? 
AA2 ? 5 ? 
# 
loop_
_struct_sheet_order.sheet_id 
_struct_sheet_order.range_id_1 
_struct_sheet_order.range_id_2 
_struct_sheet_order.offset 
_struct_sheet_order.sense 
AA1 1 2 ? anti-parallel 
AA1 2 3 ? anti-parallel 
AA1 3 4 ? anti-parallel 
AA2 1 2 ? parallel      
AA2 2 3 ? anti-parallel 
AA2 3 4 ? anti-parallel 
AA2 4 5 ? anti-parallel 
# 
loop_
_struct_sheet_range.sheet_id 
_struct_sheet_range.id 
_struct_sheet_range.beg_label_comp_id 
_struct_sheet_range.beg_label_asym_id 
_struct_sheet_range.beg_label_seq_id 
_struct_sheet_range.pdbx_beg_PDB_ins_code 
_struct_sheet_range.end_label_comp_id 
_struct_sheet_range.end_label_asym_id 
_struct_sheet_range.end_label_seq_id 
_struct_sheet_range.pdbx_end_PDB_ins_code 
_struct_sheet_range.beg_auth_comp_id 
_struct_sheet_range.beg_auth_asym_id 
_struct_sheet_range.beg_auth_seq_id 
_struct_sheet_range.end_auth_comp_id 
_struct_sheet_range.end_auth_asym_id 
_struct_sheet_range.end_auth_seq_id 
AA1 1 ILE A 4  ? GLU A 6  ? ILE A 6  GLU A 8  
AA1 2 ALA A 19 ? LEU A 25 ? ALA A 21 LEU A 27 
AA1 3 HIS A 58 ? LEU A 63 ? HIS A 60 LEU A 65 
AA1 4 TRP A 50 ? ASP A 55 ? TRP A 52 ASP A 57 
AA2 1 ALA A 11 ? ARG A 14 ? ALA A 13 ARG A 16 
AA2 2 ALA A 81 ? LEU A 90 ? ALA A 83 LEU A 92 
AA2 3 GLY A 72 ? CYS A 78 ? GLY A 74 CYS A 80 
AA2 4 ALA A 34 ? ILE A 38 ? ALA A 36 ILE A 40 
AA2 5 ALA A 41 ? ALA A 42 ? ALA A 43 ALA A 44 
# 
loop_
_pdbx_struct_sheet_hbond.sheet_id 
_pdbx_struct_sheet_hbond.range_id_1 
_pdbx_struct_sheet_hbond.range_id_2 
_pdbx_struct_sheet_hbond.range_1_label_atom_id 
_pdbx_struct_sheet_hbond.range_1_label_comp_id 
_pdbx_struct_sheet_hbond.range_1_label_asym_id 
_pdbx_struct_sheet_hbond.range_1_label_seq_id 
_pdbx_struct_sheet_hbond.range_1_PDB_ins_code 
_pdbx_struct_sheet_hbond.range_1_auth_atom_id 
_pdbx_struct_sheet_hbond.range_1_auth_comp_id 
_pdbx_struct_sheet_hbond.range_1_auth_asym_id 
_pdbx_struct_sheet_hbond.range_1_auth_seq_id 
_pdbx_struct_sheet_hbond.range_2_label_atom_id 
_pdbx_struct_sheet_hbond.range_2_label_comp_id 
_pdbx_struct_sheet_hbond.range_2_label_asym_id 
_pdbx_struct_sheet_hbond.range_2_label_seq_id 
_pdbx_struct_sheet_hbond.range_2_PDB_ins_code 
_pdbx_struct_sheet_hbond.range_2_auth_atom_id 
_pdbx_struct_sheet_hbond.range_2_auth_comp_id 
_pdbx_struct_sheet_hbond.range_2_auth_asym_id 
_pdbx_struct_sheet_hbond.range_2_auth_seq_id 
AA1 1 2 N LEU A 5  ? N LEU A 7  O THR A 24 ? O THR A 26 
AA1 2 3 N ALA A 19 ? N ALA A 21 O LEU A 63 ? O LEU A 65 
AA1 3 4 O LEU A 62 ? O LEU A 64 N THR A 51 ? N THR A 53 
AA2 1 2 N VAL A 13 ? N VAL A 15 O LEU A 90 ? O LEU A 92 
AA2 2 3 O LEU A 87 ? O LEU A 89 N GLY A 72 ? N GLY A 74 
AA2 3 4 O ALA A 77 ? O ALA A 79 N SER A 35 ? N SER A 37 
AA2 4 5 N ILE A 38 ? N ILE A 40 O ALA A 41 ? O ALA A 43 
# 
_pdbx_entry_details.entry_id                   5TZM 
_pdbx_entry_details.compound_details           ? 
_pdbx_entry_details.source_details             ? 
_pdbx_entry_details.nonpolymer_details         ? 
_pdbx_entry_details.sequence_details           ? 
_pdbx_entry_details.has_ligand_of_interest     ? 
_pdbx_entry_details.has_protein_modification   Y 
# 
_pdbx_validate_close_contact.id               1 
_pdbx_validate_close_contact.PDB_model_num    1 
_pdbx_validate_close_contact.auth_atom_id_1   O 
_pdbx_validate_close_contact.auth_asym_id_1   A 
_pdbx_validate_close_contact.auth_comp_id_1   HOH 
_pdbx_validate_close_contact.auth_seq_id_1    271 
_pdbx_validate_close_contact.PDB_ins_code_1   ? 
_pdbx_validate_close_contact.label_alt_id_1   ? 
_pdbx_validate_close_contact.auth_atom_id_2   O 
_pdbx_validate_close_contact.auth_asym_id_2   A 
_pdbx_validate_close_contact.auth_comp_id_2   HOH 
_pdbx_validate_close_contact.auth_seq_id_2    297 
_pdbx_validate_close_contact.PDB_ins_code_2   ? 
_pdbx_validate_close_contact.label_alt_id_2   ? 
_pdbx_validate_close_contact.dist             2.12 
# 
_pdbx_validate_symm_contact.id                1 
_pdbx_validate_symm_contact.PDB_model_num     1 
_pdbx_validate_symm_contact.auth_atom_id_1    O 
_pdbx_validate_symm_contact.auth_asym_id_1    A 
_pdbx_validate_symm_contact.auth_comp_id_1    HOH 
_pdbx_validate_symm_contact.auth_seq_id_1     274 
_pdbx_validate_symm_contact.PDB_ins_code_1    ? 
_pdbx_validate_symm_contact.label_alt_id_1    ? 
_pdbx_validate_symm_contact.site_symmetry_1   1_555 
_pdbx_validate_symm_contact.auth_atom_id_2    O 
_pdbx_validate_symm_contact.auth_asym_id_2    A 
_pdbx_validate_symm_contact.auth_comp_id_2    HOH 
_pdbx_validate_symm_contact.auth_seq_id_2     274 
_pdbx_validate_symm_contact.PDB_ins_code_2    ? 
_pdbx_validate_symm_contact.label_alt_id_2    ? 
_pdbx_validate_symm_contact.site_symmetry_2   6_554 
_pdbx_validate_symm_contact.dist              1.78 
# 
loop_
_pdbx_validate_rmsd_bond.id 
_pdbx_validate_rmsd_bond.PDB_model_num 
_pdbx_validate_rmsd_bond.auth_atom_id_1 
_pdbx_validate_rmsd_bond.auth_asym_id_1 
_pdbx_validate_rmsd_bond.auth_comp_id_1 
_pdbx_validate_rmsd_bond.auth_seq_id_1 
_pdbx_validate_rmsd_bond.PDB_ins_code_1 
_pdbx_validate_rmsd_bond.label_alt_id_1 
_pdbx_validate_rmsd_bond.auth_atom_id_2 
_pdbx_validate_rmsd_bond.auth_asym_id_2 
_pdbx_validate_rmsd_bond.auth_comp_id_2 
_pdbx_validate_rmsd_bond.auth_seq_id_2 
_pdbx_validate_rmsd_bond.PDB_ins_code_2 
_pdbx_validate_rmsd_bond.label_alt_id_2 
_pdbx_validate_rmsd_bond.bond_value 
_pdbx_validate_rmsd_bond.bond_target_value 
_pdbx_validate_rmsd_bond.bond_deviation 
_pdbx_validate_rmsd_bond.bond_standard_deviation 
_pdbx_validate_rmsd_bond.linker_flag 
1 1 CA A CYS 22 ? B C A CYS 22 ? ? 1.694 1.525 0.169 0.026 N 
2 1 CA A CYS 22 ? C C A CYS 22 ? ? 1.687 1.525 0.162 0.026 N 
# 
_pdbx_validate_rmsd_angle.id                         1 
_pdbx_validate_rmsd_angle.PDB_model_num              1 
_pdbx_validate_rmsd_angle.auth_atom_id_1             CA 
_pdbx_validate_rmsd_angle.auth_asym_id_1             A 
_pdbx_validate_rmsd_angle.auth_comp_id_1             CYS 
_pdbx_validate_rmsd_angle.auth_seq_id_1              25 
_pdbx_validate_rmsd_angle.PDB_ins_code_1             ? 
_pdbx_validate_rmsd_angle.label_alt_id_1             A 
_pdbx_validate_rmsd_angle.auth_atom_id_2             CB 
_pdbx_validate_rmsd_angle.auth_asym_id_2             A 
_pdbx_validate_rmsd_angle.auth_comp_id_2             CYS 
_pdbx_validate_rmsd_angle.auth_seq_id_2              25 
_pdbx_validate_rmsd_angle.PDB_ins_code_2             ? 
_pdbx_validate_rmsd_angle.label_alt_id_2             A 
_pdbx_validate_rmsd_angle.auth_atom_id_3             SG 
_pdbx_validate_rmsd_angle.auth_asym_id_3             A 
_pdbx_validate_rmsd_angle.auth_comp_id_3             CYS 
_pdbx_validate_rmsd_angle.auth_seq_id_3              25 
_pdbx_validate_rmsd_angle.PDB_ins_code_3             ? 
_pdbx_validate_rmsd_angle.label_alt_id_3             A 
_pdbx_validate_rmsd_angle.angle_value                128.36 
_pdbx_validate_rmsd_angle.angle_target_value         114.20 
_pdbx_validate_rmsd_angle.angle_deviation            14.16 
_pdbx_validate_rmsd_angle.angle_standard_deviation   1.10 
_pdbx_validate_rmsd_angle.linker_flag                N 
# 
_pdbx_validate_torsion.id              1 
_pdbx_validate_torsion.PDB_model_num   1 
_pdbx_validate_torsion.auth_comp_id    ARG 
_pdbx_validate_torsion.auth_asym_id    A 
_pdbx_validate_torsion.auth_seq_id     81 
_pdbx_validate_torsion.PDB_ins_code    ? 
_pdbx_validate_torsion.label_alt_id    ? 
_pdbx_validate_torsion.phi             52.87 
_pdbx_validate_torsion.psi             -120.14 
# 
loop_
_pdbx_struct_special_symmetry.id 
_pdbx_struct_special_symmetry.PDB_model_num 
_pdbx_struct_special_symmetry.auth_asym_id 
_pdbx_struct_special_symmetry.auth_comp_id 
_pdbx_struct_special_symmetry.auth_seq_id 
_pdbx_struct_special_symmetry.PDB_ins_code 
_pdbx_struct_special_symmetry.label_asym_id 
_pdbx_struct_special_symmetry.label_comp_id 
_pdbx_struct_special_symmetry.label_seq_id 
1 1 A HOH 248 ? B HOH . 
2 1 A HOH 266 ? B HOH . 
3 1 A HOH 289 ? B HOH . 
4 1 A HOH 295 ? B HOH . 
# 
loop_
_pdbx_unobs_or_zero_occ_residues.id 
_pdbx_unobs_or_zero_occ_residues.PDB_model_num 
_pdbx_unobs_or_zero_occ_residues.polymer_flag 
_pdbx_unobs_or_zero_occ_residues.occupancy_flag 
_pdbx_unobs_or_zero_occ_residues.auth_asym_id 
_pdbx_unobs_or_zero_occ_residues.auth_comp_id 
_pdbx_unobs_or_zero_occ_residues.auth_seq_id 
_pdbx_unobs_or_zero_occ_residues.PDB_ins_code 
_pdbx_unobs_or_zero_occ_residues.label_asym_id 
_pdbx_unobs_or_zero_occ_residues.label_comp_id 
_pdbx_unobs_or_zero_occ_residues.label_seq_id 
1  1 Y 1 A GLY 93  ? A GLY 91  
2  1 Y 1 A GLY 94  ? A GLY 92  
3  1 Y 1 A LEU 95  ? A LEU 93  
4  1 Y 1 A GLU 96  ? A GLU 94  
5  1 Y 1 A HIS 97  ? A HIS 95  
6  1 Y 1 A HIS 98  ? A HIS 96  
7  1 Y 1 A HIS 99  ? A HIS 97  
8  1 Y 1 A HIS 100 ? A HIS 98  
9  1 Y 1 A HIS 101 ? A HIS 99  
10 1 Y 1 A HIS 102 ? A HIS 100 
# 
loop_
_chem_comp_atom.comp_id 
_chem_comp_atom.atom_id 
_chem_comp_atom.type_symbol 
_chem_comp_atom.pdbx_aromatic_flag 
_chem_comp_atom.pdbx_stereo_config 
_chem_comp_atom.pdbx_ordinal 
ALA N    N N N 1   
ALA CA   C N S 2   
ALA C    C N N 3   
ALA O    O N N 4   
ALA CB   C N N 5   
ALA OXT  O N N 6   
ALA H    H N N 7   
ALA H2   H N N 8   
ALA HA   H N N 9   
ALA HB1  H N N 10  
ALA HB2  H N N 11  
ALA HB3  H N N 12  
ALA HXT  H N N 13  
ARG N    N N N 14  
ARG CA   C N S 15  
ARG C    C N N 16  
ARG O    O N N 17  
ARG CB   C N N 18  
ARG CG   C N N 19  
ARG CD   C N N 20  
ARG NE   N N N 21  
ARG CZ   C N N 22  
ARG NH1  N N N 23  
ARG NH2  N N N 24  
ARG OXT  O N N 25  
ARG H    H N N 26  
ARG H2   H N N 27  
ARG HA   H N N 28  
ARG HB2  H N N 29  
ARG HB3  H N N 30  
ARG HG2  H N N 31  
ARG HG3  H N N 32  
ARG HD2  H N N 33  
ARG HD3  H N N 34  
ARG HE   H N N 35  
ARG HH11 H N N 36  
ARG HH12 H N N 37  
ARG HH21 H N N 38  
ARG HH22 H N N 39  
ARG HXT  H N N 40  
ASN N    N N N 41  
ASN CA   C N S 42  
ASN C    C N N 43  
ASN O    O N N 44  
ASN CB   C N N 45  
ASN CG   C N N 46  
ASN OD1  O N N 47  
ASN ND2  N N N 48  
ASN OXT  O N N 49  
ASN H    H N N 50  
ASN H2   H N N 51  
ASN HA   H N N 52  
ASN HB2  H N N 53  
ASN HB3  H N N 54  
ASN HD21 H N N 55  
ASN HD22 H N N 56  
ASN HXT  H N N 57  
ASP N    N N N 58  
ASP CA   C N S 59  
ASP C    C N N 60  
ASP O    O N N 61  
ASP CB   C N N 62  
ASP CG   C N N 63  
ASP OD1  O N N 64  
ASP OD2  O N N 65  
ASP OXT  O N N 66  
ASP H    H N N 67  
ASP H2   H N N 68  
ASP HA   H N N 69  
ASP HB2  H N N 70  
ASP HB3  H N N 71  
ASP HD2  H N N 72  
ASP HXT  H N N 73  
CYS N    N N N 74  
CYS CA   C N R 75  
CYS C    C N N 76  
CYS O    O N N 77  
CYS CB   C N N 78  
CYS SG   S N N 79  
CYS OXT  O N N 80  
CYS H    H N N 81  
CYS H2   H N N 82  
CYS HA   H N N 83  
CYS HB2  H N N 84  
CYS HB3  H N N 85  
CYS HG   H N N 86  
CYS HXT  H N N 87  
GLN N    N N N 88  
GLN CA   C N S 89  
GLN C    C N N 90  
GLN O    O N N 91  
GLN CB   C N N 92  
GLN CG   C N N 93  
GLN CD   C N N 94  
GLN OE1  O N N 95  
GLN NE2  N N N 96  
GLN OXT  O N N 97  
GLN H    H N N 98  
GLN H2   H N N 99  
GLN HA   H N N 100 
GLN HB2  H N N 101 
GLN HB3  H N N 102 
GLN HG2  H N N 103 
GLN HG3  H N N 104 
GLN HE21 H N N 105 
GLN HE22 H N N 106 
GLN HXT  H N N 107 
GLU N    N N N 108 
GLU CA   C N S 109 
GLU C    C N N 110 
GLU O    O N N 111 
GLU CB   C N N 112 
GLU CG   C N N 113 
GLU CD   C N N 114 
GLU OE1  O N N 115 
GLU OE2  O N N 116 
GLU OXT  O N N 117 
GLU H    H N N 118 
GLU H2   H N N 119 
GLU HA   H N N 120 
GLU HB2  H N N 121 
GLU HB3  H N N 122 
GLU HG2  H N N 123 
GLU HG3  H N N 124 
GLU HE2  H N N 125 
GLU HXT  H N N 126 
GLY N    N N N 127 
GLY CA   C N N 128 
GLY C    C N N 129 
GLY O    O N N 130 
GLY OXT  O N N 131 
GLY H    H N N 132 
GLY H2   H N N 133 
GLY HA2  H N N 134 
GLY HA3  H N N 135 
GLY HXT  H N N 136 
HIS N    N N N 137 
HIS CA   C N S 138 
HIS C    C N N 139 
HIS O    O N N 140 
HIS CB   C N N 141 
HIS CG   C Y N 142 
HIS ND1  N Y N 143 
HIS CD2  C Y N 144 
HIS CE1  C Y N 145 
HIS NE2  N Y N 146 
HIS OXT  O N N 147 
HIS H    H N N 148 
HIS H2   H N N 149 
HIS HA   H N N 150 
HIS HB2  H N N 151 
HIS HB3  H N N 152 
HIS HD1  H N N 153 
HIS HD2  H N N 154 
HIS HE1  H N N 155 
HIS HE2  H N N 156 
HIS HXT  H N N 157 
HOH O    O N N 158 
HOH H1   H N N 159 
HOH H2   H N N 160 
ILE N    N N N 161 
ILE CA   C N S 162 
ILE C    C N N 163 
ILE O    O N N 164 
ILE CB   C N S 165 
ILE CG1  C N N 166 
ILE CG2  C N N 167 
ILE CD1  C N N 168 
ILE OXT  O N N 169 
ILE H    H N N 170 
ILE H2   H N N 171 
ILE HA   H N N 172 
ILE HB   H N N 173 
ILE HG12 H N N 174 
ILE HG13 H N N 175 
ILE HG21 H N N 176 
ILE HG22 H N N 177 
ILE HG23 H N N 178 
ILE HD11 H N N 179 
ILE HD12 H N N 180 
ILE HD13 H N N 181 
ILE HXT  H N N 182 
LEU N    N N N 183 
LEU CA   C N S 184 
LEU C    C N N 185 
LEU O    O N N 186 
LEU CB   C N N 187 
LEU CG   C N N 188 
LEU CD1  C N N 189 
LEU CD2  C N N 190 
LEU OXT  O N N 191 
LEU H    H N N 192 
LEU H2   H N N 193 
LEU HA   H N N 194 
LEU HB2  H N N 195 
LEU HB3  H N N 196 
LEU HG   H N N 197 
LEU HD11 H N N 198 
LEU HD12 H N N 199 
LEU HD13 H N N 200 
LEU HD21 H N N 201 
LEU HD22 H N N 202 
LEU HD23 H N N 203 
LEU HXT  H N N 204 
LYS N    N N N 205 
LYS CA   C N S 206 
LYS C    C N N 207 
LYS O    O N N 208 
LYS CB   C N N 209 
LYS CG   C N N 210 
LYS CD   C N N 211 
LYS CE   C N N 212 
LYS NZ   N N N 213 
LYS OXT  O N N 214 
LYS H    H N N 215 
LYS H2   H N N 216 
LYS HA   H N N 217 
LYS HB2  H N N 218 
LYS HB3  H N N 219 
LYS HG2  H N N 220 
LYS HG3  H N N 221 
LYS HD2  H N N 222 
LYS HD3  H N N 223 
LYS HE2  H N N 224 
LYS HE3  H N N 225 
LYS HZ1  H N N 226 
LYS HZ2  H N N 227 
LYS HZ3  H N N 228 
LYS HXT  H N N 229 
PHE N    N N N 230 
PHE CA   C N S 231 
PHE C    C N N 232 
PHE O    O N N 233 
PHE CB   C N N 234 
PHE CG   C Y N 235 
PHE CD1  C Y N 236 
PHE CD2  C Y N 237 
PHE CE1  C Y N 238 
PHE CE2  C Y N 239 
PHE CZ   C Y N 240 
PHE OXT  O N N 241 
PHE H    H N N 242 
PHE H2   H N N 243 
PHE HA   H N N 244 
PHE HB2  H N N 245 
PHE HB3  H N N 246 
PHE HD1  H N N 247 
PHE HD2  H N N 248 
PHE HE1  H N N 249 
PHE HE2  H N N 250 
PHE HZ   H N N 251 
PHE HXT  H N N 252 
PRO N    N N N 253 
PRO CA   C N S 254 
PRO C    C N N 255 
PRO O    O N N 256 
PRO CB   C N N 257 
PRO CG   C N N 258 
PRO CD   C N N 259 
PRO OXT  O N N 260 
PRO H    H N N 261 
PRO HA   H N N 262 
PRO HB2  H N N 263 
PRO HB3  H N N 264 
PRO HG2  H N N 265 
PRO HG3  H N N 266 
PRO HD2  H N N 267 
PRO HD3  H N N 268 
PRO HXT  H N N 269 
SER N    N N N 270 
SER CA   C N S 271 
SER C    C N N 272 
SER O    O N N 273 
SER CB   C N N 274 
SER OG   O N N 275 
SER OXT  O N N 276 
SER H    H N N 277 
SER H2   H N N 278 
SER HA   H N N 279 
SER HB2  H N N 280 
SER HB3  H N N 281 
SER HG   H N N 282 
SER HXT  H N N 283 
THR N    N N N 284 
THR CA   C N S 285 
THR C    C N N 286 
THR O    O N N 287 
THR CB   C N R 288 
THR OG1  O N N 289 
THR CG2  C N N 290 
THR OXT  O N N 291 
THR H    H N N 292 
THR H2   H N N 293 
THR HA   H N N 294 
THR HB   H N N 295 
THR HG1  H N N 296 
THR HG21 H N N 297 
THR HG22 H N N 298 
THR HG23 H N N 299 
THR HXT  H N N 300 
TRP N    N N N 301 
TRP CA   C N S 302 
TRP C    C N N 303 
TRP O    O N N 304 
TRP CB   C N N 305 
TRP CG   C Y N 306 
TRP CD1  C Y N 307 
TRP CD2  C Y N 308 
TRP NE1  N Y N 309 
TRP CE2  C Y N 310 
TRP CE3  C Y N 311 
TRP CZ2  C Y N 312 
TRP CZ3  C Y N 313 
TRP CH2  C Y N 314 
TRP OXT  O N N 315 
TRP H    H N N 316 
TRP H2   H N N 317 
TRP HA   H N N 318 
TRP HB2  H N N 319 
TRP HB3  H N N 320 
TRP HD1  H N N 321 
TRP HE1  H N N 322 
TRP HE3  H N N 323 
TRP HZ2  H N N 324 
TRP HZ3  H N N 325 
TRP HH2  H N N 326 
TRP HXT  H N N 327 
TYR N    N N N 328 
TYR CA   C N S 329 
TYR C    C N N 330 
TYR O    O N N 331 
TYR CB   C N N 332 
TYR CG   C Y N 333 
TYR CD1  C Y N 334 
TYR CD2  C Y N 335 
TYR CE1  C Y N 336 
TYR CE2  C Y N 337 
TYR CZ   C Y N 338 
TYR OH   O N N 339 
TYR OXT  O N N 340 
TYR H    H N N 341 
TYR H2   H N N 342 
TYR HA   H N N 343 
TYR HB2  H N N 344 
TYR HB3  H N N 345 
TYR HD1  H N N 346 
TYR HD2  H N N 347 
TYR HE1  H N N 348 
TYR HE2  H N N 349 
TYR HH   H N N 350 
TYR HXT  H N N 351 
VAL N    N N N 352 
VAL CA   C N S 353 
VAL C    C N N 354 
VAL O    O N N 355 
VAL CB   C N N 356 
VAL CG1  C N N 357 
VAL CG2  C N N 358 
VAL OXT  O N N 359 
VAL H    H N N 360 
VAL H2   H N N 361 
VAL HA   H N N 362 
VAL HB   H N N 363 
VAL HG11 H N N 364 
VAL HG12 H N N 365 
VAL HG13 H N N 366 
VAL HG21 H N N 367 
VAL HG22 H N N 368 
VAL HG23 H N N 369 
VAL HXT  H N N 370 
# 
loop_
_chem_comp_bond.comp_id 
_chem_comp_bond.atom_id_1 
_chem_comp_bond.atom_id_2 
_chem_comp_bond.value_order 
_chem_comp_bond.pdbx_aromatic_flag 
_chem_comp_bond.pdbx_stereo_config 
_chem_comp_bond.pdbx_ordinal 
ALA N   CA   sing N N 1   
ALA N   H    sing N N 2   
ALA N   H2   sing N N 3   
ALA CA  C    sing N N 4   
ALA CA  CB   sing N N 5   
ALA CA  HA   sing N N 6   
ALA C   O    doub N N 7   
ALA C   OXT  sing N N 8   
ALA CB  HB1  sing N N 9   
ALA CB  HB2  sing N N 10  
ALA CB  HB3  sing N N 11  
ALA OXT HXT  sing N N 12  
ARG N   CA   sing N N 13  
ARG N   H    sing N N 14  
ARG N   H2   sing N N 15  
ARG CA  C    sing N N 16  
ARG CA  CB   sing N N 17  
ARG CA  HA   sing N N 18  
ARG C   O    doub N N 19  
ARG C   OXT  sing N N 20  
ARG CB  CG   sing N N 21  
ARG CB  HB2  sing N N 22  
ARG CB  HB3  sing N N 23  
ARG CG  CD   sing N N 24  
ARG CG  HG2  sing N N 25  
ARG CG  HG3  sing N N 26  
ARG CD  NE   sing N N 27  
ARG CD  HD2  sing N N 28  
ARG CD  HD3  sing N N 29  
ARG NE  CZ   sing N N 30  
ARG NE  HE   sing N N 31  
ARG CZ  NH1  sing N N 32  
ARG CZ  NH2  doub N N 33  
ARG NH1 HH11 sing N N 34  
ARG NH1 HH12 sing N N 35  
ARG NH2 HH21 sing N N 36  
ARG NH2 HH22 sing N N 37  
ARG OXT HXT  sing N N 38  
ASN N   CA   sing N N 39  
ASN N   H    sing N N 40  
ASN N   H2   sing N N 41  
ASN CA  C    sing N N 42  
ASN CA  CB   sing N N 43  
ASN CA  HA   sing N N 44  
ASN C   O    doub N N 45  
ASN C   OXT  sing N N 46  
ASN CB  CG   sing N N 47  
ASN CB  HB2  sing N N 48  
ASN CB  HB3  sing N N 49  
ASN CG  OD1  doub N N 50  
ASN CG  ND2  sing N N 51  
ASN ND2 HD21 sing N N 52  
ASN ND2 HD22 sing N N 53  
ASN OXT HXT  sing N N 54  
ASP N   CA   sing N N 55  
ASP N   H    sing N N 56  
ASP N   H2   sing N N 57  
ASP CA  C    sing N N 58  
ASP CA  CB   sing N N 59  
ASP CA  HA   sing N N 60  
ASP C   O    doub N N 61  
ASP C   OXT  sing N N 62  
ASP CB  CG   sing N N 63  
ASP CB  HB2  sing N N 64  
ASP CB  HB3  sing N N 65  
ASP CG  OD1  doub N N 66  
ASP CG  OD2  sing N N 67  
ASP OD2 HD2  sing N N 68  
ASP OXT HXT  sing N N 69  
CYS N   CA   sing N N 70  
CYS N   H    sing N N 71  
CYS N   H2   sing N N 72  
CYS CA  C    sing N N 73  
CYS CA  CB   sing N N 74  
CYS CA  HA   sing N N 75  
CYS C   O    doub N N 76  
CYS C   OXT  sing N N 77  
CYS CB  SG   sing N N 78  
CYS CB  HB2  sing N N 79  
CYS CB  HB3  sing N N 80  
CYS SG  HG   sing N N 81  
CYS OXT HXT  sing N N 82  
GLN N   CA   sing N N 83  
GLN N   H    sing N N 84  
GLN N   H2   sing N N 85  
GLN CA  C    sing N N 86  
GLN CA  CB   sing N N 87  
GLN CA  HA   sing N N 88  
GLN C   O    doub N N 89  
GLN C   OXT  sing N N 90  
GLN CB  CG   sing N N 91  
GLN CB  HB2  sing N N 92  
GLN CB  HB3  sing N N 93  
GLN CG  CD   sing N N 94  
GLN CG  HG2  sing N N 95  
GLN CG  HG3  sing N N 96  
GLN CD  OE1  doub N N 97  
GLN CD  NE2  sing N N 98  
GLN NE2 HE21 sing N N 99  
GLN NE2 HE22 sing N N 100 
GLN OXT HXT  sing N N 101 
GLU N   CA   sing N N 102 
GLU N   H    sing N N 103 
GLU N   H2   sing N N 104 
GLU CA  C    sing N N 105 
GLU CA  CB   sing N N 106 
GLU CA  HA   sing N N 107 
GLU C   O    doub N N 108 
GLU C   OXT  sing N N 109 
GLU CB  CG   sing N N 110 
GLU CB  HB2  sing N N 111 
GLU CB  HB3  sing N N 112 
GLU CG  CD   sing N N 113 
GLU CG  HG2  sing N N 114 
GLU CG  HG3  sing N N 115 
GLU CD  OE1  doub N N 116 
GLU CD  OE2  sing N N 117 
GLU OE2 HE2  sing N N 118 
GLU OXT HXT  sing N N 119 
GLY N   CA   sing N N 120 
GLY N   H    sing N N 121 
GLY N   H2   sing N N 122 
GLY CA  C    sing N N 123 
GLY CA  HA2  sing N N 124 
GLY CA  HA3  sing N N 125 
GLY C   O    doub N N 126 
GLY C   OXT  sing N N 127 
GLY OXT HXT  sing N N 128 
HIS N   CA   sing N N 129 
HIS N   H    sing N N 130 
HIS N   H2   sing N N 131 
HIS CA  C    sing N N 132 
HIS CA  CB   sing N N 133 
HIS CA  HA   sing N N 134 
HIS C   O    doub N N 135 
HIS C   OXT  sing N N 136 
HIS CB  CG   sing N N 137 
HIS CB  HB2  sing N N 138 
HIS CB  HB3  sing N N 139 
HIS CG  ND1  sing Y N 140 
HIS CG  CD2  doub Y N 141 
HIS ND1 CE1  doub Y N 142 
HIS ND1 HD1  sing N N 143 
HIS CD2 NE2  sing Y N 144 
HIS CD2 HD2  sing N N 145 
HIS CE1 NE2  sing Y N 146 
HIS CE1 HE1  sing N N 147 
HIS NE2 HE2  sing N N 148 
HIS OXT HXT  sing N N 149 
HOH O   H1   sing N N 150 
HOH O   H2   sing N N 151 
ILE N   CA   sing N N 152 
ILE N   H    sing N N 153 
ILE N   H2   sing N N 154 
ILE CA  C    sing N N 155 
ILE CA  CB   sing N N 156 
ILE CA  HA   sing N N 157 
ILE C   O    doub N N 158 
ILE C   OXT  sing N N 159 
ILE CB  CG1  sing N N 160 
ILE CB  CG2  sing N N 161 
ILE CB  HB   sing N N 162 
ILE CG1 CD1  sing N N 163 
ILE CG1 HG12 sing N N 164 
ILE CG1 HG13 sing N N 165 
ILE CG2 HG21 sing N N 166 
ILE CG2 HG22 sing N N 167 
ILE CG2 HG23 sing N N 168 
ILE CD1 HD11 sing N N 169 
ILE CD1 HD12 sing N N 170 
ILE CD1 HD13 sing N N 171 
ILE OXT HXT  sing N N 172 
LEU N   CA   sing N N 173 
LEU N   H    sing N N 174 
LEU N   H2   sing N N 175 
LEU CA  C    sing N N 176 
LEU CA  CB   sing N N 177 
LEU CA  HA   sing N N 178 
LEU C   O    doub N N 179 
LEU C   OXT  sing N N 180 
LEU CB  CG   sing N N 181 
LEU CB  HB2  sing N N 182 
LEU CB  HB3  sing N N 183 
LEU CG  CD1  sing N N 184 
LEU CG  CD2  sing N N 185 
LEU CG  HG   sing N N 186 
LEU CD1 HD11 sing N N 187 
LEU CD1 HD12 sing N N 188 
LEU CD1 HD13 sing N N 189 
LEU CD2 HD21 sing N N 190 
LEU CD2 HD22 sing N N 191 
LEU CD2 HD23 sing N N 192 
LEU OXT HXT  sing N N 193 
LYS N   CA   sing N N 194 
LYS N   H    sing N N 195 
LYS N   H2   sing N N 196 
LYS CA  C    sing N N 197 
LYS CA  CB   sing N N 198 
LYS CA  HA   sing N N 199 
LYS C   O    doub N N 200 
LYS C   OXT  sing N N 201 
LYS CB  CG   sing N N 202 
LYS CB  HB2  sing N N 203 
LYS CB  HB3  sing N N 204 
LYS CG  CD   sing N N 205 
LYS CG  HG2  sing N N 206 
LYS CG  HG3  sing N N 207 
LYS CD  CE   sing N N 208 
LYS CD  HD2  sing N N 209 
LYS CD  HD3  sing N N 210 
LYS CE  NZ   sing N N 211 
LYS CE  HE2  sing N N 212 
LYS CE  HE3  sing N N 213 
LYS NZ  HZ1  sing N N 214 
LYS NZ  HZ2  sing N N 215 
LYS NZ  HZ3  sing N N 216 
LYS OXT HXT  sing N N 217 
PHE N   CA   sing N N 218 
PHE N   H    sing N N 219 
PHE N   H2   sing N N 220 
PHE CA  C    sing N N 221 
PHE CA  CB   sing N N 222 
PHE CA  HA   sing N N 223 
PHE C   O    doub N N 224 
PHE C   OXT  sing N N 225 
PHE CB  CG   sing N N 226 
PHE CB  HB2  sing N N 227 
PHE CB  HB3  sing N N 228 
PHE CG  CD1  doub Y N 229 
PHE CG  CD2  sing Y N 230 
PHE CD1 CE1  sing Y N 231 
PHE CD1 HD1  sing N N 232 
PHE CD2 CE2  doub Y N 233 
PHE CD2 HD2  sing N N 234 
PHE CE1 CZ   doub Y N 235 
PHE CE1 HE1  sing N N 236 
PHE CE2 CZ   sing Y N 237 
PHE CE2 HE2  sing N N 238 
PHE CZ  HZ   sing N N 239 
PHE OXT HXT  sing N N 240 
PRO N   CA   sing N N 241 
PRO N   CD   sing N N 242 
PRO N   H    sing N N 243 
PRO CA  C    sing N N 244 
PRO CA  CB   sing N N 245 
PRO CA  HA   sing N N 246 
PRO C   O    doub N N 247 
PRO C   OXT  sing N N 248 
PRO CB  CG   sing N N 249 
PRO CB  HB2  sing N N 250 
PRO CB  HB3  sing N N 251 
PRO CG  CD   sing N N 252 
PRO CG  HG2  sing N N 253 
PRO CG  HG3  sing N N 254 
PRO CD  HD2  sing N N 255 
PRO CD  HD3  sing N N 256 
PRO OXT HXT  sing N N 257 
SER N   CA   sing N N 258 
SER N   H    sing N N 259 
SER N   H2   sing N N 260 
SER CA  C    sing N N 261 
SER CA  CB   sing N N 262 
SER CA  HA   sing N N 263 
SER C   O    doub N N 264 
SER C   OXT  sing N N 265 
SER CB  OG   sing N N 266 
SER CB  HB2  sing N N 267 
SER CB  HB3  sing N N 268 
SER OG  HG   sing N N 269 
SER OXT HXT  sing N N 270 
THR N   CA   sing N N 271 
THR N   H    sing N N 272 
THR N   H2   sing N N 273 
THR CA  C    sing N N 274 
THR CA  CB   sing N N 275 
THR CA  HA   sing N N 276 
THR C   O    doub N N 277 
THR C   OXT  sing N N 278 
THR CB  OG1  sing N N 279 
THR CB  CG2  sing N N 280 
THR CB  HB   sing N N 281 
THR OG1 HG1  sing N N 282 
THR CG2 HG21 sing N N 283 
THR CG2 HG22 sing N N 284 
THR CG2 HG23 sing N N 285 
THR OXT HXT  sing N N 286 
TRP N   CA   sing N N 287 
TRP N   H    sing N N 288 
TRP N   H2   sing N N 289 
TRP CA  C    sing N N 290 
TRP CA  CB   sing N N 291 
TRP CA  HA   sing N N 292 
TRP C   O    doub N N 293 
TRP C   OXT  sing N N 294 
TRP CB  CG   sing N N 295 
TRP CB  HB2  sing N N 296 
TRP CB  HB3  sing N N 297 
TRP CG  CD1  doub Y N 298 
TRP CG  CD2  sing Y N 299 
TRP CD1 NE1  sing Y N 300 
TRP CD1 HD1  sing N N 301 
TRP CD2 CE2  doub Y N 302 
TRP CD2 CE3  sing Y N 303 
TRP NE1 CE2  sing Y N 304 
TRP NE1 HE1  sing N N 305 
TRP CE2 CZ2  sing Y N 306 
TRP CE3 CZ3  doub Y N 307 
TRP CE3 HE3  sing N N 308 
TRP CZ2 CH2  doub Y N 309 
TRP CZ2 HZ2  sing N N 310 
TRP CZ3 CH2  sing Y N 311 
TRP CZ3 HZ3  sing N N 312 
TRP CH2 HH2  sing N N 313 
TRP OXT HXT  sing N N 314 
TYR N   CA   sing N N 315 
TYR N   H    sing N N 316 
TYR N   H2   sing N N 317 
TYR CA  C    sing N N 318 
TYR CA  CB   sing N N 319 
TYR CA  HA   sing N N 320 
TYR C   O    doub N N 321 
TYR C   OXT  sing N N 322 
TYR CB  CG   sing N N 323 
TYR CB  HB2  sing N N 324 
TYR CB  HB3  sing N N 325 
TYR CG  CD1  doub Y N 326 
TYR CG  CD2  sing Y N 327 
TYR CD1 CE1  sing Y N 328 
TYR CD1 HD1  sing N N 329 
TYR CD2 CE2  doub Y N 330 
TYR CD2 HD2  sing N N 331 
TYR CE1 CZ   doub Y N 332 
TYR CE1 HE1  sing N N 333 
TYR CE2 CZ   sing Y N 334 
TYR CE2 HE2  sing N N 335 
TYR CZ  OH   sing N N 336 
TYR OH  HH   sing N N 337 
TYR OXT HXT  sing N N 338 
VAL N   CA   sing N N 339 
VAL N   H    sing N N 340 
VAL N   H2   sing N N 341 
VAL CA  C    sing N N 342 
VAL CA  CB   sing N N 343 
VAL CA  HA   sing N N 344 
VAL C   O    doub N N 345 
VAL C   OXT  sing N N 346 
VAL CB  CG1  sing N N 347 
VAL CB  CG2  sing N N 348 
VAL CB  HB   sing N N 349 
VAL CG1 HG11 sing N N 350 
VAL CG1 HG12 sing N N 351 
VAL CG1 HG13 sing N N 352 
VAL CG2 HG21 sing N N 353 
VAL CG2 HG22 sing N N 354 
VAL CG2 HG23 sing N N 355 
VAL OXT HXT  sing N N 356 
# 
loop_
_pdbx_audit_support.funding_organization 
_pdbx_audit_support.country 
_pdbx_audit_support.grant_number 
_pdbx_audit_support.ordinal 
'Research Corporation'                             'United States' 22450       1 
'National Science Foundation (NSF, United States)' 'United States' CHE-1062629 2 
# 
_pdbx_initial_refinement_model.id               1 
_pdbx_initial_refinement_model.entity_id_list   ? 
_pdbx_initial_refinement_model.type             'experimental model' 
_pdbx_initial_refinement_model.source_name      PDB 
_pdbx_initial_refinement_model.accession_code   2YZ8 
_pdbx_initial_refinement_model.details          ? 
# 
_atom_sites.entry_id                    5TZM 
_atom_sites.fract_transf_matrix[1][1]   0.01772125 
_atom_sites.fract_transf_matrix[1][2]   0.00347803 
_atom_sites.fract_transf_matrix[1][3]   0.00569482 
_atom_sites.fract_transf_matrix[2][1]   0.01413751 
_atom_sites.fract_transf_matrix[2][2]   0.00014061 
_atom_sites.fract_transf_matrix[2][3]   -0.01259695 
_atom_sites.fract_transf_matrix[3][1]   -0.00302075 
_atom_sites.fract_transf_matrix[3][2]   0.02056644 
_atom_sites.fract_transf_matrix[3][3]   -0.00316061 
_atom_sites.fract_transf_vector[1]      0.153108 
_atom_sites.fract_transf_vector[2]      -0.452923 
_atom_sites.fract_transf_vector[3]      -0.252663 
# 
loop_
_atom_type.symbol 
C 
N 
O 
S 
# 
loop_
_atom_site.group_PDB 
_atom_site.id 
_atom_site.type_symbol 
_atom_site.label_atom_id 
_atom_site.label_alt_id 
_atom_site.label_comp_id 
_atom_site.label_asym_id 
_atom_site.label_entity_id 
_atom_site.label_seq_id 
_atom_site.pdbx_PDB_ins_code 
_atom_site.Cartn_x 
_atom_site.Cartn_y 
_atom_site.Cartn_z 
_atom_site.occupancy 
_atom_site.B_iso_or_equiv 
_atom_site.pdbx_formal_charge 
_atom_site.auth_seq_id 
_atom_site.auth_comp_id 
_atom_site.auth_asym_id 
_atom_site.auth_atom_id 
_atom_site.pdbx_PDB_model_num 
ATOM   1   N N   . ARG A 1 1  ? 9.287   -9.204  18.307  1.00 38.87 ? 3   ARG A N   1 
ATOM   2   C CA  . ARG A 1 1  ? 9.513   -8.217  17.255  1.00 38.44 ? 3   ARG A CA  1 
ATOM   3   C C   . ARG A 1 1  ? 8.395   -8.248  16.210  1.00 35.19 ? 3   ARG A C   1 
ATOM   4   O O   . ARG A 1 1  ? 7.812   -9.298  15.926  1.00 36.14 ? 3   ARG A O   1 
ATOM   5   C CB  . ARG A 1 1  ? 10.868  -8.446  16.579  1.00 38.83 ? 3   ARG A CB  1 
ATOM   6   N N   . LEU A 1 2  ? 8.086   -7.084  15.661  1.00 32.86 ? 4   LEU A N   1 
ATOM   7   C CA  . LEU A 1 2  ? 7.109   -7.004  14.580  1.00 28.69 ? 4   LEU A CA  1 
ATOM   8   C C   . LEU A 1 2  ? 7.738   -7.447  13.265  1.00 30.39 ? 4   LEU A C   1 
ATOM   9   O O   . LEU A 1 2  ? 8.738   -6.874  12.825  1.00 34.27 ? 4   LEU A O   1 
ATOM   10  C CB  . LEU A 1 2  ? 6.564   -5.586  14.435  1.00 27.71 ? 4   LEU A CB  1 
ATOM   11  C CG  . LEU A 1 2  ? 5.478   -5.439  13.365  1.00 26.51 ? 4   LEU A CG  1 
ATOM   12  C CD1 . LEU A 1 2  ? 4.210   -6.176  13.760  1.00 22.32 ? 4   LEU A CD1 1 
ATOM   13  C CD2 . LEU A 1 2  ? 5.188   -3.982  13.036  1.00 29.36 ? 4   LEU A CD2 1 
ATOM   14  N N   . GLU A 1 3  ? 7.146   -8.460  12.637  1.00 24.56 ? 5   GLU A N   1 
ATOM   15  C CA  . GLU A 1 3  ? 7.646   -8.962  11.365  1.00 23.52 ? 5   GLU A CA  1 
ATOM   16  C C   . GLU A 1 3  ? 6.586   -8.821  10.300  1.00 20.04 ? 5   GLU A C   1 
ATOM   17  O O   . GLU A 1 3  ? 5.389   -8.812  10.583  1.00 20.15 ? 5   GLU A O   1 
ATOM   18  C CB  . GLU A 1 3  ? 8.065   -10.431 11.482  1.00 28.47 ? 5   GLU A CB  1 
ATOM   19  C CG  . GLU A 1 3  ? 9.083   -10.707 12.584  1.00 36.31 ? 5   GLU A CG  1 
ATOM   20  C CD  . GLU A 1 3  ? 10.510  -10.375 12.181  1.00 45.09 ? 5   GLU A CD  1 
ATOM   21  O OE1 . GLU A 1 3  ? 10.809  -10.387 10.968  1.00 48.48 ? 5   GLU A OE1 1 
ATOM   22  O OE2 . GLU A 1 3  ? 11.338  -10.113 13.082  1.00 47.96 ? 5   GLU A OE2 1 
ATOM   23  N N   . ILE A 1 4  ? 7.045   -8.727  9.070   1.00 18.48 ? 6   ILE A N   1 
ATOM   24  C CA  . ILE A 1 4  ? 6.161   -8.799  7.925   1.00 16.91 ? 6   ILE A CA  1 
ATOM   25  C C   . ILE A 1 4  ? 6.145   -10.257 7.480   1.00 18.90 ? 6   ILE A C   1 
ATOM   26  O O   . ILE A 1 4  ? 7.191   -10.854 7.191   1.00 23.40 ? 6   ILE A O   1 
ATOM   27  C CB  . ILE A 1 4  ? 6.611   -7.911  6.819   1.00 18.16 ? 6   ILE A CB  1 
ATOM   28  C CG1 . ILE A 1 4  ? 6.593   -6.460  7.298   1.00 18.58 ? 6   ILE A CG1 1 
ATOM   29  C CG2 . ILE A 1 4  ? 5.676   -8.087  5.636   1.00 18.84 ? 6   ILE A CG2 1 
ATOM   30  C CD1 . ILE A 1 4  ? 7.196   -5.473  6.308   1.00 22.64 ? 6   ILE A CD1 1 
ATOM   31  N N   . LEU A 1 5  ? 4.983   -10.880 7.529   1.00 16.69 ? 7   LEU A N   1 
ATOM   32  C CA  . LEU A 1 5  ? 4.858   -12.260 7.100   1.00 18.44 ? 7   LEU A CA  1 
ATOM   33  C C   . LEU A 1 5  ? 4.694   -12.349 5.591   1.00 18.24 ? 7   LEU A C   1 
ATOM   34  O O   . LEU A 1 5  ? 5.204   -13.299 4.966   1.00 21.20 ? 7   LEU A O   1 
ATOM   35  C CB  . LEU A 1 5  ? 3.676   -12.929 7.795   1.00 20.87 ? 7   LEU A CB  1 
ATOM   36  C CG  . LEU A 1 5  ? 3.700   -12.880 9.319   1.00 24.39 ? 7   LEU A CG  1 
ATOM   37  C CD1 . LEU A 1 5  ? 2.499   -13.624 9.902   1.00 25.90 ? 7   LEU A CD1 1 
ATOM   38  C CD2 . LEU A 1 5  ? 5.005   -13.463 9.836   1.00 28.03 ? 7   LEU A CD2 1 
ATOM   39  N N   . GLU A 1 6  ? 3.970   -11.399 5.008   1.00 15.52 ? 8   GLU A N   1 
ATOM   40  C CA  . GLU A 1 6  ? 3.724   -11.406 3.580   1.00 16.03 ? 8   GLU A CA  1 
ATOM   41  C C   . GLU A 1 6  ? 4.016   -10.008 3.091   1.00 13.46 ? 8   GLU A C   1 
ATOM   42  O O   . GLU A 1 6  ? 3.406   -9.042  3.533   1.00 13.85 ? 8   GLU A O   1 
ATOM   43  C CB  . GLU A 1 6  ? 2.292   -11.826 3.251   1.00 19.08 ? 8   GLU A CB  1 
ATOM   44  C CG  . GLU A 1 6  ? 1.931   -13.237 3.699   1.00 23.83 ? 8   GLU A CG  1 
ATOM   45  C CD  . GLU A 1 6  ? 0.529   -13.635 3.277   1.00 29.47 ? 8   GLU A CD  1 
ATOM   46  O OE1 . GLU A 1 6  ? -0.436  -13.042 3.787   1.00 32.35 ? 8   GLU A OE1 1 
ATOM   47  O OE2 . GLU A 1 6  ? 0.391   -14.561 2.447   1.00 36.32 ? 8   GLU A OE2 1 
ATOM   48  N N   . LEU A 1 7  ? 4.975   -9.912  2.180   1.00 13.35 ? 9   LEU A N   1 
ATOM   49  C CA  . LEU A 1 7  ? 5.498   -8.653  1.684   1.00 11.92 ? 9   LEU A CA  1 
ATOM   50  C C   . LEU A 1 7  ? 4.648   -8.079  0.554   1.00 12.71 ? 9   LEU A C   1 
ATOM   51  O O   . LEU A 1 7  ? 3.759   -8.743  0.037   1.00 13.52 ? 9   LEU A O   1 
ATOM   52  C CB  . LEU A 1 7  ? 6.954   -8.877  1.237   1.00 13.59 ? 9   LEU A CB  1 
ATOM   53  C CG  . LEU A 1 7  ? 7.912   -8.991  2.418   1.00 13.54 ? 9   LEU A CG  1 
ATOM   54  C CD1 . LEU A 1 7  ? 9.212   -9.696  1.993   1.00 15.77 ? 9   LEU A CD1 1 
ATOM   55  C CD2 . LEU A 1 7  ? 8.208   -7.611  3.000   1.00 13.99 ? 9   LEU A CD2 1 
ATOM   56  N N   . LEU A 1 8  ? 4.872   -6.825  0.212   1.00 12.71 ? 10  LEU A N   1 
ATOM   57  C CA  . LEU A 1 8  ? 4.184   -6.236  -0.927  1.00 11.98 ? 10  LEU A CA  1 
ATOM   58  C C   . LEU A 1 8  ? 4.630   -6.912  -2.214  1.00 12.35 ? 10  LEU A C   1 
ATOM   59  O O   . LEU A 1 8  ? 5.801   -7.306  -2.330  1.00 15.22 ? 10  LEU A O   1 
ATOM   60  C CB  . LEU A 1 8  ? 4.496   -4.744  -1.051  1.00 12.08 ? 10  LEU A CB  1 
ATOM   61  C CG  . LEU A 1 8  ? 4.249   -3.892  0.183   1.00 13.39 ? 10  LEU A CG  1 
ATOM   62  C CD1 . LEU A 1 8  ? 4.637   -2.463  -0.102  1.00 15.63 ? 10  LEU A CD1 1 
ATOM   63  C CD2 . LEU A 1 8  ? 2.812   -3.966  0.671   1.00 14.93 ? 10  LEU A CD2 1 
ATOM   64  N N   . LYS A 1 9  ? 3.763   -6.981  -3.211  1.00 12.31 ? 11  LYS A N   1 
ATOM   65  C CA  . LYS A 1 9  ? 4.141   -7.478  -4.518  1.00 13.03 ? 11  LYS A CA  1 
ATOM   66  C C   . LYS A 1 9  ? 4.047   -6.397  -5.574  1.00 13.56 ? 11  LYS A C   1 
ATOM   67  O O   . LYS A 1 9  ? 3.176   -5.516  -5.522  1.00 14.65 ? 11  LYS A O   1 
ATOM   68  C CB  . LYS A 1 9  ? 3.251   -8.660  -4.894  1.00 14.84 ? 11  LYS A CB  1 
ATOM   69  C CG  . LYS A 1 9  ? 3.440   -9.845  -3.923  1.00 16.16 ? 11  LYS A CG  1 
ATOM   70  C CD  . LYS A 1 9  ? 2.534   -11.043 -4.192  1.00 17.76 ? 11  LYS A CD  1 
ATOM   71  C CE  . LYS A 1 9  ? 2.857   -11.629 -5.524  1.00 18.84 ? 11  LYS A CE  1 
ATOM   72  N NZ  . LYS A 1 9  ? 2.342   -13.058 -5.628  1.00 19.68 ? 11  LYS A NZ  1 
ATOM   73  N N   . ASN A 1 10 ? 4.970   -6.429  -6.527  1.00 14.86 ? 12  ASN A N   1 
ATOM   74  C CA  . ASN A 1 10 ? 4.917   -5.559  -7.690  1.00 17.06 ? 12  ASN A CA  1 
ATOM   75  C C   . ASN A 1 10 ? 3.624   -5.791  -8.424  1.00 17.80 ? 12  ASN A C   1 
ATOM   76  O O   . ASN A 1 10 ? 3.151   -6.927  -8.516  1.00 20.43 ? 12  ASN A O   1 
ATOM   77  C CB  . ASN A 1 10 ? 6.102   -5.822  -8.627  1.00 18.58 ? 12  ASN A CB  1 
ATOM   78  C CG  . ASN A 1 10 ? 7.419   -5.489  -8.001  1.00 18.48 ? 12  ASN A CG  1 
ATOM   79  O OD1 . ASN A 1 10 ? 7.539   -4.496  -7.317  1.00 16.35 ? 12  ASN A OD1 1 
ATOM   80  N ND2 . ASN A 1 10 ? 8.441   -6.319  -8.243  1.00 22.62 ? 12  ASN A ND2 1 
ATOM   81  N N   . ALA A 1 11 ? 3.049   -4.729  -8.966  1.00 16.98 ? 13  ALA A N   1 
ATOM   82  C CA  . ALA A 1 11 ? 1.803   -4.817  -9.733  1.00 17.12 ? 13  ALA A CA  1 
ATOM   83  C C   . ALA A 1 11 ? 1.873   -4.019  -11.017 1.00 16.79 ? 13  ALA A C   1 
ATOM   84  O O   . ALA A 1 11 ? 2.446   -2.913  -11.069 1.00 16.45 ? 13  ALA A O   1 
ATOM   85  C CB  . ALA A 1 11 ? 0.654   -4.334  -8.915  1.00 18.76 ? 13  ALA A CB  1 
ATOM   86  N N   . ALA A 1 12 ? 1.262   -4.571  -12.060 1.00 17.48 ? 14  ALA A N   1 
ATOM   87  C CA  . ALA A 1 12 ? 1.167   -3.925  -13.366 1.00 16.06 ? 14  ALA A CA  1 
ATOM   88  C C   . ALA A 1 12 ? -0.280  -3.944  -13.767 1.00 17.27 ? 14  ALA A C   1 
ATOM   89  O O   . ALA A 1 12 ? -0.862  -5.022  -13.908 1.00 19.63 ? 14  ALA A O   1 
ATOM   90  C CB  . ALA A 1 12 ? 2.023   -4.650  -14.403 1.00 19.24 ? 14  ALA A CB  1 
ATOM   91  N N   . VAL A 1 13 ? -0.863  -2.770  -13.957 1.00 16.69 ? 15  VAL A N   1 
ATOM   92  C CA  . VAL A 1 13 ? -2.266  -2.698  -14.288 1.00 19.37 ? 15  VAL A CA  1 
ATOM   93  C C   . VAL A 1 13 ? -2.486  -1.736  -15.431 1.00 18.96 ? 15  VAL A C   1 
ATOM   94  O O   . VAL A 1 13 ? -1.723  -0.783  -15.618 1.00 20.38 ? 15  VAL A O   1 
ATOM   95  C CB  . VAL A 1 13 ? -3.114  -2.258  -13.088 1.00 25.27 ? 15  VAL A CB  1 
ATOM   96  C CG1 . VAL A 1 13 ? -2.979  -3.246  -11.918 1.00 26.08 ? 15  VAL A CG1 1 
ATOM   97  C CG2 . VAL A 1 13 ? -2.724  -0.840  -12.664 1.00 27.75 ? 15  VAL A CG2 1 
ATOM   98  N N   . ARG A 1 14 ? -3.540  -1.986  -16.192 1.00 20.66 ? 16  ARG A N   1 
ATOM   99  C CA  . ARG A 1 14 ? -3.954  -1.074  -17.241 1.00 19.93 ? 16  ARG A CA  1 
ATOM   100 C C   . ARG A 1 14 ? -4.554  0.189   -16.646 1.00 19.86 ? 16  ARG A C   1 
ATOM   101 O O   . ARG A 1 14 ? -5.122  0.163   -15.549 1.00 19.56 ? 16  ARG A O   1 
ATOM   102 C CB  . ARG A 1 14 ? -4.983  -1.737  -18.161 1.00 24.44 ? 16  ARG A CB  1 
ATOM   103 C CG  . ARG A 1 14 ? -4.471  -2.969  -18.887 1.00 29.47 ? 16  ARG A CG  1 
ATOM   104 C CD  . ARG A 1 14 ? -3.769  -2.603  -20.183 1.00 38.93 ? 16  ARG A CD  1 
ATOM   105 N NE  . ARG A 1 14 ? -2.942  -3.702  -20.674 1.00 45.35 ? 16  ARG A NE  1 
ATOM   106 C CZ  . ARG A 1 14 ? -2.015  -3.576  -21.618 1.00 49.09 ? 16  ARG A CZ  1 
ATOM   107 N NH1 . ARG A 1 14 ? -1.799  -2.397  -22.187 1.00 50.30 ? 16  ARG A NH1 1 
ATOM   108 N NH2 . ARG A 1 14 ? -1.309  -4.632  -22.000 1.00 50.30 ? 16  ARG A NH2 1 
ATOM   109 N N   . ALA A 1 15 ? -4.433  1.290   -17.368 1.00 20.69 ? 17  ALA A N   1 
ATOM   110 C CA  . ALA A 1 15 ? -5.093  2.513   -16.951 1.00 21.50 ? 17  ALA A CA  1 
ATOM   111 C C   . ALA A 1 15 ? -6.581  2.241   -16.729 1.00 20.38 ? 17  ALA A C   1 
ATOM   112 O O   . ALA A 1 15 ? -7.220  1.539   -17.514 1.00 21.29 ? 17  ALA A O   1 
ATOM   113 C CB  . ALA A 1 15 ? -4.894  3.605   -17.974 1.00 25.02 ? 17  ALA A CB  1 
ATOM   114 N N   . GLY A 1 16 ? -7.107  2.785   -15.636 1.00 20.17 ? 18  GLY A N   1 
ATOM   115 C CA  . GLY A 1 16 ? -8.517  2.678   -15.320 1.00 22.42 ? 18  GLY A CA  1 
ATOM   116 C C   . GLY A 1 16 ? -8.821  1.496   -14.425 1.00 22.58 ? 18  GLY A C   1 
ATOM   117 O O   . GLY A 1 16 ? -9.908  1.415   -13.845 1.00 24.30 ? 18  GLY A O   1 
ATOM   118 N N   . ALA A 1 17 ? -7.879  0.561   -14.315 1.00 20.84 ? 19  ALA A N   1 
ATOM   119 C CA  . ALA A 1 17 ? -8.134  -0.649  -13.538 1.00 20.86 ? 19  ALA A CA  1 
ATOM   120 C C   . ALA A 1 17 ? -7.745  -0.456  -12.081 1.00 16.72 ? 19  ALA A C   1 
ATOM   121 O O   . ALA A 1 17 ? -7.013  0.474   -11.741 1.00 17.94 ? 19  ALA A O   1 
ATOM   122 C CB  . ALA A 1 17 ? -7.382  -1.840  -14.137 1.00 22.87 ? 19  ALA A CB  1 
ATOM   123 N N   . GLN A 1 18 ? -8.185  -1.362  -11.224 1.00 16.64 ? 20  GLN A N   1 
ATOM   124 C CA  . GLN A 1 18 ? -7.820  -1.343  -9.838  1.00 18.46 ? 20  GLN A CA  1 
ATOM   125 C C   . GLN A 1 18 ? -6.449  -1.924  -9.571  1.00 16.66 ? 20  GLN A C   1 
ATOM   126 O O   . GLN A 1 18 ? -6.089  -2.914  -10.154 1.00 18.35 ? 20  GLN A O   1 
ATOM   127 C CB  . GLN A 1 18 ? -8.944  -2.014  -9.062  1.00 22.27 ? 20  GLN A CB  1 
ATOM   128 C CG  . GLN A 1 18 ? -8.787  -2.036  -7.568  1.00 28.88 ? 20  GLN A CG  1 
ATOM   129 C CD  . GLN A 1 18 ? -9.932  -2.711  -6.891  1.00 34.48 ? 20  GLN A CD  1 
ATOM   130 O OE1 . GLN A 1 18 ? -11.098 -2.299  -7.004  1.00 35.22 ? 20  GLN A OE1 1 
ATOM   131 N NE2 . GLN A 1 18 ? -9.650  -3.909  -6.421  1.00 38.47 ? 20  GLN A NE2 1 
ATOM   132 N N   . ALA A 1 19 ? -5.689  -1.267  -8.717  1.00 16.04 ? 21  ALA A N   1 
ATOM   133 C CA  . ALA A 1 19 ? -4.441  -1.818  -8.234  1.00 15.20 ? 21  ALA A CA  1 
ATOM   134 C C   . ALA A 1 19 ? -4.548  -1.953  -6.728  1.00 14.26 ? 21  ALA A C   1 
ATOM   135 O O   . ALA A 1 19 ? -5.241  -1.189  -6.054  1.00 16.90 ? 21  ALA A O   1 
ATOM   136 C CB  . ALA A 1 19 ? -3.265  -0.943  -8.629  1.00 18.88 ? 21  ALA A CB  1 
ATOM   137 N N   . CYS A 1 20 ? -3.925  -2.926  -6.240  1.00 15.05 ? 22  CYS A N   1 
ATOM   138 C CA  A CYS A 1 20 ? -3.811  -3.123  -4.749  0.41 15.14 ? 22  CYS A CA  1 
ATOM   139 C CA  B CYS A 1 20 ? -3.901  -3.098  -4.753  0.24 15.28 ? 22  CYS A CA  1 
ATOM   140 C CA  C CYS A 1 20 ? -3.883  -3.072  -4.753  0.35 15.28 ? 22  CYS A CA  1 
ATOM   141 C C   . CYS A 1 20 ? -2.388  -3.678  -4.261  1.00 14.95 ? 22  CYS A C   1 
ATOM   142 O O   . CYS A 1 20 ? -1.638  -4.373  -5.015  1.00 16.47 ? 22  CYS A O   1 
ATOM   143 C CB  A CYS A 1 20 ? -4.866  -4.143  -4.318  0.41 17.97 ? 22  CYS A CB  1 
ATOM   144 C CB  B CYS A 1 20 ? -4.901  -4.148  -4.297  0.24 18.86 ? 22  CYS A CB  1 
ATOM   145 C CB  C CYS A 1 20 ? -4.900  -4.085  -4.309  0.35 18.19 ? 22  CYS A CB  1 
ATOM   146 S SG  A CYS A 1 20 ? -5.071  -4.292  -2.524  0.41 25.52 ? 22  CYS A SG  1 
ATOM   147 S SG  B CYS A 1 20 ? -6.670  -3.924  -4.654  0.24 17.84 ? 22  CYS A SG  1 
ATOM   148 S SG  C CYS A 1 20 ? -4.487  -5.715  -4.929  0.35 23.38 ? 22  CYS A SG  1 
ATOM   149 N N   . PHE A 1 21 ? -2.004  -3.097  -3.149  1.00 12.71 ? 23  PHE A N   1 
ATOM   150 C CA  . PHE A 1 21 ? -0.785  -3.533  -2.469  1.00 12.68 ? 23  PHE A CA  1 
ATOM   151 C C   . PHE A 1 21 ? -1.181  -3.995  -1.085  1.00 13.09 ? 23  PHE A C   1 
ATOM   152 O O   . PHE A 1 21 ? -1.914  -3.285  -0.380  1.00 14.47 ? 23  PHE A O   1 
ATOM   153 C CB  . PHE A 1 21 ? 0.244   -2.398  -2.401  1.00 12.72 ? 23  PHE A CB  1 
ATOM   154 C CG  . PHE A 1 21 ? 0.747   -2.028  -3.756  1.00 12.60 ? 23  PHE A CG  1 
ATOM   155 C CD1 . PHE A 1 21 ? 1.827   -2.699  -4.308  1.00 12.98 ? 23  PHE A CD1 1 
ATOM   156 C CD2 . PHE A 1 21 ? 0.040   -1.137  -4.553  1.00 13.04 ? 23  PHE A CD2 1 
ATOM   157 C CE1 . PHE A 1 21 ? 2.251   -2.421  -5.604  1.00 14.35 ? 23  PHE A CE1 1 
ATOM   158 C CE2 . PHE A 1 21 ? 0.432   -0.877  -5.861  1.00 13.97 ? 23  PHE A CE2 1 
ATOM   159 C CZ  . PHE A 1 21 ? 1.546   -1.512  -6.382  1.00 14.66 ? 23  PHE A CZ  1 
ATOM   160 N N   . THR A 1 22 ? -0.721  -5.171  -0.687  1.00 12.40 ? 24  THR A N   1 
ATOM   161 C CA  . THR A 1 22 ? -1.100  -5.696  0.620   1.00 12.80 ? 24  THR A CA  1 
ATOM   162 C C   . THR A 1 22 ? 0.094   -6.288  1.315   1.00 12.83 ? 24  THR A C   1 
ATOM   163 O O   . THR A 1 22 ? 1.002   -6.851  0.675   1.00 14.73 ? 24  THR A O   1 
ATOM   164 C CB  . THR A 1 22 ? -2.178  -6.798  0.511   1.00 14.51 ? 24  THR A CB  1 
ATOM   165 O OG1 . THR A 1 22 ? -1.635  -7.933  -0.187  1.00 19.85 ? 24  THR A OG1 1 
ATOM   166 C CG2 . THR A 1 22 ? -3.419  -6.325  -0.243  1.00 18.54 ? 24  THR A CG2 1 
ATOM   167 N N   . CYS A 1 23 ? 0.082   -6.231  2.639   1.00 13.83 ? 25  CYS A N   1 
ATOM   168 C CA  A CYS A 1 23 ? 1.108   -6.882  3.430   0.23 14.00 ? 25  CYS A CA  1 
ATOM   169 C CA  B CYS A 1 23 ? 1.040   -7.030  3.400   0.77 15.13 ? 25  CYS A CA  1 
ATOM   170 C C   . CYS A 1 23 ? 0.386   -7.545  4.637   1.00 14.94 ? 25  CYS A C   1 
ATOM   171 O O   . CYS A 1 23 ? -0.734  -7.163  4.996   1.00 18.20 ? 25  CYS A O   1 
ATOM   172 C CB  A CYS A 1 23 ? 2.209   -5.821  3.733   0.23 15.21 ? 25  CYS A CB  1 
ATOM   173 C CB  B CYS A 1 23 ? 2.276   -6.232  3.763   0.77 17.49 ? 25  CYS A CB  1 
ATOM   174 S SG  A CYS A 1 23 ? 3.299   -5.704  5.194   0.23 12.08 ? 25  CYS A SG  1 
ATOM   175 S SG  B CYS A 1 23 ? 1.906   -4.823  4.760   0.77 17.51 ? 25  CYS A SG  1 
ATOM   176 N N   . THR A 1 24 ? 1.003   -8.536  5.211   1.00 13.73 ? 26  THR A N   1 
ATOM   177 C CA  . THR A 1 24 ? 0.474   -9.187  6.387   1.00 14.32 ? 26  THR A CA  1 
ATOM   178 C C   . THR A 1 24 ? 1.523   -9.119  7.460   1.00 13.66 ? 26  THR A C   1 
ATOM   179 O O   . THR A 1 24 ? 2.669   -9.521  7.226   1.00 14.75 ? 26  THR A O   1 
ATOM   180 C CB  . THR A 1 24 ? 0.123   -10.644 6.114   1.00 17.65 ? 26  THR A CB  1 
ATOM   181 O OG1 . THR A 1 24 ? -0.802  -10.706 5.019   1.00 20.07 ? 26  THR A OG1 1 
ATOM   182 C CG2 . THR A 1 24 ? -0.517  -11.300 7.346   1.00 19.57 ? 26  THR A CG2 1 
ATOM   183 N N   . LEU A 1 25 ? 1.144   -8.615  8.627   1.00 14.34 ? 27  LEU A N   1 
ATOM   184 C CA  . LEU A 1 25 ? 2.053   -8.480  9.764   1.00 15.01 ? 27  LEU A CA  1 
ATOM   185 C C   . LEU A 1 25 ? 1.949   -9.653  10.709  1.00 16.66 ? 27  LEU A C   1 
ATOM   186 O O   . LEU A 1 25 ? 1.011   -10.428 10.642  1.00 17.70 ? 27  LEU A O   1 
ATOM   187 C CB  . LEU A 1 25 ? 1.752   -7.196  10.525  1.00 15.14 ? 27  LEU A CB  1 
ATOM   188 C CG  . LEU A 1 25 ? 1.787   -5.930  9.679   1.00 16.95 ? 27  LEU A CG  1 
ATOM   189 C CD1 . LEU A 1 25 ? 1.510   -4.698  10.529  1.00 18.44 ? 27  LEU A CD1 1 
ATOM   190 C CD2 . LEU A 1 25 ? 3.131   -5.834  8.959   1.00 21.82 ? 27  LEU A CD2 1 
ATOM   191 N N   . SER A 1 26 ? 2.904   -9.754  11.636  1.00 17.67 ? 28  SER A N   1 
ATOM   192 C CA  . SER A 1 26 ? 2.935   -10.834 12.617  1.00 20.52 ? 28  SER A CA  1 
ATOM   193 C C   . SER A 1 26 ? 1.968   -10.623 13.767  1.00 21.23 ? 28  SER A C   1 
ATOM   194 O O   . SER A 1 26 ? 1.782   -11.519 14.575  1.00 23.83 ? 28  SER A O   1 
ATOM   195 C CB  . SER A 1 26 ? 4.353   -10.996 13.166  1.00 22.22 ? 28  SER A CB  1 
ATOM   196 O OG  . SER A 1 26 ? 4.870   -9.759  13.640  1.00 22.36 ? 28  SER A OG  1 
ATOM   197 N N   . GLU A 1 27 ? 1.376   -9.442  13.870  1.00 18.71 ? 29  GLU A N   1 
ATOM   198 C CA  . GLU A 1 27 ? 0.333   -9.213  14.858  1.00 20.58 ? 29  GLU A CA  1 
ATOM   199 C C   . GLU A 1 27 ? -0.630  -8.170  14.314  1.00 18.90 ? 29  GLU A C   1 
ATOM   200 O O   . GLU A 1 27 ? -0.369  -7.532  13.302  1.00 18.73 ? 29  GLU A O   1 
ATOM   201 C CB  . GLU A 1 27 ? 0.924   -8.763  16.195  1.00 24.46 ? 29  GLU A CB  1 
ATOM   202 C CG  . GLU A 1 27 ? 1.592   -7.420  16.108  1.00 24.38 ? 29  GLU A CG  1 
ATOM   203 C CD  . GLU A 1 27 ? 2.377   -7.057  17.357  1.00 29.28 ? 29  GLU A CD  1 
ATOM   204 O OE1 . GLU A 1 27 ? 2.006   -6.058  18.013  1.00 29.10 ? 29  GLU A OE1 1 
ATOM   205 O OE2 . GLU A 1 27 ? 3.354   -7.770  17.684  1.00 31.38 ? 29  GLU A OE2 1 
ATOM   206 N N   . ALA A 1 28 ? -1.749  -8.002  14.995  1.00 18.76 ? 30  ALA A N   1 
ATOM   207 C CA  . ALA A 1 28 ? -2.753  -7.036  14.590  1.00 19.77 ? 30  ALA A CA  1 
ATOM   208 C C   . ALA A 1 28 ? -2.344  -5.665  15.102  1.00 20.79 ? 30  ALA A C   1 
ATOM   209 O O   . ALA A 1 28 ? -2.255  -5.427  16.308  1.00 25.52 ? 30  ALA A O   1 
ATOM   210 C CB  . ALA A 1 28 ? -4.141  -7.435  15.112  1.00 20.81 ? 30  ALA A CB  1 
ATOM   211 N N   . VAL A 1 29 ? -2.056  -4.780  14.162  1.00 21.05 ? 31  VAL A N   1 
ATOM   212 C CA  . VAL A 1 29 ? -1.676  -3.409  14.460  1.00 20.51 ? 31  VAL A CA  1 
ATOM   213 C C   . VAL A 1 29 ? -2.744  -2.538  13.825  1.00 18.85 ? 31  VAL A C   1 
ATOM   214 O O   . VAL A 1 29 ? -3.047  -2.716  12.642  1.00 20.07 ? 31  VAL A O   1 
ATOM   215 C CB  . VAL A 1 29 ? -0.276  -3.044  13.881  1.00 20.84 ? 31  VAL A CB  1 
ATOM   216 C CG1 . VAL A 1 29 ? 0.087   -1.610  14.222  1.00 22.23 ? 31  VAL A CG1 1 
ATOM   217 C CG2 . VAL A 1 29 ? 0.805   -3.998  14.381  1.00 22.10 ? 31  VAL A CG2 1 
ATOM   218 N N   . PRO A 1 30 ? -3.336  -1.620  14.606  1.00 19.20 ? 32  PRO A N   1 
ATOM   219 C CA  . PRO A 1 30 ? -4.373  -0.737  14.061  1.00 20.87 ? 32  PRO A CA  1 
ATOM   220 C C   . PRO A 1 30 ? -3.909  0.104   12.877  1.00 19.53 ? 32  PRO A C   1 
ATOM   221 O O   . PRO A 1 30 ? -2.731  0.463   12.757  1.00 20.11 ? 32  PRO A O   1 
ATOM   222 C CB  . PRO A 1 30 ? -4.729  0.159   15.256  1.00 23.13 ? 32  PRO A CB  1 
ATOM   223 C CG  . PRO A 1 30 ? -4.392  -0.681  16.462  1.00 25.67 ? 32  PRO A CG  1 
ATOM   224 C CD  . PRO A 1 30 ? -3.123  -1.384  16.048  1.00 22.39 ? 32  PRO A CD  1 
ATOM   225 N N   . VAL A 1 31 ? -4.853  0.418   11.995  1.00 21.11 ? 33  VAL A N   1 
ATOM   226 C CA  . VAL A 1 31 ? -4.553  1.125   10.754  1.00 22.52 ? 33  VAL A CA  1 
ATOM   227 C C   . VAL A 1 31 ? -3.869  2.472   11.035  1.00 21.10 ? 33  VAL A C   1 
ATOM   228 O O   . VAL A 1 31 ? -3.027  2.920   10.263  1.00 22.66 ? 33  VAL A O   1 
ATOM   229 C CB  . VAL A 1 31 ? -5.844  1.325   9.900   1.00 22.72 ? 33  VAL A CB  1 
ATOM   230 C CG1 . VAL A 1 31 ? -6.805  2.333   10.529  1.00 24.19 ? 33  VAL A CG1 1 
ATOM   231 C CG2 . VAL A 1 31 ? -5.493  1.697   8.458   1.00 23.29 ? 33  VAL A CG2 1 
ATOM   232 N N   . GLY A 1 32 ? -4.191  3.091   12.164  1.00 21.03 ? 34  GLY A N   1 
ATOM   233 C CA  . GLY A 1 32 ? -3.604  4.364   12.524  1.00 21.27 ? 34  GLY A CA  1 
ATOM   234 C C   . GLY A 1 32 ? -2.097  4.342   12.710  1.00 20.19 ? 34  GLY A C   1 
ATOM   235 O O   . GLY A 1 32 ? -1.465  5.386   12.599  1.00 23.03 ? 34  GLY A O   1 
ATOM   236 N N   . GLU A 1 33 ? -1.509  3.171   12.962  1.00 18.92 ? 35  GLU A N   1 
ATOM   237 C CA  . GLU A 1 33 ? -0.056  3.086   13.147  1.00 18.09 ? 35  GLU A CA  1 
ATOM   238 C C   . GLU A 1 33 ? 0.723   2.870   11.854  1.00 19.25 ? 35  GLU A C   1 
ATOM   239 O O   . GLU A 1 33 ? 1.950   2.981   11.833  1.00 22.24 ? 35  GLU A O   1 
ATOM   240 C CB  . GLU A 1 33 ? 0.312   1.973   14.115  1.00 19.87 ? 35  GLU A CB  1 
ATOM   241 C CG  . GLU A 1 33 ? -0.227  2.175   15.501  1.00 23.26 ? 35  GLU A CG  1 
ATOM   242 C CD  . GLU A 1 33 ? 0.503   1.322   16.516  1.00 26.77 ? 35  GLU A CD  1 
ATOM   243 O OE1 . GLU A 1 33 ? 1.738   1.212   16.399  1.00 27.09 ? 35  GLU A OE1 1 
ATOM   244 O OE2 . GLU A 1 33 ? -0.154  0.760   17.408  1.00 34.30 ? 35  GLU A OE2 1 
ATOM   245 N N   . ALA A 1 34 ? 0.024   2.569   10.781  1.00 18.72 ? 36  ALA A N   1 
ATOM   246 C CA  . ALA A 1 34 ? 0.686   2.326   9.515   1.00 19.51 ? 36  ALA A CA  1 
ATOM   247 C C   . ALA A 1 34 ? 0.761   3.592   8.693   1.00 17.31 ? 36  ALA A C   1 
ATOM   248 O O   . ALA A 1 34 ? -0.131  4.436   8.748   1.00 19.21 ? 36  ALA A O   1 
ATOM   249 C CB  . ALA A 1 34 ? -0.054  1.221   8.740   1.00 24.61 ? 36  ALA A CB  1 
ATOM   250 N N   . SER A 1 35 ? 1.832   3.702   7.920   1.00 14.48 ? 37  SER A N   1 
ATOM   251 C CA  . SER A 1 35 ? 1.979   4.790   6.953   1.00 14.89 ? 37  SER A CA  1 
ATOM   252 C C   . SER A 1 35 ? 2.249   4.199   5.582   1.00 13.21 ? 37  SER A C   1 
ATOM   253 O O   . SER A 1 35 ? 3.142   3.344   5.441   1.00 15.13 ? 37  SER A O   1 
ATOM   254 C CB  . SER A 1 35 ? 3.127   5.719   7.339   1.00 17.97 ? 37  SER A CB  1 
ATOM   255 O OG  . SER A 1 35 ? 2.847   6.402   8.565   1.00 22.43 ? 37  SER A OG  1 
ATOM   256 N N   . TRP A 1 36 ? 1.506   4.647   4.573   1.00 12.15 ? 38  TRP A N   1 
ATOM   257 C CA  . TRP A 1 36 ? 1.739   4.287   3.184   1.00 11.31 ? 38  TRP A CA  1 
ATOM   258 C C   . TRP A 1 36 ? 2.248   5.491   2.432   1.00 10.79 ? 38  TRP A C   1 
ATOM   259 O O   . TRP A 1 36 ? 1.883   6.639   2.744   1.00 12.07 ? 38  TRP A O   1 
ATOM   260 C CB  . TRP A 1 36 ? 0.472   3.787   2.534   1.00 12.23 ? 38  TRP A CB  1 
ATOM   261 C CG  . TRP A 1 36 ? -0.048  2.474   3.041   1.00 11.85 ? 38  TRP A CG  1 
ATOM   262 C CD1 . TRP A 1 36 ? -0.951  2.273   4.052   1.00 12.63 ? 38  TRP A CD1 1 
ATOM   263 C CD2 . TRP A 1 36 ? 0.241   1.187   2.491   1.00 11.37 ? 38  TRP A CD2 1 
ATOM   264 N NE1 . TRP A 1 36 ? -1.224  0.919   4.172   1.00 12.62 ? 38  TRP A NE1 1 
ATOM   265 C CE2 . TRP A 1 36 ? -0.523  0.243   3.211   1.00 11.97 ? 38  TRP A CE2 1 
ATOM   266 C CE3 . TRP A 1 36 ? 1.059   0.745   1.441   1.00 11.52 ? 38  TRP A CE3 1 
ATOM   267 C CZ2 . TRP A 1 36 ? -0.500  -1.112  2.910   1.00 12.06 ? 38  TRP A CZ2 1 
ATOM   268 C CZ3 . TRP A 1 36 ? 1.090   -0.606  1.148   1.00 11.92 ? 38  TRP A CZ3 1 
ATOM   269 C CH2 . TRP A 1 36 ? 0.300   -1.521  1.896   1.00 12.44 ? 38  TRP A CH2 1 
ATOM   270 N N   . TYR A 1 37 ? 3.027   5.240   1.400   1.00 10.38 ? 39  TYR A N   1 
ATOM   271 C CA  . TYR A 1 37 ? 3.647   6.272   0.582   1.00 10.76 ? 39  TYR A CA  1 
ATOM   272 C C   . TYR A 1 37 ? 3.629   5.873   -0.874  1.00 10.92 ? 39  TYR A C   1 
ATOM   273 O O   . TYR A 1 37 ? 3.769   4.687   -1.205  1.00 11.55 ? 39  TYR A O   1 
ATOM   274 C CB  . TYR A 1 37 ? 5.096   6.503   0.985   1.00 11.41 ? 39  TYR A CB  1 
ATOM   275 C CG  . TYR A 1 37 ? 5.302   6.844   2.428   1.00 10.81 ? 39  TYR A CG  1 
ATOM   276 C CD1 . TYR A 1 37 ? 5.342   5.855   3.407   1.00 12.44 ? 39  TYR A CD1 1 
ATOM   277 C CD2 . TYR A 1 37 ? 5.487   8.159   2.820   1.00 11.93 ? 39  TYR A CD2 1 
ATOM   278 C CE1 . TYR A 1 37 ? 5.535   6.162   4.720   1.00 12.46 ? 39  TYR A CE1 1 
ATOM   279 C CE2 . TYR A 1 37 ? 5.684   8.481   4.131   1.00 12.05 ? 39  TYR A CE2 1 
ATOM   280 C CZ  . TYR A 1 37 ? 5.711   7.471   5.077   1.00 12.54 ? 39  TYR A CZ  1 
ATOM   281 O OH  . TYR A 1 37 ? 5.917   7.772   6.408   1.00 13.83 ? 39  TYR A OH  1 
ATOM   282 N N   . ILE A 1 38 ? 3.463   6.869   -1.741  1.00 11.30 ? 40  ILE A N   1 
ATOM   283 C CA  . ILE A 1 38 ? 3.672   6.663   -3.172  1.00 11.74 ? 40  ILE A CA  1 
ATOM   284 C C   . ILE A 1 38 ? 4.754   7.641   -3.615  1.00 11.42 ? 40  ILE A C   1 
ATOM   285 O O   . ILE A 1 38 ? 4.612   8.860   -3.419  1.00 12.48 ? 40  ILE A O   1 
ATOM   286 C CB  . ILE A 1 38 ? 2.356   6.793   -3.996  1.00 13.20 ? 40  ILE A CB  1 
ATOM   287 C CG1 . ILE A 1 38 ? 2.630   6.647   -5.503  1.00 14.38 ? 40  ILE A CG1 1 
ATOM   288 C CG2 . ILE A 1 38 ? 1.610   8.085   -3.722  1.00 16.47 ? 40  ILE A CG2 1 
ATOM   289 C CD1 . ILE A 1 38 ? 3.193   5.289   -5.926  1.00 15.88 ? 40  ILE A CD1 1 
ATOM   290 N N   . ASN A 1 39 ? 5.856   7.142   -4.161  1.00 12.06 ? 41  ASN A N   1 
ATOM   291 C CA  . ASN A 1 39 ? 7.024   7.951   -4.521  1.00 12.78 ? 41  ASN A CA  1 
ATOM   292 C C   . ASN A 1 39 ? 7.439   8.908   -3.405  1.00 13.19 ? 41  ASN A C   1 
ATOM   293 O O   . ASN A 1 39 ? 7.785   10.073  -3.660  1.00 15.22 ? 41  ASN A O   1 
ATOM   294 C CB  . ASN A 1 39 ? 6.770   8.692   -5.833  1.00 15.81 ? 41  ASN A CB  1 
ATOM   295 C CG  . ASN A 1 39 ? 6.537   7.732   -6.979  1.00 15.71 ? 41  ASN A CG  1 
ATOM   296 O OD1 . ASN A 1 39 ? 7.274   6.769   -7.148  1.00 16.46 ? 41  ASN A OD1 1 
ATOM   297 N ND2 . ASN A 1 39 ? 5.460   7.960   -7.735  1.00 18.14 ? 41  ASN A ND2 1 
ATOM   298 N N   . GLY A 1 40 ? 7.411   8.419   -2.164  1.00 12.19 ? 42  GLY A N   1 
ATOM   299 C CA  . GLY A 1 40 ? 7.886   9.182   -1.017  1.00 12.22 ? 42  GLY A CA  1 
ATOM   300 C C   . GLY A 1 40 ? 6.872   10.160  -0.443  1.00 11.45 ? 42  GLY A C   1 
ATOM   301 O O   . GLY A 1 40 ? 7.163   10.820  0.549   1.00 12.42 ? 42  GLY A O   1 
ATOM   302 N N   . ALA A 1 41 ? 5.679   10.248  -1.031  1.00 11.92 ? 43  ALA A N   1 
ATOM   303 C CA  . ALA A 1 41 ? 4.627   11.129  -0.532  1.00 12.26 ? 43  ALA A CA  1 
ATOM   304 C C   . ALA A 1 41 ? 3.676   10.337  0.348   1.00 11.58 ? 43  ALA A C   1 
ATOM   305 O O   . ALA A 1 41 ? 3.074   9.370   -0.125  1.00 12.37 ? 43  ALA A O   1 
ATOM   306 C CB  . ALA A 1 41 ? 3.867   11.762  -1.705  1.00 13.75 ? 43  ALA A CB  1 
ATOM   307 N N   . ALA A 1 42 ? 3.529   10.727  1.603   1.00 12.08 ? 44  ALA A N   1 
ATOM   308 C CA  . ALA A 1 42 ? 2.608   10.040  2.503   1.00 12.15 ? 44  ALA A CA  1 
ATOM   309 C C   . ALA A 1 42 ? 1.197   10.108  1.941   1.00 12.45 ? 44  ALA A C   1 
ATOM   310 O O   . ALA A 1 42 ? 0.730   11.180  1.549   1.00 14.01 ? 44  ALA A O   1 
ATOM   311 C CB  . ALA A 1 42 ? 2.661   10.644  3.895   1.00 13.95 ? 44  ALA A CB  1 
ATOM   312 N N   . VAL A 1 43 ? 0.502   8.974   1.917   1.00 12.82 ? 45  VAL A N   1 
ATOM   313 C CA  . VAL A 1 43 ? -0.887  8.911   1.478   1.00 12.87 ? 45  VAL A CA  1 
ATOM   314 C C   . VAL A 1 43 ? -1.778  9.508   2.548   1.00 14.50 ? 45  VAL A C   1 
ATOM   315 O O   . VAL A 1 43 ? -1.692  9.149   3.726   1.00 19.05 ? 45  VAL A O   1 
ATOM   316 C CB  . VAL A 1 43 ? -1.283  7.450   1.169   1.00 13.43 ? 45  VAL A CB  1 
ATOM   317 C CG1 . VAL A 1 43 ? -2.773  7.349   0.864   1.00 16.18 ? 45  VAL A CG1 1 
ATOM   318 C CG2 . VAL A 1 43 ? -0.463  6.930   0.011   1.00 15.09 ? 45  VAL A CG2 1 
ATOM   319 N N   . GLN A 1 44 ? -2.621  10.454  2.151   1.00 14.39 ? 46  GLN A N   1 
ATOM   320 C CA  . GLN A 1 44 ? -3.498  11.164  3.078   1.00 15.84 ? 46  GLN A CA  1 
ATOM   321 C C   . GLN A 1 44 ? -4.887  10.554  3.155   1.00 17.35 ? 46  GLN A C   1 
ATOM   322 O O   . GLN A 1 44 ? -5.368  9.983   2.170   1.00 18.54 ? 46  GLN A O   1 
ATOM   323 C CB  . GLN A 1 44 ? -3.611  12.610  2.629   1.00 17.28 ? 46  GLN A CB  1 
ATOM   324 C CG  . GLN A 1 44 ? -2.246  13.273  2.555   1.00 18.19 ? 46  GLN A CG  1 
ATOM   325 C CD  . GLN A 1 44 ? -1.579  13.294  3.906   1.00 17.36 ? 46  GLN A CD  1 
ATOM   326 O OE1 . GLN A 1 44 ? -2.236  13.499  4.927   1.00 20.01 ? 46  GLN A OE1 1 
ATOM   327 N NE2 . GLN A 1 44 ? -0.269  13.095  3.929   1.00 18.38 ? 46  GLN A NE2 1 
ATOM   328 N N   . PRO A 1 45 ? -5.550  10.698  4.316   1.00 18.45 ? 47  PRO A N   1 
ATOM   329 C CA  . PRO A 1 45 ? -6.865  10.066  4.499   1.00 22.07 ? 47  PRO A CA  1 
ATOM   330 C C   . PRO A 1 45 ? -7.943  10.644  3.595   1.00 22.58 ? 47  PRO A C   1 
ATOM   331 O O   . PRO A 1 45 ? -8.974  9.990   3.389   1.00 27.41 ? 47  PRO A O   1 
ATOM   332 C CB  . PRO A 1 45 ? -7.175  10.321  5.985   1.00 25.48 ? 47  PRO A CB  1 
ATOM   333 C CG  . PRO A 1 45 ? -6.313  11.482  6.365   1.00 26.82 ? 47  PRO A CG  1 
ATOM   334 C CD  . PRO A 1 45 ? -5.065  11.343  5.549   1.00 22.31 ? 47  PRO A CD  1 
ATOM   335 N N   . ASP A 1 46 ? -7.736  11.838  3.061   1.00 23.07 ? 48  ASP A N   1 
ATOM   336 C CA  . ASP A 1 46 ? -8.721  12.440  2.167   1.00 25.10 ? 48  ASP A CA  1 
ATOM   337 C C   . ASP A 1 46 ? -8.295  12.418  0.697   1.00 25.42 ? 48  ASP A C   1 
ATOM   338 O O   . ASP A 1 46 ? -8.868  13.124  -0.132  1.00 29.56 ? 48  ASP A O   1 
ATOM   339 C CB  . ASP A 1 46 ? -9.034  13.873  2.603   1.00 27.92 ? 48  ASP A CB  1 
ATOM   340 C CG  . ASP A 1 46 ? -7.801  14.748  2.724   1.00 29.11 ? 48  ASP A CG  1 
ATOM   341 O OD1 . ASP A 1 46 ? -6.687  14.317  2.375   1.00 26.78 ? 48  ASP A OD1 1 
ATOM   342 O OD2 . ASP A 1 46 ? -7.957  15.904  3.165   1.00 34.96 ? 48  ASP A OD2 1 
ATOM   343 N N   . ASP A 1 47 ? -7.292  11.605  0.389   1.00 22.96 ? 49  ASP A N   1 
ATOM   344 C CA  . ASP A 1 47 ? -6.866  11.367  -0.988  1.00 24.25 ? 49  ASP A CA  1 
ATOM   345 C C   . ASP A 1 47 ? -8.012  10.662  -1.702  1.00 25.30 ? 49  ASP A C   1 
ATOM   346 O O   . ASP A 1 47 ? -8.440  9.598   -1.273  1.00 31.79 ? 49  ASP A O   1 
ATOM   347 C CB  . ASP A 1 47 ? -5.587  10.507  -1.009  1.00 26.35 ? 49  ASP A CB  1 
ATOM   348 C CG  . ASP A 1 47 ? -4.938  10.424  -2.390  1.00 27.54 ? 49  ASP A CG  1 
ATOM   349 O OD1 . ASP A 1 47 ? -5.467  9.714   -3.270  1.00 26.69 ? 49  ASP A OD1 1 
ATOM   350 O OD2 . ASP A 1 47 ? -3.879  11.064  -2.591  1.00 28.98 ? 49  ASP A OD2 1 
ATOM   351 N N   . SER A 1 48 ? -8.518  11.229  -2.785  1.00 29.75 ? 50  SER A N   1 
ATOM   352 C CA  A SER A 1 48 ? -9.689  10.597  -3.387  0.40 30.73 ? 50  SER A CA  1 
ATOM   353 C CA  B SER A 1 48 ? -9.666  10.683  -3.496  0.60 30.14 ? 50  SER A CA  1 
ATOM   354 C C   . SER A 1 48 ? -9.318  9.485   -4.367  1.00 29.89 ? 50  SER A C   1 
ATOM   355 O O   . SER A 1 48 ? -10.199 8.833   -4.926  1.00 35.43 ? 50  SER A O   1 
ATOM   356 C CB  A SER A 1 48 ? -10.581 11.631  -4.075  0.40 33.71 ? 50  SER A CB  1 
ATOM   357 C CB  B SER A 1 48 ? -10.289 11.771  -4.367  0.60 34.28 ? 50  SER A CB  1 
ATOM   358 O OG  A SER A 1 48 ? -11.915 11.498  -3.615  0.40 36.70 ? 50  SER A OG  1 
ATOM   359 O OG  B SER A 1 48 ? -9.307  12.305  -5.239  0.60 36.11 ? 50  SER A OG  1 
ATOM   360 N N   . ASP A 1 49 ? -8.028  9.229   -4.533  1.00 21.43 ? 51  ASP A N   1 
ATOM   361 C CA  . ASP A 1 49 ? -7.601  8.153   -5.416  1.00 19.25 ? 51  ASP A CA  1 
ATOM   362 C C   . ASP A 1 49 ? -7.238  6.865   -4.677  1.00 17.98 ? 51  ASP A C   1 
ATOM   363 O O   . ASP A 1 49 ? -7.417  5.777   -5.199  1.00 17.26 ? 51  ASP A O   1 
ATOM   364 C CB  . ASP A 1 49 ? -6.384  8.564   -6.244  1.00 21.16 ? 51  ASP A CB  1 
ATOM   365 C CG  . ASP A 1 49 ? -6.648  9.755   -7.133  1.00 24.71 ? 51  ASP A CG  1 
ATOM   366 O OD1 . ASP A 1 49 ? -7.824  10.136  -7.285  1.00 27.04 ? 51  ASP A OD1 1 
ATOM   367 O OD2 . ASP A 1 49 ? -5.662  10.280  -7.699  1.00 25.56 ? 51  ASP A OD2 1 
ATOM   368 N N   . TRP A 1 50 ? -6.670  7.002   -3.490  1.00 19.43 ? 52  TRP A N   1 
ATOM   369 C CA  . TRP A 1 50 ? -6.094  5.880   -2.742  1.00 19.12 ? 52  TRP A CA  1 
ATOM   370 C C   . TRP A 1 50 ? -6.933  5.600   -1.508  1.00 21.84 ? 52  TRP A C   1 
ATOM   371 O O   . TRP A 1 50 ? -7.407  6.545   -0.860  1.00 28.77 ? 52  TRP A O   1 
ATOM   372 C CB  . TRP A 1 50 ? -4.656  6.203   -2.299  1.00 21.56 ? 52  TRP A CB  1 
ATOM   373 C CG  . TRP A 1 50 ? -3.612  6.435   -3.362  1.00 22.38 ? 52  TRP A CG  1 
ATOM   374 C CD1 . TRP A 1 50 ? -3.165  7.662   -3.861  1.00 24.54 ? 52  TRP A CD1 1 
ATOM   375 C CD2 . TRP A 1 50 ? -2.827  5.442   -4.014  1.00 21.05 ? 52  TRP A CD2 1 
ATOM   376 N NE1 . TRP A 1 50 ? -2.189  7.454   -4.794  1.00 26.64 ? 52  TRP A NE1 1 
ATOM   377 C CE2 . TRP A 1 50 ? -1.945  6.109   -4.903  1.00 23.92 ? 52  TRP A CE2 1 
ATOM   378 C CE3 . TRP A 1 50 ? -2.787  4.053   -3.949  1.00 18.18 ? 52  TRP A CE3 1 
ATOM   379 C CZ2 . TRP A 1 50 ? -1.057  5.429   -5.704  1.00 25.44 ? 52  TRP A CZ2 1 
ATOM   380 C CZ3 . TRP A 1 50 ? -1.897  3.392   -4.733  1.00 19.92 ? 52  TRP A CZ3 1 
ATOM   381 C CH2 . TRP A 1 50 ? -1.042  4.075   -5.609  1.00 22.91 ? 52  TRP A CH2 1 
ATOM   382 N N   . THR A 1 51 ? -7.112  4.330   -1.153  1.00 18.10 ? 53  THR A N   1 
ATOM   383 C CA  . THR A 1 51 ? -7.834  3.947   0.053   1.00 19.58 ? 53  THR A CA  1 
ATOM   384 C C   . THR A 1 51 ? -6.900  3.097   0.895   1.00 17.33 ? 53  THR A C   1 
ATOM   385 O O   . THR A 1 51 ? -6.294  2.173   0.364   1.00 19.39 ? 53  THR A O   1 
ATOM   386 C CB  . THR A 1 51 ? -9.107  3.139   -0.282  1.00 22.01 ? 53  THR A CB  1 
ATOM   387 O OG1 . THR A 1 51 ? -9.985  3.925   -1.107  1.00 27.57 ? 53  THR A OG1 1 
ATOM   388 C CG2 . THR A 1 51 ? -9.876  2.745   0.981   1.00 23.29 ? 53  THR A CG2 1 
ATOM   389 N N   . VAL A 1 52 ? -6.790  3.386   2.183   1.00 14.94 ? 54  VAL A N   1 
ATOM   390 C CA  . VAL A 1 52 ? -5.997  2.579   3.117   1.00 14.08 ? 54  VAL A CA  1 
ATOM   391 C C   . VAL A 1 52 ? -6.920  1.777   4.011   1.00 13.95 ? 54  VAL A C   1 
ATOM   392 O O   . VAL A 1 52 ? -7.869  2.333   4.552   1.00 16.22 ? 54  VAL A O   1 
ATOM   393 C CB  . VAL A 1 52 ? -5.108  3.484   3.971   1.00 14.76 ? 54  VAL A CB  1 
ATOM   394 C CG1 . VAL A 1 52 ? -4.425  2.711   5.092   1.00 16.19 ? 54  VAL A CG1 1 
ATOM   395 C CG2 . VAL A 1 52 ? -4.065  4.193   3.100   1.00 17.82 ? 54  VAL A CG2 1 
ATOM   396 N N   . THR A 1 53 ? -6.656  0.485   4.172   1.00 13.98 ? 55  THR A N   1 
ATOM   397 C CA  . THR A 1 53 ? -7.448  -0.342  5.057   1.00 14.53 ? 55  THR A CA  1 
ATOM   398 C C   . THR A 1 53 ? -6.559  -1.212  5.912   1.00 14.10 ? 55  THR A C   1 
ATOM   399 O O   . THR A 1 53 ? -5.385  -1.463  5.580   1.00 13.63 ? 55  THR A O   1 
ATOM   400 C CB  . THR A 1 53 ? -8.440  -1.256  4.281   1.00 16.24 ? 55  THR A CB  1 
ATOM   401 O OG1 . THR A 1 53 ? -7.717  -2.157  3.438   1.00 15.77 ? 55  THR A OG1 1 
ATOM   402 C CG2 . THR A 1 53 ? -9.412  -0.442  3.420   1.00 18.34 ? 55  THR A CG2 1 
ATOM   403 N N   . ALA A 1 54 ? -7.127  -1.689  7.012   1.00 14.51 ? 56  ALA A N   1 
ATOM   404 C CA  . ALA A 1 54 ? -6.500  -2.726  7.803   1.00 15.02 ? 56  ALA A CA  1 
ATOM   405 C C   . ALA A 1 54 ? -7.577  -3.582  8.421   1.00 15.33 ? 56  ALA A C   1 
ATOM   406 O O   . ALA A 1 54 ? -8.600  -3.077  8.874   1.00 17.02 ? 56  ALA A O   1 
ATOM   407 C CB  . ALA A 1 54 ? -5.599  -2.146  8.898   1.00 18.83 ? 56  ALA A CB  1 
ATOM   408 N N   . ASP A 1 55 ? -7.327  -4.880  8.460   1.00 14.39 ? 57  ASP A N   1 
ATOM   409 C CA  . ASP A 1 55 ? -8.208  -5.850  9.078   1.00 15.34 ? 57  ASP A CA  1 
ATOM   410 C C   . ASP A 1 55 ? -7.304  -6.845  9.792   1.00 16.50 ? 57  ASP A C   1 
ATOM   411 O O   . ASP A 1 55 ? -6.684  -7.655  9.140   1.00 15.45 ? 57  ASP A O   1 
ATOM   412 C CB  . ASP A 1 55 ? -9.080  -6.548  8.018   1.00 15.25 ? 57  ASP A CB  1 
ATOM   413 C CG  . ASP A 1 55 ? -9.992  -7.586  8.603   1.00 17.94 ? 57  ASP A CG  1 
ATOM   414 O OD1 . ASP A 1 55 ? -9.942  -7.836  9.825   1.00 22.67 ? 57  ASP A OD1 1 
ATOM   415 O OD2 . ASP A 1 55 ? -10.820 -8.155  7.866   1.00 18.86 ? 57  ASP A OD2 1 
ATOM   416 N N   . GLY A 1 56 ? -7.208  -6.783  11.116  1.00 19.92 ? 58  GLY A N   1 
ATOM   417 C CA  . GLY A 1 56 ? -6.328  -7.692  11.830  1.00 21.56 ? 58  GLY A CA  1 
ATOM   418 C C   . GLY A 1 56 ? -4.887  -7.531  11.364  1.00 22.01 ? 58  GLY A C   1 
ATOM   419 O O   . GLY A 1 56 ? -4.350  -6.463  11.425  1.00 21.47 ? 58  GLY A O   1 
ATOM   420 N N   . SER A 1 57 ? -4.304  -8.627  10.906  1.00 20.55 ? 59  SER A N   1 
ATOM   421 C CA  . SER A 1 57 ? -2.929  -8.660  10.429  1.00 20.01 ? 59  SER A CA  1 
ATOM   422 C C   . SER A 1 57 ? -2.766  -8.049  9.038   1.00 15.62 ? 59  SER A C   1 
ATOM   423 O O   . SER A 1 57 ? -1.645  -7.833  8.593   1.00 16.04 ? 59  SER A O   1 
ATOM   424 C CB  . SER A 1 57 ? -2.449  -10.107 10.391  1.00 21.48 ? 59  SER A CB  1 
ATOM   425 O OG  . SER A 1 57 ? -3.270  -10.876 9.519   1.00 24.30 ? 59  SER A OG  1 
ATOM   426 N N   . HIS A 1 58 ? -3.872  -7.812  8.331   1.00 14.76 ? 60  HIS A N   1 
ATOM   427 C CA  . HIS A 1 58 ? -3.821  -7.513  6.906   1.00 13.94 ? 60  HIS A CA  1 
ATOM   428 C C   . HIS A 1 58 ? -3.998  -6.043  6.585   1.00 14.16 ? 60  HIS A C   1 
ATOM   429 O O   . HIS A 1 58 ? -5.083  -5.474  6.798   1.00 16.96 ? 60  HIS A O   1 
ATOM   430 C CB  . HIS A 1 58 ? -4.908  -8.302  6.165   1.00 16.04 ? 60  HIS A CB  1 
ATOM   431 C CG  . HIS A 1 58 ? -4.814  -9.797  6.326   1.00 19.29 ? 60  HIS A CG  1 
ATOM   432 N ND1 . HIS A 1 58 ? -5.500  -10.481 7.294   1.00 25.95 ? 60  HIS A ND1 1 
ATOM   433 C CD2 . HIS A 1 58 ? -4.065  -10.733 5.668   1.00 23.01 ? 60  HIS A CD2 1 
ATOM   434 C CE1 . HIS A 1 58 ? -5.236  -11.783 7.208   1.00 25.79 ? 60  HIS A CE1 1 
ATOM   435 N NE2 . HIS A 1 58 ? -4.364  -11.947 6.229   1.00 24.18 ? 60  HIS A NE2 1 
ATOM   436 N N   . HIS A 1 59 ? -2.968  -5.454  6.019   1.00 12.57 ? 61  HIS A N   1 
ATOM   437 C CA  . HIS A 1 59 ? -2.973  -4.065  5.624   1.00 12.75 ? 61  HIS A CA  1 
ATOM   438 C C   . HIS A 1 59 ? -3.046  -3.948  4.107   1.00 12.50 ? 61  HIS A C   1 
ATOM   439 O O   . HIS A 1 59 ? -2.475  -4.777  3.396   1.00 14.70 ? 61  HIS A O   1 
ATOM   440 C CB  . HIS A 1 59 ? -1.705  -3.389  6.160   1.00 13.80 ? 61  HIS A CB  1 
ATOM   441 C CG  . HIS A 1 59 ? -1.749  -3.161  7.626   1.00 14.08 ? 61  HIS A CG  1 
ATOM   442 N ND1 . HIS A 1 59 ? -1.958  -1.913  8.181   1.00 14.60 ? 61  HIS A ND1 1 
ATOM   443 C CD2 . HIS A 1 59 ? -1.656  -4.026  8.660   1.00 16.69 ? 61  HIS A CD2 1 
ATOM   444 C CE1 . HIS A 1 59 ? -1.994  -2.032  9.492   1.00 14.84 ? 61  HIS A CE1 1 
ATOM   445 N NE2 . HIS A 1 59 ? -1.823  -3.306  9.813   1.00 16.58 ? 61  HIS A NE2 1 
ATOM   446 N N   . ALA A 1 60 ? -3.741  -2.939  3.603   1.00 13.00 ? 62  ALA A N   1 
ATOM   447 C CA  . ALA A 1 60 ? -3.832  -2.752  2.160   1.00 12.61 ? 62  ALA A CA  1 
ATOM   448 C C   . ALA A 1 60 ? -3.904  -1.301  1.763   1.00 12.43 ? 62  ALA A C   1 
ATOM   449 O O   . ALA A 1 60 ? -4.423  -0.439  2.500   1.00 13.57 ? 62  ALA A O   1 
ATOM   450 C CB  . ALA A 1 60 ? -5.050  -3.496  1.616   1.00 15.45 ? 62  ALA A CB  1 
ATOM   451 N N   . LEU A 1 61 ? -3.382  -1.053  0.563   1.00 12.00 ? 63  LEU A N   1 
ATOM   452 C CA  . LEU A 1 61 ? -3.460  0.224   -0.130  1.00 12.56 ? 63  LEU A CA  1 
ATOM   453 C C   . LEU A 1 61 ? -4.123  -0.043  -1.472  1.00 12.51 ? 63  LEU A C   1 
ATOM   454 O O   . LEU A 1 61 ? -3.626  -0.861  -2.273  1.00 13.38 ? 63  LEU A O   1 
ATOM   455 C CB  . LEU A 1 61 ? -2.067  0.806   -0.313  1.00 12.71 ? 63  LEU A CB  1 
ATOM   456 C CG  . LEU A 1 61 ? -2.004  2.106   -1.124  1.00 13.53 ? 63  LEU A CG  1 
ATOM   457 C CD1 . LEU A 1 61 ? -2.607  3.259   -0.326  1.00 14.71 ? 63  LEU A CD1 1 
ATOM   458 C CD2 . LEU A 1 61 ? -0.575  2.427   -1.472  1.00 14.42 ? 63  LEU A CD2 1 
ATOM   459 N N   . LEU A 1 62 ? -5.244  0.622   -1.713  1.00 13.53 ? 64  LEU A N   1 
ATOM   460 C CA  . LEU A 1 62 ? -6.075  0.378   -2.868  1.00 14.15 ? 64  LEU A CA  1 
ATOM   461 C C   . LEU A 1 62 ? -6.108  1.599   -3.749  1.00 14.24 ? 64  LEU A C   1 
ATOM   462 O O   . LEU A 1 62 ? -6.310  2.725   -3.279  1.00 15.64 ? 64  LEU A O   1 
ATOM   463 C CB  . LEU A 1 62 ? -7.503  0.054   -2.445  1.00 18.43 ? 64  LEU A CB  1 
ATOM   464 C CG  . LEU A 1 62 ? -7.672  -1.052  -1.413  1.00 24.36 ? 64  LEU A CG  1 
ATOM   465 C CD1 . LEU A 1 62 ? -9.152  -1.215  -1.084  1.00 28.05 ? 64  LEU A CD1 1 
ATOM   466 C CD2 . LEU A 1 62 ? -7.080  -2.351  -1.903  1.00 28.50 ? 64  LEU A CD2 1 
ATOM   467 N N   . LEU A 1 63 ? -5.962  1.380   -5.048  1.00 14.61 ? 65  LEU A N   1 
ATOM   468 C CA  . LEU A 1 63 ? -6.086  2.406   -6.069  1.00 15.68 ? 65  LEU A CA  1 
ATOM   469 C C   . LEU A 1 63 ? -7.216  2.007   -6.990  1.00 15.93 ? 65  LEU A C   1 
ATOM   470 O O   . LEU A 1 63 ? -7.051  1.121   -7.813  1.00 16.66 ? 65  LEU A O   1 
ATOM   471 C CB  . LEU A 1 63 ? -4.774  2.518   -6.825  1.00 15.64 ? 65  LEU A CB  1 
ATOM   472 C CG  . LEU A 1 63 ? -4.703  3.567   -7.938  1.00 16.26 ? 65  LEU A CG  1 
ATOM   473 C CD1 . LEU A 1 63 ? -4.889  4.978   -7.382  1.00 18.30 ? 65  LEU A CD1 1 
ATOM   474 C CD2 . LEU A 1 63 ? -3.351  3.445   -8.631  1.00 17.99 ? 65  LEU A CD2 1 
ATOM   475 N N   . ARG A 1 64 ? -8.395  2.607   -6.833  1.00 18.18 ? 66  ARG A N   1 
ATOM   476 C CA  . ARG A 1 64 ? -9.559  2.116   -7.567  1.00 18.39 ? 66  ARG A CA  1 
ATOM   477 C C   . ARG A 1 64 ? -9.438  2.283   -9.084  1.00 16.08 ? 66  ARG A C   1 
ATOM   478 O O   . ARG A 1 64 ? -9.897  1.420   -9.820  1.00 16.99 ? 66  ARG A O   1 
ATOM   479 C CB  . ARG A 1 64 ? -10.858 2.797   -7.078  1.00 20.39 ? 66  ARG A CB  1 
ATOM   480 C CG  . ARG A 1 64 ? -11.416 2.269   -5.726  1.00 25.76 ? 66  ARG A CG  1 
ATOM   481 C CD  . ARG A 1 64 ? -12.207 0.944   -5.837  1.00 26.81 ? 66  ARG A CD  1 
ATOM   482 N NE  . ARG A 1 64 ? -13.363 1.086   -6.710  1.00 24.41 ? 66  ARG A NE  1 
ATOM   483 C CZ  . ARG A 1 64 ? -14.257 0.134   -6.949  1.00 21.23 ? 66  ARG A CZ  1 
ATOM   484 N NH1 . ARG A 1 64 ? -14.129 -1.051  -6.354  1.00 24.80 ? 66  ARG A NH1 1 
ATOM   485 N NH2 . ARG A 1 64 ? -15.263 0.353   -7.788  1.00 16.85 ? 66  ARG A NH2 1 
ATOM   486 N N   . SER A 1 65 ? -8.805  3.368   -9.551  1.00 15.93 ? 67  SER A N   1 
ATOM   487 C CA  . SER A 1 65 ? -8.708  3.601   -10.987 1.00 16.06 ? 67  SER A CA  1 
ATOM   488 C C   . SER A 1 65 ? -7.324  4.140   -11.330 1.00 17.08 ? 67  SER A C   1 
ATOM   489 O O   . SER A 1 65 ? -7.033  5.338   -11.197 1.00 18.19 ? 67  SER A O   1 
ATOM   490 C CB  . SER A 1 65 ? -9.800  4.568   -11.444 1.00 18.47 ? 67  SER A CB  1 
ATOM   491 O OG  . SER A 1 65 ? -9.724  4.759   -12.850 1.00 25.43 ? 67  SER A OG  1 
ATOM   492 N N   . ALA A 1 66 ? -6.437  3.255   -11.754 1.00 16.97 ? 68  ALA A N   1 
ATOM   493 C CA  . ALA A 1 66 ? -5.042  3.634   -11.956 1.00 18.63 ? 68  ALA A CA  1 
ATOM   494 C C   . ALA A 1 66 ? -4.847  4.574   -13.133 1.00 19.21 ? 68  ALA A C   1 
ATOM   495 O O   . ALA A 1 66 ? -5.400  4.373   -14.214 1.00 23.07 ? 68  ALA A O   1 
ATOM   496 C CB  . ALA A 1 66 ? -4.200  2.394   -12.147 1.00 20.38 ? 68  ALA A CB  1 
ATOM   497 N N   . GLN A 1 67 ? -4.059  5.611   -12.912 1.00 19.12 ? 69  GLN A N   1 
ATOM   498 C CA  . GLN A 1 67 ? -3.660  6.517   -13.972 1.00 19.32 ? 69  GLN A CA  1 
ATOM   499 C C   . GLN A 1 67 ? -2.149  6.546   -14.080 1.00 18.05 ? 69  GLN A C   1 
ATOM   500 O O   . GLN A 1 67 ? -1.479  6.251   -13.149 1.00 17.54 ? 69  GLN A O   1 
ATOM   501 C CB  . GLN A 1 67 ? -4.169  7.900   -13.662 1.00 21.87 ? 69  GLN A CB  1 
ATOM   502 C CG  . GLN A 1 67 ? -5.654  8.065   -13.816 1.00 29.41 ? 69  GLN A CG  1 
ATOM   503 C CD  . GLN A 1 67 ? -5.836  9.472   -14.073 1.00 39.89 ? 69  GLN A CD  1 
ATOM   504 O OE1 . GLN A 1 67 ? -5.401  10.040  -15.109 1.00 46.25 ? 69  GLN A OE1 1 
ATOM   505 N NE2 . GLN A 1 67 ? -6.600  10.050  -13.191 1.00 41.00 ? 69  GLN A NE2 1 
ATOM   506 N N   . PRO A 1 68 ? -1.626  6.963   -15.217 1.00 19.60 ? 70  PRO A N   1 
ATOM   507 C CA  . PRO A 1 68 ? -0.160  6.969   -15.356 1.00 19.66 ? 70  PRO A CA  1 
ATOM   508 C C   . PRO A 1 68 ? 0.619   7.692   -14.257 1.00 18.94 ? 70  PRO A C   1 
ATOM   509 O O   . PRO A 1 68 ? 1.689   7.222   -13.861 1.00 18.87 ? 70  PRO A O   1 
ATOM   510 C CB  . PRO A 1 68 ? 0.042   7.677   -16.697 1.00 22.62 ? 70  PRO A CB  1 
ATOM   511 C CG  . PRO A 1 68 ? -1.170  7.284   -17.478 1.00 24.19 ? 70  PRO A CG  1 
ATOM   512 C CD  . PRO A 1 68 ? -2.308  7.266   -16.490 1.00 23.63 ? 70  PRO A CD  1 
ATOM   513 N N   . HIS A 1 69 ? 0.090   8.793   -13.736 1.00 18.95 ? 71  HIS A N   1 
ATOM   514 C CA  . HIS A 1 69 ? 0.823   9.531   -12.718 1.00 21.56 ? 71  HIS A CA  1 
ATOM   515 C C   . HIS A 1 69 ? 0.845   8.836   -11.364 1.00 19.45 ? 71  HIS A C   1 
ATOM   516 O O   . HIS A 1 69 ? 1.553   9.273   -10.457 1.00 21.83 ? 71  HIS A O   1 
ATOM   517 C CB  . HIS A 1 69 ? 0.250   10.941  -12.580 1.00 23.55 ? 71  HIS A CB  1 
ATOM   518 C CG  . HIS A 1 69 ? -1.109  10.989  -11.959 1.00 25.44 ? 71  HIS A CG  1 
ATOM   519 N ND1 . HIS A 1 69 ? -2.266  10.813  -12.687 1.00 29.02 ? 71  HIS A ND1 1 
ATOM   520 C CD2 . HIS A 1 69 ? -1.498  11.225  -10.685 1.00 27.37 ? 71  HIS A CD2 1 
ATOM   521 C CE1 . HIS A 1 69 ? -3.309  10.921  -11.882 1.00 29.30 ? 71  HIS A CE1 1 
ATOM   522 N NE2 . HIS A 1 69 ? -2.872  11.177  -10.665 1.00 29.42 ? 71  HIS A NE2 1 
ATOM   523 N N   . HIS A 1 70 ? 0.110   7.726   -11.210 1.00 17.81 ? 72  HIS A N   1 
ATOM   524 C CA  . HIS A 1 70 ? 0.176   6.959   -9.966  1.00 16.68 ? 72  HIS A CA  1 
ATOM   525 C C   . HIS A 1 70 ? 1.346   6.012   -9.940  1.00 15.63 ? 72  HIS A C   1 
ATOM   526 O O   . HIS A 1 70 ? 1.636   5.463   -8.890  1.00 17.29 ? 72  HIS A O   1 
ATOM   527 C CB  . HIS A 1 70 ? -1.108  6.148   -9.744  1.00 16.93 ? 72  HIS A CB  1 
ATOM   528 C CG  . HIS A 1 70 ? -2.339  6.981   -9.561  1.00 17.13 ? 72  HIS A CG  1 
ATOM   529 N ND1 . HIS A 1 70 ? -3.455  6.826   -10.351 1.00 18.60 ? 72  HIS A ND1 1 
ATOM   530 C CD2 . HIS A 1 70 ? -2.638  7.951   -8.664  1.00 18.96 ? 72  HIS A CD2 1 
ATOM   531 C CE1 . HIS A 1 70 ? -4.385  7.680   -9.959  1.00 19.90 ? 72  HIS A CE1 1 
ATOM   532 N NE2 . HIS A 1 70 ? -3.920  8.365   -8.930  1.00 19.84 ? 72  HIS A NE2 1 
ATOM   533 N N   . ALA A 1 71 ? 1.991   5.789   -11.065 1.00 15.46 ? 73  ALA A N   1 
ATOM   534 C CA  . ALA A 1 71 ? 3.045   4.786   -11.123 1.00 15.08 ? 73  ALA A CA  1 
ATOM   535 C C   . ALA A 1 71 ? 4.231   5.145   -10.231 1.00 14.89 ? 73  ALA A C   1 
ATOM   536 O O   . ALA A 1 71 ? 4.554   6.325   -10.066 1.00 15.91 ? 73  ALA A O   1 
ATOM   537 C CB  . ALA A 1 71 ? 3.508   4.593   -12.551 1.00 18.31 ? 73  ALA A CB  1 
ATOM   538 N N   . GLY A 1 72 ? 4.907   4.127   -9.719  1.00 14.07 ? 74  GLY A N   1 
ATOM   539 C CA  . GLY A 1 72 ? 6.143   4.334   -8.993  1.00 15.10 ? 74  GLY A CA  1 
ATOM   540 C C   . GLY A 1 72 ? 6.254   3.452   -7.773  1.00 12.89 ? 74  GLY A C   1 
ATOM   541 O O   . GLY A 1 72 ? 5.663   2.372   -7.698  1.00 14.48 ? 74  GLY A O   1 
ATOM   542 N N   . GLU A 1 73 ? 7.039   3.908   -6.813  1.00 12.58 ? 75  GLU A N   1 
ATOM   543 C CA  . GLU A 1 73 ? 7.393   3.082   -5.663  1.00 12.81 ? 75  GLU A CA  1 
ATOM   544 C C   . GLU A 1 73 ? 6.408   3.258   -4.524  1.00 11.78 ? 75  GLU A C   1 
ATOM   545 O O   . GLU A 1 73 ? 6.205   4.360   -4.019  1.00 12.25 ? 75  GLU A O   1 
ATOM   546 C CB  . GLU A 1 73 ? 8.809   3.406   -5.179  1.00 15.09 ? 75  GLU A CB  1 
ATOM   547 C CG  . GLU A 1 73 ? 9.269   2.502   -4.012  1.00 16.49 ? 75  GLU A CG  1 
ATOM   548 C CD  . GLU A 1 73 ? 10.742  2.670   -3.705  1.00 20.01 ? 75  GLU A CD  1 
ATOM   549 O OE1 . GLU A 1 73 ? 11.551  1.848   -4.170  1.00 22.27 ? 75  GLU A OE1 1 
ATOM   550 O OE2 . GLU A 1 73 ? 11.115  3.632   -3.007  1.00 24.99 ? 75  GLU A OE2 1 
ATOM   551 N N   . VAL A 1 74 ? 5.820   2.149   -4.108  1.00 11.31 ? 76  VAL A N   1 
ATOM   552 C CA  . VAL A 1 74 ? 4.925   2.102   -2.968  1.00 11.02 ? 76  VAL A CA  1 
ATOM   553 C C   . VAL A 1 74 ? 5.718   1.667   -1.752  1.00 10.81 ? 76  VAL A C   1 
ATOM   554 O O   . VAL A 1 74 ? 6.394   0.633   -1.812  1.00 12.39 ? 76  VAL A O   1 
ATOM   555 C CB  . VAL A 1 74 ? 3.762   1.130   -3.229  1.00 12.46 ? 76  VAL A CB  1 
ATOM   556 C CG1 . VAL A 1 74 ? 2.894   0.935   -1.996  1.00 13.04 ? 76  VAL A CG1 1 
ATOM   557 C CG2 . VAL A 1 74 ? 2.948   1.598   -4.441  1.00 15.57 ? 76  VAL A CG2 1 
ATOM   558 N N   . THR A 1 75 ? 5.593   2.389   -0.643  1.00 11.19 ? 77  THR A N   1 
ATOM   559 C CA  . THR A 1 75 ? 6.221   2.016   0.619   1.00 11.46 ? 77  THR A CA  1 
ATOM   560 C C   . THR A 1 75 ? 5.170   1.854   1.690   1.00 11.56 ? 77  THR A C   1 
ATOM   561 O O   . THR A 1 75 ? 4.223   2.667   1.804   1.00 11.54 ? 77  THR A O   1 
ATOM   562 C CB  . THR A 1 75 ? 7.233   3.087   1.069   1.00 12.50 ? 77  THR A CB  1 
ATOM   563 O OG1 . THR A 1 75 ? 8.163   3.331   0.010   1.00 14.29 ? 77  THR A OG1 1 
ATOM   564 C CG2 . THR A 1 75 ? 7.984   2.674   2.322   1.00 14.20 ? 77  THR A CG2 1 
ATOM   565 N N   . PHE A 1 76 ? 5.336   0.803   2.493   1.00 11.76 ? 78  PHE A N   1 
ATOM   566 C CA  . PHE A 1 76 ? 4.591   0.579   3.714   1.00 12.02 ? 78  PHE A CA  1 
ATOM   567 C C   . PHE A 1 76 ? 5.546   0.674   4.885   1.00 12.16 ? 78  PHE A C   1 
ATOM   568 O O   . PHE A 1 76 ? 6.618   0.061   4.859   1.00 13.50 ? 78  PHE A O   1 
ATOM   569 C CB  . PHE A 1 76 ? 3.959   -0.804  3.662   1.00 13.15 ? 78  PHE A CB  1 
ATOM   570 C CG  . PHE A 1 76 ? 3.326   -1.220  4.950   1.00 12.59 ? 78  PHE A CG  1 
ATOM   571 C CD1 . PHE A 1 76 ? 2.036   -0.843  5.260   1.00 14.44 ? 78  PHE A CD1 1 
ATOM   572 C CD2 . PHE A 1 76 ? 4.041   -1.976  5.880   1.00 15.34 ? 78  PHE A CD2 1 
ATOM   573 C CE1 . PHE A 1 76 ? 1.427   -1.253  6.446   1.00 16.21 ? 78  PHE A CE1 1 
ATOM   574 C CE2 . PHE A 1 76 ? 3.449   -2.361  7.077   1.00 17.71 ? 78  PHE A CE2 1 
ATOM   575 C CZ  . PHE A 1 76 ? 2.146   -2.001  7.353   1.00 17.36 ? 78  PHE A CZ  1 
ATOM   576 N N   . ALA A 1 77 ? 5.176   1.415   5.925   1.00 12.17 ? 79  ALA A N   1 
ATOM   577 C CA  . ALA A 1 77 ? 6.002   1.500   7.122   1.00 13.43 ? 79  ALA A CA  1 
ATOM   578 C C   . ALA A 1 77 ? 5.119   1.422   8.347   1.00 14.39 ? 79  ALA A C   1 
ATOM   579 O O   . ALA A 1 77 ? 4.087   2.063   8.418   1.00 16.26 ? 79  ALA A O   1 
ATOM   580 C CB  . ALA A 1 77 ? 6.826   2.807   7.144   1.00 15.82 ? 79  ALA A CB  1 
ATOM   581 N N   . CYS A 1 78 ? 5.518   0.608   9.312   1.00 14.70 ? 80  CYS A N   1 
ATOM   582 C CA  . CYS A 1 78 ? 4.765   0.451   10.547  1.00 16.25 ? 80  CYS A CA  1 
ATOM   583 C C   . CYS A 1 78 ? 5.735   0.056   11.622  1.00 18.70 ? 80  CYS A C   1 
ATOM   584 O O   . CYS A 1 78 ? 6.439   -0.943  11.487  1.00 19.65 ? 80  CYS A O   1 
ATOM   585 C CB  . CYS A 1 78 ? 3.676   -0.608  10.371  1.00 17.24 ? 80  CYS A CB  1 
ATOM   586 S SG  . CYS A 1 78 ? 2.583   -0.868  11.766  1.00 22.61 ? 80  CYS A SG  1 
ATOM   587 N N   . ARG A 1 79 ? 5.799   0.871   12.677  1.00 19.91 ? 81  ARG A N   1 
ATOM   588 C CA  . ARG A 1 79 ? 6.757   0.673   13.751  1.00 21.36 ? 81  ARG A CA  1 
ATOM   589 C C   . ARG A 1 79 ? 8.139   0.567   13.122  1.00 23.10 ? 81  ARG A C   1 
ATOM   590 O O   . ARG A 1 79 ? 8.559   1.491   12.411  1.00 25.36 ? 81  ARG A O   1 
ATOM   591 C CB  . ARG A 1 79 ? 6.378   -0.542  14.612  1.00 23.29 ? 81  ARG A CB  1 
ATOM   592 C CG  . ARG A 1 79 ? 4.974   -0.371  15.194  1.00 25.52 ? 81  ARG A CG  1 
ATOM   593 C CD  . ARG A 1 79 ? 4.626   -1.374  16.282  1.00 29.35 ? 81  ARG A CD  1 
ATOM   594 N NE  . ARG A 1 79 ? 3.268   -1.143  16.769  1.00 28.84 ? 81  ARG A NE  1 
ATOM   595 C CZ  . ARG A 1 79 ? 2.541   -2.045  17.421  1.00 29.59 ? 81  ARG A CZ  1 
ATOM   596 N NH1 . ARG A 1 79 ? 3.050   -3.243  17.674  1.00 31.34 ? 81  ARG A NH1 1 
ATOM   597 N NH2 . ARG A 1 79 ? 1.305   -1.754  17.811  1.00 28.48 ? 81  ARG A NH2 1 
ATOM   598 N N   . ASP A 1 80 ? 8.839   -0.539  13.303  1.00 25.46 ? 82  ASP A N   1 
ATOM   599 C CA  . ASP A 1 80 ? 10.168  -0.618  12.707  1.00 27.34 ? 82  ASP A CA  1 
ATOM   600 C C   . ASP A 1 80 ? 10.203  -1.428  11.412  1.00 27.96 ? 82  ASP A C   1 
ATOM   601 O O   . ASP A 1 80 ? 11.270  -1.713  10.874  1.00 32.07 ? 82  ASP A O   1 
ATOM   602 C CB  . ASP A 1 80 ? 11.158  -1.205  13.714  1.00 32.07 ? 82  ASP A CB  1 
ATOM   603 C CG  . ASP A 1 80 ? 10.702  -2.543  14.277  1.00 33.28 ? 82  ASP A CG  1 
ATOM   604 O OD1 . ASP A 1 80 ? 9.535   -2.946  14.079  1.00 33.21 ? 82  ASP A OD1 1 
ATOM   605 O OD2 . ASP A 1 80 ? 11.534  -3.204  14.939  1.00 38.93 ? 82  ASP A OD2 1 
ATOM   606 N N   . ALA A 1 81 ? 9.034   -1.791  10.915  1.00 22.80 ? 83  ALA A N   1 
ATOM   607 C CA  . ALA A 1 81 ? 8.940   -2.571  9.685   1.00 22.69 ? 83  ALA A CA  1 
ATOM   608 C C   . ALA A 1 81 ? 8.784   -1.666  8.465   1.00 19.23 ? 83  ALA A C   1 
ATOM   609 O O   . ALA A 1 81 ? 8.046   -0.675  8.497   1.00 18.51 ? 83  ALA A O   1 
ATOM   610 C CB  . ALA A 1 81 ? 7.787   -3.528  9.771   1.00 25.23 ? 83  ALA A CB  1 
ATOM   611 N N   . VAL A 1 82 ? 9.467   -2.002  7.374   1.00 18.06 ? 84  VAL A N   1 
ATOM   612 C CA  A VAL A 1 82 ? 9.337   -1.265  6.116   0.65 17.03 ? 84  VAL A CA  1 
ATOM   613 C CA  B VAL A 1 82 ? 9.290   -1.276  6.118   0.35 16.47 ? 84  VAL A CA  1 
ATOM   614 C C   . VAL A 1 82 ? 9.282   -2.265  4.966   1.00 14.47 ? 84  VAL A C   1 
ATOM   615 O O   . VAL A 1 82 ? 9.982   -3.273  4.987   1.00 18.99 ? 84  VAL A O   1 
ATOM   616 C CB  A VAL A 1 82 ? 10.521  -0.272  5.893   0.65 20.72 ? 84  VAL A CB  1 
ATOM   617 C CB  B VAL A 1 82 ? 10.402  -0.221  5.880   0.35 18.53 ? 84  VAL A CB  1 
ATOM   618 C CG1 A VAL A 1 82 ? 10.313  0.549   4.638   0.65 19.36 ? 84  VAL A CG1 1 
ATOM   619 C CG1 B VAL A 1 82 ? 10.281  0.948   6.858   0.35 18.34 ? 84  VAL A CG1 1 
ATOM   620 C CG2 A VAL A 1 82 ? 10.706  0.665   7.082   0.65 22.29 ? 84  VAL A CG2 1 
ATOM   621 C CG2 B VAL A 1 82 ? 11.772  -0.860  5.960   0.35 21.05 ? 84  VAL A CG2 1 
ATOM   622 N N   . ALA A 1 83 ? 8.484   -1.983  3.967   1.00 12.88 ? 85  ALA A N   1 
ATOM   623 C CA  . ALA A 1 83 ? 8.409   -2.802  2.766   1.00 12.48 ? 85  ALA A CA  1 
ATOM   624 C C   . ALA A 1 83 ? 8.174   -1.901  1.563   1.00 12.43 ? 85  ALA A C   1 
ATOM   625 O O   . ALA A 1 83 ? 7.547   -0.821  1.694   1.00 12.85 ? 85  ALA A O   1 
ATOM   626 C CB  . ALA A 1 83 ? 7.286   -3.798  2.882   1.00 13.60 ? 85  ALA A CB  1 
ATOM   627 N N   . SER A 1 84 ? 8.596   -2.309  0.377   1.00 11.77 ? 86  SER A N   1 
ATOM   628 C CA  . SER A 1 84 ? 8.296   -1.554  -0.834  1.00 12.30 ? 86  SER A CA  1 
ATOM   629 C C   . SER A 1 84 ? 8.101   -2.461  -2.029  1.00 11.38 ? 86  SER A C   1 
ATOM   630 O O   . SER A 1 84 ? 8.573   -3.618  -2.033  1.00 12.29 ? 86  SER A O   1 
ATOM   631 C CB  . SER A 1 84 ? 9.393   -0.532  -1.130  1.00 13.83 ? 86  SER A CB  1 
ATOM   632 O OG  . SER A 1 84 ? 10.586  -1.187  -1.533  1.00 16.32 ? 86  SER A OG  1 
ATOM   633 N N   . ALA A 1 85 ? 7.403   -1.934  -3.024  1.00 11.77 ? 87  ALA A N   1 
ATOM   634 C CA  . ALA A 1 85 ? 7.229   -2.590  -4.312  1.00 11.94 ? 87  ALA A CA  1 
ATOM   635 C C   . ALA A 1 85 ? 6.889   -1.514  -5.326  1.00 11.94 ? 87  ALA A C   1 
ATOM   636 O O   . ALA A 1 85 ? 6.821   -0.323  -4.981  1.00 14.04 ? 87  ALA A O   1 
ATOM   637 C CB  . ALA A 1 85 ? 6.147   -3.663  -4.258  1.00 12.87 ? 87  ALA A CB  1 
ATOM   638 N N   . ARG A 1 86 ? 6.667   -1.903  -6.571  1.00 12.50 ? 88  ARG A N   1 
ATOM   639 C CA  . ARG A 1 86 ? 6.441   -0.946  -7.652  1.00 13.00 ? 88  ARG A CA  1 
ATOM   640 C C   . ARG A 1 86 ? 5.091   -1.135  -8.319  1.00 12.67 ? 88  ARG A C   1 
ATOM   641 O O   . ARG A 1 86 ? 4.671   -2.255  -8.593  1.00 13.73 ? 88  ARG A O   1 
ATOM   642 C CB  . ARG A 1 86 ? 7.551   -1.076  -8.701  1.00 15.10 ? 88  ARG A CB  1 
ATOM   643 C CG  . ARG A 1 86 ? 7.322   -0.251  -9.980  1.00 16.93 ? 88  ARG A CG  1 
ATOM   644 C CD  . ARG A 1 86 ? 8.417   -0.471  -10.997 1.00 19.91 ? 88  ARG A CD  1 
ATOM   645 N NE  . ARG A 1 86 ? 9.702   0.042   -10.523 1.00 20.58 ? 88  ARG A NE  1 
ATOM   646 C CZ  . ARG A 1 86 ? 10.841  -0.111  -11.191 1.00 24.01 ? 88  ARG A CZ  1 
ATOM   647 N NH1 . ARG A 1 86 ? 10.838  -0.772  -12.338 1.00 27.26 ? 88  ARG A NH1 1 
ATOM   648 N NH2 . ARG A 1 86 ? 11.967  0.386   -10.699 1.00 25.42 ? 88  ARG A NH2 1 
ATOM   649 N N   . LEU A 1 87 ? 4.424   -0.008  -8.576  1.00 12.69 ? 89  LEU A N   1 
ATOM   650 C CA  . LEU A 1 87 ? 3.255   0.059   -9.448  1.00 12.87 ? 89  LEU A CA  1 
ATOM   651 C C   . LEU A 1 87 ? 3.691   0.479   -10.824 1.00 12.88 ? 89  LEU A C   1 
ATOM   652 O O   . LEU A 1 87 ? 4.272   1.558   -10.981 1.00 13.93 ? 89  LEU A O   1 
ATOM   653 C CB  . LEU A 1 87 ? 2.244   1.071   -8.915  1.00 13.57 ? 89  LEU A CB  1 
ATOM   654 C CG  . LEU A 1 87 ? 0.999   1.248   -9.794  1.00 14.49 ? 89  LEU A CG  1 
ATOM   655 C CD1 . LEU A 1 87 ? 0.198   -0.050  -9.982  1.00 16.13 ? 89  LEU A CD1 1 
ATOM   656 C CD2 . LEU A 1 87 ? 0.142   2.345   -9.218  1.00 16.17 ? 89  LEU A CD2 1 
ATOM   657 N N   . THR A 1 88 ? 3.366   -0.349  -11.803 1.00 13.57 ? 90  THR A N   1 
ATOM   658 C CA  . THR A 1 88 ? 3.526   -0.023  -13.205 1.00 15.62 ? 90  THR A CA  1 
ATOM   659 C C   . THR A 1 88 ? 2.143   0.138   -13.810 1.00 15.81 ? 90  THR A C   1 
ATOM   660 O O   . THR A 1 88 ? 1.272   -0.717  -13.590 1.00 16.33 ? 90  THR A O   1 
ATOM   661 C CB  . THR A 1 88 ? 4.276   -1.152  -13.940 1.00 19.15 ? 90  THR A CB  1 
ATOM   662 O OG1 . THR A 1 88 ? 5.581   -1.293  -13.372 1.00 20.39 ? 90  THR A OG1 1 
ATOM   663 C CG2 . THR A 1 88 ? 4.425   -0.855  -15.426 1.00 21.70 ? 90  THR A CG2 1 
ATOM   664 N N   . VAL A 1 89 ? 1.925   1.224   -14.547 1.00 16.14 ? 91  VAL A N   1 
ATOM   665 C CA  . VAL A 1 89 ? 0.645   1.455   -15.201 1.00 16.81 ? 91  VAL A CA  1 
ATOM   666 C C   . VAL A 1 89 ? 0.860   1.276   -16.690 1.00 19.26 ? 91  VAL A C   1 
ATOM   667 O O   . VAL A 1 89 ? 1.652   1.984   -17.314 1.00 22.63 ? 91  VAL A O   1 
ATOM   668 C CB  . VAL A 1 89 ? 0.076   2.845   -14.883 1.00 18.00 ? 91  VAL A CB  1 
ATOM   669 C CG1 . VAL A 1 89 ? -1.224  3.081   -15.663 1.00 20.98 ? 91  VAL A CG1 1 
ATOM   670 C CG2 . VAL A 1 89 ? -0.167  2.986   -13.410 1.00 19.12 ? 91  VAL A CG2 1 
ATOM   671 N N   . LEU A 1 90 ? 0.176   0.285   -17.240 1.00 21.67 ? 92  LEU A N   1 
ATOM   672 C CA  . LEU A 1 90 ? 0.316   -0.092  -18.634 1.00 26.32 ? 92  LEU A CA  1 
ATOM   673 C C   . LEU A 1 90 ? -0.504  0.830   -19.524 1.00 29.82 ? 92  LEU A C   1 
ATOM   674 O O   . LEU A 1 90 ? -1.654  1.128   -19.215 1.00 31.56 ? 92  LEU A O   1 
ATOM   675 C CB  . LEU A 1 90 ? -0.112  -1.548  -18.830 1.00 25.21 ? 92  LEU A CB  1 
ATOM   676 C CG  . LEU A 1 90 ? 0.608   -2.560  -17.936 1.00 28.14 ? 92  LEU A CG  1 
ATOM   677 C CD1 . LEU A 1 90 ? -0.062  -3.922  -18.004 1.00 28.28 ? 92  LEU A CD1 1 
ATOM   678 C CD2 . LEU A 1 90 ? 2.080   -2.653  -18.318 1.00 30.53 ? 92  LEU A CD2 1 
HETATM 679 O O   . HOH B 2 .  ? -5.702  11.886  -9.530  1.00 35.45 ? 201 HOH A O   1 
HETATM 680 O O   . HOH B 2 .  ? -2.368  11.484  -0.579  1.00 21.89 ? 202 HOH A O   1 
HETATM 681 O O   . HOH B 2 .  ? -0.144  6.886   14.225  1.00 30.66 ? 203 HOH A O   1 
HETATM 682 O O   . HOH B 2 .  ? 11.074  0.039   -5.961  1.00 25.68 ? 204 HOH A O   1 
HETATM 683 O O   . HOH B 2 .  ? -6.969  -5.042  -11.341 1.00 23.35 ? 205 HOH A O   1 
HETATM 684 O O   . HOH B 2 .  ? 9.864   5.901   -2.717  1.00 21.61 ? 206 HOH A O   1 
HETATM 685 O O   . HOH B 2 .  ? 9.221   -5.206  17.086  1.00 39.54 ? 207 HOH A O   1 
HETATM 686 O O   . HOH B 2 .  ? -9.821  8.817   0.810   1.00 31.61 ? 208 HOH A O   1 
HETATM 687 O O   . HOH B 2 .  ? -0.190  6.686   10.115  1.00 29.59 ? 209 HOH A O   1 
HETATM 688 O O   . HOH B 2 .  ? -2.559  13.386  7.539   1.00 22.36 ? 210 HOH A O   1 
HETATM 689 O O   . HOH B 2 .  ? -7.051  7.863   1.396   1.00 24.28 ? 211 HOH A O   1 
HETATM 690 O O   . HOH B 2 .  ? -5.277  -4.062  12.223  1.00 28.12 ? 212 HOH A O   1 
HETATM 691 O O   . HOH B 2 .  ? 0.459   -5.947  -5.408  1.00 15.53 ? 213 HOH A O   1 
HETATM 692 O O   . HOH B 2 .  ? 4.574   -9.745  16.292  1.00 29.63 ? 214 HOH A O   1 
HETATM 693 O O   . HOH B 2 .  ? 3.242   5.304   10.977  1.00 29.77 ? 215 HOH A O   1 
HETATM 694 O O   . HOH B 2 .  ? 4.356   3.281   12.974  1.00 23.00 ? 216 HOH A O   1 
HETATM 695 O O   . HOH B 2 .  ? -14.382 3.308   -7.816  1.00 35.54 ? 217 HOH A O   1 
HETATM 696 O O   . HOH B 2 .  ? -9.135  11.743  -8.998  1.00 39.91 ? 218 HOH A O   1 
HETATM 697 O O   . HOH B 2 .  ? 9.846   6.217   -7.743  1.00 36.33 ? 219 HOH A O   1 
HETATM 698 O O   . HOH B 2 .  ? -7.768  7.594   -9.875  1.00 30.24 ? 220 HOH A O   1 
HETATM 699 O O   . HOH B 2 .  ? 4.305   8.823   -11.107 1.00 28.29 ? 221 HOH A O   1 
HETATM 700 O O   . HOH B 2 .  ? 10.878  3.039   0.073   1.00 25.92 ? 222 HOH A O   1 
HETATM 701 O O   . HOH B 2 .  ? -0.794  -7.012  -15.780 1.00 22.40 ? 223 HOH A O   1 
HETATM 702 O O   . HOH B 2 .  ? -1.720  -5.679  11.586  1.00 19.30 ? 224 HOH A O   1 
HETATM 703 O O   . HOH B 2 .  ? 8.984   1.630   9.670   1.00 23.73 ? 225 HOH A O   1 
HETATM 704 O O   . HOH B 2 .  ? 1.168   10.102  -7.859  1.00 33.85 ? 226 HOH A O   1 
HETATM 705 O O   . HOH B 2 .  ? -5.551  14.887  -0.088  1.00 32.97 ? 227 HOH A O   1 
HETATM 706 O O   . HOH B 2 .  ? 5.613   -3.127  -11.285 1.00 18.82 ? 228 HOH A O   1 
HETATM 707 O O   . HOH B 2 .  ? -0.354  -12.536 11.843  1.00 26.83 ? 229 HOH A O   1 
HETATM 708 O O   . HOH B 2 .  ? 0.722   -7.868  -7.535  1.00 22.56 ? 230 HOH A O   1 
HETATM 709 O O   . HOH B 2 .  ? 8.142   -1.124  -14.452 1.00 35.18 ? 231 HOH A O   1 
HETATM 710 O O   . HOH B 2 .  ? 7.664   6.076   7.762   1.00 18.86 ? 232 HOH A O   1 
HETATM 711 O O   . HOH B 2 .  ? -6.070  3.060   14.224  1.00 27.53 ? 233 HOH A O   1 
HETATM 712 O O   . HOH B 2 .  ? -12.641 -4.549  -7.582  1.00 15.81 ? 234 HOH A O   1 
HETATM 713 O O   . HOH B 2 .  ? -8.575  5.662   -7.735  1.00 21.21 ? 235 HOH A O   1 
HETATM 714 O O   . HOH B 2 .  ? 3.179   -5.483  20.480  1.00 34.27 ? 236 HOH A O   1 
HETATM 715 O O   . HOH B 2 .  ? -2.922  -0.081  6.299   1.00 13.55 ? 237 HOH A O   1 
HETATM 716 O O   . HOH B 2 .  ? -1.064  -9.478  2.519   1.00 25.14 ? 238 HOH A O   1 
HETATM 717 O O   . HOH B 2 .  ? 12.844  0.486   -1.724  1.00 34.10 ? 239 HOH A O   1 
HETATM 718 O O   . HOH B 2 .  ? -10.469 3.417   4.541   1.00 34.14 ? 240 HOH A O   1 
HETATM 719 O O   . HOH B 2 .  ? 7.619   11.136  3.311   1.00 12.84 ? 241 HOH A O   1 
HETATM 720 O O   . HOH B 2 .  ? 1.754   4.758   -17.792 1.00 33.00 ? 242 HOH A O   1 
HETATM 721 O O   . HOH B 2 .  ? 7.410   5.441   -1.709  1.00 13.50 ? 243 HOH A O   1 
HETATM 722 O O   . HOH B 2 .  ? -6.936  -4.564  4.701   1.00 17.35 ? 244 HOH A O   1 
HETATM 723 O O   . HOH B 2 .  ? 9.236   -10.757 5.233   1.00 29.72 ? 245 HOH A O   1 
HETATM 724 O O   . HOH B 2 .  ? 2.599   9.135   7.855   1.00 23.55 ? 246 HOH A O   1 
HETATM 725 O O   . HOH B 2 .  ? -1.983  10.439  -15.488 1.00 29.97 ? 247 HOH A O   1 
HETATM 726 O O   . HOH B 2 .  ? -11.052 -4.015  9.958   0.50 21.67 ? 248 HOH A O   1 
HETATM 727 O O   . HOH B 2 .  ? 6.680   2.369   -12.251 1.00 25.89 ? 249 HOH A O   1 
HETATM 728 O O   . HOH B 2 .  ? -0.918  9.751   -5.895  1.00 25.93 ? 250 HOH A O   1 
HETATM 729 O O   . HOH B 2 .  ? -9.160  3.838   -4.048  1.00 22.91 ? 251 HOH A O   1 
HETATM 730 O O   . HOH B 2 .  ? 9.531   1.390   -8.005  1.00 31.41 ? 252 HOH A O   1 
HETATM 731 O O   . HOH B 2 .  ? 0.271   -7.205  -11.544 1.00 30.90 ? 253 HOH A O   1 
HETATM 732 O O   . HOH B 2 .  ? -9.339  -3.592  1.567   1.00 21.20 ? 254 HOH A O   1 
HETATM 733 O O   . HOH B 2 .  ? 2.069   13.712  1.601   1.00 18.02 ? 255 HOH A O   1 
HETATM 734 O O   . HOH B 2 .  ? 5.741   -4.228  17.663  1.00 33.35 ? 256 HOH A O   1 
HETATM 735 O O   . HOH B 2 .  ? 0.810   0.912   20.121  1.00 31.22 ? 257 HOH A O   1 
HETATM 736 O O   . HOH B 2 .  ? 3.826   11.140  -5.002  1.00 31.65 ? 258 HOH A O   1 
HETATM 737 O O   . HOH B 2 .  ? -5.023  -4.418  -15.733 1.00 24.74 ? 259 HOH A O   1 
HETATM 738 O O   . HOH B 2 .  ? 8.717   -9.178  -8.619  1.00 30.89 ? 260 HOH A O   1 
HETATM 739 O O   . HOH B 2 .  ? 9.901   -8.550  8.594   1.00 26.59 ? 261 HOH A O   1 
HETATM 740 O O   . HOH B 2 .  ? -9.139  -5.257  12.654  1.00 34.87 ? 262 HOH A O   1 
HETATM 741 O O   . HOH B 2 .  ? -7.783  5.941   3.143   1.00 23.02 ? 263 HOH A O   1 
HETATM 742 O O   . HOH B 2 .  ? 3.705   10.241  -7.334  1.00 24.99 ? 264 HOH A O   1 
HETATM 743 O O   . HOH B 2 .  ? 4.396   -9.503  -9.046  1.00 39.53 ? 265 HOH A O   1 
HETATM 744 O O   . HOH B 2 .  ? -3.240  -6.381  -12.907 0.50 26.71 ? 266 HOH A O   1 
HETATM 745 O O   . HOH B 2 .  ? -3.565  11.185  -5.489  1.00 34.76 ? 267 HOH A O   1 
HETATM 746 O O   . HOH B 2 .  ? 7.468   4.128   11.783  1.00 31.97 ? 268 HOH A O   1 
HETATM 747 O O   . HOH B 2 .  ? 3.229   5.691   -15.825 1.00 29.53 ? 269 HOH A O   1 
HETATM 748 O O   . HOH B 2 .  ? 7.982   -3.046  16.558  1.00 36.95 ? 270 HOH A O   1 
HETATM 749 O O   . HOH B 2 .  ? -1.221  10.540  -3.722  1.00 43.71 ? 271 HOH A O   1 
HETATM 750 O O   . HOH B 2 .  ? -8.986  -0.606  10.418  1.00 33.36 ? 272 HOH A O   1 
HETATM 751 O O   . HOH B 2 .  ? -2.402  -9.702  17.313  1.00 33.48 ? 273 HOH A O   1 
HETATM 752 O O   . HOH B 2 .  ? -4.779  -5.539  -10.517 1.00 29.99 ? 274 HOH A O   1 
HETATM 753 O O   . HOH B 2 .  ? -5.931  -11.096 10.835  1.00 32.42 ? 275 HOH A O   1 
HETATM 754 O O   . HOH B 2 .  ? 4.178   2.984   -15.306 1.00 26.05 ? 276 HOH A O   1 
HETATM 755 O O   . HOH B 2 .  ? 6.082   -12.456 1.095   1.00 19.53 ? 277 HOH A O   1 
HETATM 756 O O   . HOH B 2 .  ? -2.908  -4.855  -8.300  1.00 22.20 ? 278 HOH A O   1 
HETATM 757 O O   . HOH B 2 .  ? -7.562  -0.830  12.347  1.00 31.67 ? 279 HOH A O   1 
HETATM 758 O O   . HOH B 2 .  ? 1.742   7.900   5.505   1.00 29.12 ? 280 HOH A O   1 
HETATM 759 O O   . HOH B 2 .  ? 7.770   -12.689 3.443   1.00 23.86 ? 281 HOH A O   1 
HETATM 760 O O   . HOH B 2 .  ? -4.652  -6.913  3.056   1.00 25.91 ? 282 HOH A O   1 
HETATM 761 O O   . HOH B 2 .  ? 0.392   10.459  -1.534  1.00 26.83 ? 283 HOH A O   1 
HETATM 762 O O   . HOH B 2 .  ? -11.431 -5.971  11.973  1.00 45.03 ? 284 HOH A O   1 
HETATM 763 O O   . HOH B 2 .  ? 4.988   -13.622 -3.736  1.00 31.34 ? 285 HOH A O   1 
HETATM 764 O O   . HOH B 2 .  ? 10.350  7.760   -4.425  1.00 33.04 ? 286 HOH A O   1 
HETATM 765 O O   . HOH B 2 .  ? -1.495  14.107  -13.729 1.00 35.76 ? 287 HOH A O   1 
HETATM 766 O O   . HOH B 2 .  ? 0.691   -14.593 13.156  1.00 34.71 ? 288 HOH A O   1 
HETATM 767 O O   . HOH B 2 .  ? -9.572  -4.463  5.625   0.50 21.24 ? 289 HOH A O   1 
HETATM 768 O O   . HOH B 2 .  ? 8.970   3.539   -11.281 1.00 35.62 ? 290 HOH A O   1 
HETATM 769 O O   . HOH B 2 .  ? 4.706   -5.865  -12.215 1.00 28.76 ? 291 HOH A O   1 
HETATM 770 O O   . HOH B 2 .  ? 10.129  3.697   -8.856  1.00 32.40 ? 292 HOH A O   1 
HETATM 771 O O   . HOH B 2 .  ? -17.007 3.744   -8.335  1.00 25.46 ? 293 HOH A O   1 
HETATM 772 O O   . HOH B 2 .  ? 11.523  7.187   -0.922  1.00 33.57 ? 294 HOH A O   1 
HETATM 773 O O   . HOH B 2 .  ? -7.684  -5.035  0.100   0.50 28.64 ? 295 HOH A O   1 
HETATM 774 O O   . HOH B 2 .  ? 6.381   3.458   -14.771 1.00 42.06 ? 296 HOH A O   1 
HETATM 775 O O   . HOH B 2 .  ? 0.646   11.510  -3.986  1.00 29.23 ? 297 HOH A O   1 
# 
loop_
_atom_site_anisotrop.id 
_atom_site_anisotrop.type_symbol 
_atom_site_anisotrop.pdbx_label_atom_id 
_atom_site_anisotrop.pdbx_label_alt_id 
_atom_site_anisotrop.pdbx_label_comp_id 
_atom_site_anisotrop.pdbx_label_asym_id 
_atom_site_anisotrop.pdbx_label_seq_id 
_atom_site_anisotrop.pdbx_PDB_ins_code 
_atom_site_anisotrop.U[1][1] 
_atom_site_anisotrop.U[2][2] 
_atom_site_anisotrop.U[3][3] 
_atom_site_anisotrop.U[1][2] 
_atom_site_anisotrop.U[1][3] 
_atom_site_anisotrop.U[2][3] 
_atom_site_anisotrop.pdbx_auth_seq_id 
_atom_site_anisotrop.pdbx_auth_comp_id 
_atom_site_anisotrop.pdbx_auth_asym_id 
_atom_site_anisotrop.pdbx_auth_atom_id 
1   N N   . ARG A 1  ? 0.5138 0.5635 0.3997 0.1060  -0.2113 0.0124  3  ARG A N   
2   C CA  . ARG A 1  ? 0.5170 0.5755 0.3678 0.0823  -0.1724 -0.0488 3  ARG A CA  
3   C C   . ARG A 1  ? 0.4758 0.5162 0.3449 0.0377  -0.1693 -0.0949 3  ARG A C   
4   O O   . ARG A 1  ? 0.4916 0.5180 0.3637 0.0847  -0.1993 -0.0720 3  ARG A O   
5   C CB  . ARG A 1  ? 0.4890 0.5970 0.3891 0.1286  -0.1456 -0.0642 3  ARG A CB  
6   N N   . LEU A 2  ? 0.3906 0.5062 0.3517 0.0444  -0.1183 -0.1243 4  LEU A N   
7   C CA  . LEU A 2  ? 0.3249 0.4533 0.3119 0.0326  -0.0824 -0.1240 4  LEU A CA  
8   C C   . LEU A 2  ? 0.3780 0.4802 0.2964 -0.0177 -0.0221 -0.1112 4  LEU A C   
9   O O   . LEU A 2  ? 0.3283 0.5803 0.3932 -0.1088 0.0137  -0.1215 4  LEU A O   
10  C CB  . LEU A 2  ? 0.3065 0.3736 0.3728 -0.0603 -0.0510 -0.0933 4  LEU A CB  
11  C CG  . LEU A 2  ? 0.3910 0.2719 0.3444 -0.0402 -0.0119 -0.0762 4  LEU A CG  
12  C CD1 . LEU A 2  ? 0.2722 0.2648 0.3110 -0.0204 -0.0313 0.0092  4  LEU A CD1 
13  C CD2 . LEU A 2  ? 0.5096 0.2526 0.3533 -0.0390 0.0532  -0.0553 4  LEU A CD2 
14  N N   . GLU A 3  ? 0.2857 0.4107 0.2368 0.1017  -0.0763 -0.0772 5  GLU A N   
15  C CA  . GLU A 3  ? 0.3005 0.3505 0.2424 0.0752  -0.0560 -0.0353 5  GLU A CA  
16  C C   . GLU A 3  ? 0.2327 0.3166 0.2121 0.0171  -0.0317 -0.0003 5  GLU A C   
17  O O   . GLU A 3  ? 0.2350 0.3326 0.1980 0.0378  -0.0182 0.0070  5  GLU A O   
18  C CB  . GLU A 3  ? 0.3583 0.4274 0.2960 0.1362  -0.1042 -0.0469 5  GLU A CB  
19  C CG  . GLU A 3  ? 0.4858 0.5426 0.3513 0.1442  -0.0982 -0.0392 5  GLU A CG  
20  C CD  . GLU A 3  ? 0.6099 0.6823 0.4212 0.1233  -0.0960 -0.0398 5  GLU A CD  
21  O OE1 . GLU A 3  ? 0.6903 0.7157 0.4360 0.1119  -0.0705 -0.0342 5  GLU A OE1 
22  O OE2 . GLU A 3  ? 0.6115 0.7474 0.4635 0.1298  -0.1028 -0.0260 5  GLU A OE2 
23  N N   . ILE A 4  ? 0.2071 0.3023 0.1928 0.0260  -0.0254 0.0020  6  ILE A N   
24  C CA  . ILE A 4  ? 0.1972 0.2388 0.2065 -0.0003 -0.0135 -0.0074 6  ILE A CA  
25  C C   . ILE A 4  ? 0.2270 0.2538 0.2372 0.0482  -0.0086 -0.0196 6  ILE A C   
26  O O   . ILE A 4  ? 0.2754 0.2916 0.3221 0.0520  -0.0041 -0.0303 6  ILE A O   
27  C CB  . ILE A 4  ? 0.2219 0.2593 0.2088 -0.0525 -0.0090 0.0105  6  ILE A CB  
28  C CG1 . ILE A 4  ? 0.2353 0.2595 0.2113 -0.0316 -0.0029 0.0440  6  ILE A CG1 
29  C CG2 . ILE A 4  ? 0.2215 0.3084 0.1860 -0.0621 -0.0134 0.0183  6  ILE A CG2 
30  C CD1 . ILE A 4  ? 0.3428 0.3150 0.2025 -0.0956 -0.0127 0.0404  6  ILE A CD1 
31  N N   . LEU A 5  ? 0.2351 0.2002 0.1988 0.0079  -0.0205 0.0396  7  LEU A N   
32  C CA  . LEU A 5  ? 0.3147 0.1911 0.1950 0.0148  -0.0031 0.0297  7  LEU A CA  
33  C C   . LEU A 5  ? 0.3333 0.1662 0.1934 0.0294  -0.0046 0.0209  7  LEU A C   
34  O O   . LEU A 5  ? 0.4043 0.1680 0.2332 0.0278  0.0055  0.0215  7  LEU A O   
35  C CB  . LEU A 5  ? 0.3768 0.2249 0.1912 -0.0046 0.0194  0.0424  7  LEU A CB  
36  C CG  . LEU A 5  ? 0.4347 0.2526 0.2396 0.0171  0.0087  0.0772  7  LEU A CG  
37  C CD1 . LEU A 5  ? 0.4763 0.2503 0.2576 -0.0195 0.0539  0.0716  7  LEU A CD1 
38  C CD2 . LEU A 5  ? 0.5001 0.2935 0.2714 0.0119  -0.0315 0.0584  7  LEU A CD2 
39  N N   . GLU A 6  ? 0.2576 0.1658 0.1665 -0.0051 0.0051  0.0267  8  GLU A N   
40  C CA  . GLU A 6  ? 0.2640 0.1610 0.1842 -0.0320 -0.0105 0.0253  8  GLU A CA  
41  C C   . GLU A 6  ? 0.2115 0.1421 0.1578 -0.0031 -0.0027 0.0046  8  GLU A C   
42  O O   . GLU A 6  ? 0.1920 0.1650 0.1692 -0.0036 0.0148  0.0119  8  GLU A O   
43  C CB  . GLU A 6  ? 0.3115 0.2139 0.1995 -0.0872 -0.0146 0.0185  8  GLU A CB  
44  C CG  . GLU A 6  ? 0.3887 0.2545 0.2622 -0.1263 0.0144  -0.0414 8  GLU A CG  
45  C CD  . GLU A 6  ? 0.4387 0.3090 0.3719 -0.1601 0.0014  -0.0790 8  GLU A CD  
46  O OE1 . GLU A 6  ? 0.4548 0.3431 0.4315 -0.0941 -0.0417 -0.1006 8  GLU A OE1 
47  O OE2 . GLU A 6  ? 0.5058 0.4208 0.4532 -0.1891 -0.0083 -0.1134 8  GLU A OE2 
48  N N   . LEU A 7  ? 0.2027 0.1452 0.1593 0.0139  -0.0040 0.0114  9  LEU A N   
49  C CA  . LEU A 7  ? 0.1499 0.1375 0.1655 0.0102  -0.0026 0.0158  9  LEU A CA  
50  C C   . LEU A 7  ? 0.1868 0.1278 0.1682 0.0054  -0.0065 -0.0138 9  LEU A C   
51  O O   . LEU A 7  ? 0.1866 0.1451 0.1819 0.0057  -0.0185 0.0060  9  LEU A O   
52  C CB  . LEU A 7  ? 0.1797 0.1821 0.1544 0.0342  -0.0079 0.0162  9  LEU A CB  
53  C CG  . LEU A 7  ? 0.1667 0.1658 0.1818 0.0313  0.0040  0.0033  9  LEU A CG  
54  C CD1 . LEU A 7  ? 0.1659 0.2274 0.2059 0.0442  0.0200  0.0178  9  LEU A CD1 
55  C CD2 . LEU A 7  ? 0.1747 0.1790 0.1777 0.0139  -0.0020 0.0131  9  LEU A CD2 
56  N N   . LEU A 8  ? 0.1840 0.1407 0.1582 0.0108  -0.0170 0.0044  10 LEU A N   
57  C CA  . LEU A 8  ? 0.1728 0.1384 0.1438 0.0268  0.0014  -0.0001 10 LEU A CA  
58  C C   . LEU A 8  ? 0.1603 0.1384 0.1705 0.0121  -0.0075 0.0059  10 LEU A C   
59  O O   . LEU A 8  ? 0.1701 0.2155 0.1928 0.0389  -0.0194 -0.0303 10 LEU A O   
60  C CB  . LEU A 8  ? 0.1625 0.1409 0.1556 0.0132  0.0006  0.0044  10 LEU A CB  
61  C CG  . LEU A 8  ? 0.1897 0.1288 0.1902 0.0070  0.0135  -0.0097 10 LEU A CG  
62  C CD1 . LEU A 8  ? 0.1958 0.1662 0.2319 -0.0097 0.0419  -0.0318 10 LEU A CD1 
63  C CD2 . LEU A 8  ? 0.1816 0.1653 0.2206 0.0164  0.0249  -0.0116 10 LEU A CD2 
64  N N   . LYS A 9  ? 0.1761 0.1415 0.1499 0.0158  -0.0073 -0.0019 11 LYS A N   
65  C CA  . LYS A 9  ? 0.2182 0.1256 0.1514 0.0098  -0.0122 -0.0120 11 LYS A CA  
66  C C   . LYS A 9  ? 0.2290 0.1331 0.1532 0.0212  -0.0056 -0.0070 11 LYS A C   
67  O O   . LYS A 9  ? 0.2212 0.1408 0.1944 0.0231  -0.0248 -0.0009 11 LYS A O   
68  C CB  . LYS A 9  ? 0.2213 0.1446 0.1977 0.0253  -0.0231 -0.0047 11 LYS A CB  
69  C CG  . LYS A 9  ? 0.2140 0.1378 0.2623 -0.0098 -0.0376 -0.0006 11 LYS A CG  
70  C CD  . LYS A 9  ? 0.2304 0.1602 0.2844 -0.0118 -0.0252 -0.0169 11 LYS A CD  
71  C CE  . LYS A 9  ? 0.1921 0.2486 0.2751 -0.0343 -0.0135 -0.0062 11 LYS A CE  
72  N NZ  . LYS A 9  ? 0.2270 0.2050 0.3156 -0.0362 0.0011  -0.0647 11 LYS A NZ  
73  N N   . ASN A 10 ? 0.2657 0.1512 0.1479 0.0355  0.0165  0.0017  12 ASN A N   
74  C CA  . ASN A 10 ? 0.3204 0.1615 0.1664 -0.0053 -0.0145 0.0082  12 ASN A CA  
75  C C   . ASN A 10 ? 0.3657 0.1430 0.1675 -0.0397 -0.0457 0.0220  12 ASN A C   
76  O O   . ASN A 10 ? 0.4092 0.1570 0.2101 -0.0272 -0.0507 0.0131  12 ASN A O   
77  C CB  . ASN A 10 ? 0.3514 0.1928 0.1618 0.0201  0.0372  -0.0103 12 ASN A CB  
78  C CG  . ASN A 10 ? 0.3216 0.1950 0.1856 0.0694  0.0368  0.0051  12 ASN A CG  
79  O OD1 . ASN A 10 ? 0.2704 0.1700 0.1805 0.0493  0.0267  0.0032  12 ASN A OD1 
80  N ND2 . ASN A 10 ? 0.3806 0.2458 0.2330 0.1134  0.0558  -0.0036 12 ASN A ND2 
81  N N   . ALA A 11 ? 0.3190 0.1567 0.1694 -0.0282 -0.0395 0.0121  13 ALA A N   
82  C CA  . ALA A 11 ? 0.3050 0.1844 0.1613 -0.0394 -0.0316 0.0295  13 ALA A CA  
83  C C   . ALA A 11 ? 0.2904 0.1786 0.1690 -0.0038 -0.0328 0.0086  13 ALA A C   
84  O O   . ALA A 11 ? 0.2763 0.1769 0.1720 -0.0284 -0.0264 0.0162  13 ALA A O   
85  C CB  . ALA A 11 ? 0.2674 0.2442 0.2011 -0.0509 0.0068  0.0184  13 ALA A CB  
86  N N   . ALA A 12 ? 0.3123 0.1860 0.1657 -0.0175 -0.0416 0.0180  14 ALA A N   
87  C CA  . ALA A 12 ? 0.2335 0.2121 0.1645 -0.0055 -0.0361 -0.0102 14 ALA A CA  
88  C C   . ALA A 12 ? 0.2642 0.2241 0.1676 -0.0130 -0.0161 -0.0142 14 ALA A C   
89  O O   . ALA A 12 ? 0.2864 0.2206 0.2390 -0.0226 -0.0329 -0.0196 14 ALA A O   
90  C CB  . ALA A 12 ? 0.2767 0.2708 0.1834 0.0213  -0.0078 -0.0193 14 ALA A CB  
91  N N   . VAL A 13 ? 0.2447 0.2193 0.1700 0.0103  -0.0099 -0.0018 15 VAL A N   
92  C CA  . VAL A 13 ? 0.2684 0.2394 0.2282 0.0116  -0.0021 0.0047  15 VAL A CA  
93  C C   . VAL A 13 ? 0.2678 0.2387 0.2137 -0.0041 -0.0352 0.0277  15 VAL A C   
94  O O   . VAL A 13 ? 0.2781 0.2688 0.2273 -0.0306 -0.0390 0.0290  15 VAL A O   
95  C CB  . VAL A 13 ? 0.4071 0.2978 0.2552 0.0556  0.0059  0.0179  15 VAL A CB  
96  C CG1 . VAL A 13 ? 0.4412 0.3012 0.2484 0.0611  0.0283  0.0299  15 VAL A CG1 
97  C CG2 . VAL A 13 ? 0.4739 0.3520 0.2284 0.0619  -0.0100 -0.0370 15 VAL A CG2 
98  N N   . ARG A 14 ? 0.2756 0.2895 0.2199 0.0166  -0.0607 -0.0086 16 ARG A N   
99  C CA  . ARG A 14 ? 0.2746 0.2788 0.2037 0.0041  -0.0474 -0.0334 16 ARG A CA  
100 C C   . ARG A 14 ? 0.2648 0.2903 0.1996 -0.0007 -0.0430 -0.0175 16 ARG A C   
101 O O   . ARG A 14 ? 0.2764 0.2668 0.1999 0.0249  -0.0391 -0.0112 16 ARG A O   
102 C CB  . ARG A 14 ? 0.3292 0.3436 0.2557 -0.0213 -0.0477 -0.0678 16 ARG A CB  
103 C CG  . ARG A 14 ? 0.4173 0.4138 0.2886 -0.0221 -0.0362 -0.0788 16 ARG A CG  
104 C CD  . ARG A 14 ? 0.6240 0.5261 0.3290 -0.0103 -0.0029 -0.0611 16 ARG A CD  
105 N NE  . ARG A 14 ? 0.7803 0.5919 0.3507 -0.0380 0.0088  -0.0615 16 ARG A NE  
106 C CZ  . ARG A 14 ? 0.8667 0.6168 0.3818 -0.0597 0.0056  -0.0604 16 ARG A CZ  
107 N NH1 . ARG A 14 ? 0.9024 0.6127 0.3959 -0.0943 0.0033  -0.0383 16 ARG A NH1 
108 N NH2 . ARG A 14 ? 0.8872 0.6140 0.4099 -0.0545 0.0081  -0.0783 16 ARG A NH2 
109 N N   . ALA A 15 ? 0.2603 0.3103 0.2154 -0.0001 -0.0295 0.0092  17 ALA A N   
110 C CA  . ALA A 15 ? 0.2687 0.3130 0.2352 -0.0066 -0.0236 0.0073  17 ALA A CA  
111 C C   . ALA A 15 ? 0.2790 0.3060 0.1893 0.0068  -0.0547 0.0212  17 ALA A C   
112 O O   . ALA A 15 ? 0.2854 0.3391 0.1844 -0.0043 -0.0472 0.0140  17 ALA A O   
113 C CB  . ALA A 15 ? 0.3545 0.3699 0.2261 -0.0255 0.0159  0.0247  17 ALA A CB  
114 N N   . GLY A 16 ? 0.2677 0.2946 0.2040 0.0366  -0.0431 -0.0017 18 GLY A N   
115 C CA  . GLY A 16 ? 0.2730 0.3444 0.2344 0.0347  -0.0408 0.0549  18 GLY A CA  
116 C C   . GLY A 16 ? 0.2399 0.3397 0.2781 0.0110  -0.0187 0.0148  18 GLY A C   
117 O O   . GLY A 16 ? 0.2236 0.3980 0.3017 0.0344  -0.0008 0.0292  18 GLY A O   
118 N N   . ALA A 17 ? 0.2686 0.3068 0.2164 0.0149  -0.0493 0.0041  19 ALA A N   
119 C CA  . ALA A 17 ? 0.2876 0.2721 0.2330 -0.0063 -0.0449 -0.0316 19 ALA A CA  
120 C C   . ALA A 17 ? 0.2068 0.2065 0.2220 -0.0079 -0.0562 0.0002  19 ALA A C   
121 O O   . ALA A 17 ? 0.2313 0.2114 0.2389 -0.0007 -0.0465 -0.0229 19 ALA A O   
122 C CB  . ALA A 17 ? 0.3280 0.2717 0.2692 -0.0173 -0.0315 -0.0501 19 ALA A CB  
123 N N   . GLN A 18 ? 0.2106 0.2125 0.2090 -0.0015 -0.0503 -0.0250 20 GLN A N   
124 C CA  . GLN A 18 ? 0.2248 0.2709 0.2059 0.0141  -0.0415 -0.0001 20 GLN A CA  
125 C C   . GLN A 18 ? 0.1729 0.2411 0.2192 0.0028  -0.0404 0.0197  20 GLN A C   
126 O O   . GLN A 18 ? 0.2201 0.2413 0.2359 0.0245  -0.0244 -0.0362 20 GLN A O   
127 C CB  . GLN A 18 ? 0.2344 0.3789 0.2330 0.0448  -0.0010 0.0274  20 GLN A CB  
128 C CG  . GLN A 18 ? 0.2750 0.5170 0.3055 0.0833  -0.0532 0.0147  20 GLN A CG  
129 C CD  . GLN A 18 ? 0.4471 0.5551 0.3078 0.0095  -0.0641 0.0547  20 GLN A CD  
130 O OE1 . GLN A 18 ? 0.3816 0.5681 0.3885 0.0536  -0.0480 -0.0388 20 GLN A OE1 
131 N NE2 . GLN A 18 ? 0.5339 0.5854 0.3424 -0.0314 -0.0877 0.0439  20 GLN A NE2 
132 N N   . ALA A 19 ? 0.1932 0.2152 0.2010 0.0257  -0.0370 0.0025  21 ALA A N   
133 C CA  . ALA A 19 ? 0.1770 0.2033 0.1973 0.0175  -0.0234 0.0067  21 ALA A CA  
134 C C   . ALA A 19 ? 0.1783 0.1709 0.1926 0.0251  -0.0284 -0.0020 21 ALA A C   
135 O O   . ALA A 19 ? 0.2162 0.2197 0.2062 0.0393  -0.0436 -0.0208 21 ALA A O   
136 C CB  . ALA A 19 ? 0.2042 0.2804 0.2326 0.0259  -0.0082 0.0482  21 ALA A CB  
137 N N   . CYS A 20 ? 0.1872 0.1817 0.2028 0.0076  -0.0114 0.0041  22 CYS A N   
138 C CA  A CYS A 20 ? 0.1757 0.1929 0.2067 -0.0219 0.0004  0.0384  22 CYS A CA  
139 C CA  B CYS A 20 ? 0.1777 0.1971 0.2057 -0.0172 -0.0022 0.0376  22 CYS A CA  
140 C CA  C CYS A 20 ? 0.1775 0.1956 0.2077 -0.0204 -0.0013 0.0386  22 CYS A CA  
141 C C   . CYS A 20 ? 0.1709 0.1879 0.2093 -0.0239 -0.0202 0.0286  22 CYS A C   
142 O O   . CYS A 20 ? 0.2209 0.1984 0.2067 0.0255  -0.0092 -0.0300 22 CYS A O   
149 N N   . PHE A 21 ? 0.1608 0.1658 0.1564 -0.0131 -0.0092 0.0127  23 PHE A N   
150 C CA  . PHE A 21 ? 0.1702 0.1752 0.1363 0.0002  -0.0035 0.0197  23 PHE A CA  
151 C C   . PHE A 21 ? 0.1707 0.1659 0.1607 -0.0045 0.0112  0.0152  23 PHE A C   
152 O O   . PHE A 21 ? 0.2132 0.1667 0.1698 0.0094  0.0293  0.0271  23 PHE A O   
153 C CB  . PHE A 21 ? 0.1700 0.1603 0.1528 -0.0118 0.0013  0.0089  23 PHE A CB  
154 C CG  . PHE A 21 ? 0.1759 0.1545 0.1485 0.0029  -0.0075 0.0143  23 PHE A CG  
155 C CD1 . PHE A 21 ? 0.1679 0.1548 0.1704 0.0055  0.0189  -0.0062 23 PHE A CD1 
156 C CD2 . PHE A 21 ? 0.1924 0.1497 0.1533 -0.0246 -0.0037 0.0074  23 PHE A CD2 
157 C CE1 . PHE A 21 ? 0.2195 0.1446 0.1812 0.0082  0.0359  0.0114  23 PHE A CE1 
158 C CE2 . PHE A 21 ? 0.1946 0.1561 0.1802 -0.0112 0.0053  0.0190  23 PHE A CE2 
159 C CZ  . PHE A 21 ? 0.2340 0.1479 0.1750 -0.0042 0.0206  0.0034  23 PHE A CZ  
160 N N   . THR A 22 ? 0.1527 0.1591 0.1593 -0.0013 -0.0052 0.0239  24 THR A N   
161 C CA  . THR A 22 ? 0.1516 0.1762 0.1587 -0.0033 -0.0146 0.0290  24 THR A CA  
162 C C   . THR A 22 ? 0.1662 0.1724 0.1488 -0.0138 0.0101  0.0168  24 THR A C   
163 O O   . THR A 22 ? 0.1800 0.2092 0.1704 0.0176  0.0007  0.0259  24 THR A O   
164 C CB  . THR A 22 ? 0.1688 0.1926 0.1899 -0.0401 -0.0133 0.0091  24 THR A CB  
165 O OG1 . THR A 22 ? 0.2583 0.2222 0.2736 -0.0474 -0.0250 -0.0130 24 THR A OG1 
166 C CG2 . THR A 22 ? 0.1873 0.2644 0.2526 -0.0330 -0.0246 -0.0023 24 THR A CG2 
167 N N   . CYS A 23 ? 0.1784 0.1965 0.1506 -0.0118 -0.0062 0.0327  25 CYS A N   
168 C CA  A CYS A 23 ? 0.0918 0.2355 0.2047 -0.0213 -0.0165 0.0410  25 CYS A CA  
169 C CA  B CYS A 23 ? 0.2121 0.2005 0.1622 0.0041  0.0063  0.0411  25 CYS A CA  
170 C C   . CYS A 23 ? 0.1766 0.2117 0.1793 0.0054  0.0025  0.0128  25 CYS A C   
171 O O   . CYS A 23 ? 0.1962 0.2799 0.2154 0.0473  0.0208  0.0793  25 CYS A O   
172 C CB  A CYS A 23 ? 0.1202 0.2354 0.2225 -0.0404 -0.0309 0.0106  25 CYS A CB  
173 C CB  B CYS A 23 ? 0.2895 0.1775 0.1973 -0.0400 0.0011  0.0167  25 CYS A CB  
174 S SG  A CYS A 23 ? 0.1455 0.1346 0.1790 0.0021  -0.0301 -0.0106 25 CYS A SG  
175 S SG  B CYS A 23 ? 0.2334 0.1737 0.2581 -0.0223 -0.0037 -0.0190 25 CYS A SG  
176 N N   . THR A 24 ? 0.1892 0.1834 0.1491 -0.0016 -0.0156 0.0285  26 THR A N   
177 C CA  . THR A 24 ? 0.2085 0.1868 0.1487 -0.0266 -0.0159 0.0370  26 THR A CA  
178 C C   . THR A 24 ? 0.1961 0.1826 0.1402 -0.0180 -0.0127 0.0305  26 THR A C   
179 O O   . THR A 24 ? 0.1947 0.1927 0.1730 0.0022  -0.0042 0.0238  26 THR A O   
180 C CB  . THR A 24 ? 0.2666 0.2021 0.2021 -0.0603 -0.0255 0.0501  26 THR A CB  
181 O OG1 . THR A 24 ? 0.2889 0.2448 0.2291 -0.0634 -0.0608 0.0237  26 THR A OG1 
182 C CG2 . THR A 24 ? 0.3015 0.2318 0.2103 -0.0700 0.0238  0.0319  26 THR A CG2 
183 N N   . LEU A 25 ? 0.2045 0.1927 0.1479 -0.0181 -0.0114 0.0288  27 LEU A N   
184 C CA  . LEU A 25 ? 0.2312 0.1757 0.1635 -0.0236 -0.0303 0.0227  27 LEU A CA  
185 C C   . LEU A 25 ? 0.2296 0.2220 0.1816 -0.0316 -0.0271 0.0280  27 LEU A C   
186 O O   . LEU A 25 ? 0.2721 0.2141 0.1864 -0.0152 -0.0259 0.0369  27 LEU A O   
187 C CB  . LEU A 25 ? 0.1982 0.2014 0.1755 0.0032  -0.0129 0.0351  27 LEU A CB  
188 C CG  . LEU A 25 ? 0.2351 0.2019 0.2070 -0.0040 0.0102  0.0319  27 LEU A CG  
189 C CD1 . LEU A 25 ? 0.2960 0.1983 0.2062 0.0002  -0.0067 0.0101  27 LEU A CD1 
190 C CD2 . LEU A 25 ? 0.3108 0.2316 0.2867 -0.0515 0.0532  0.0466  27 LEU A CD2 
191 N N   . SER A 26 ? 0.2625 0.2186 0.1903 0.0038  -0.0221 0.0313  28 SER A N   
192 C CA  . SER A 26 ? 0.3247 0.2549 0.2000 0.0305  -0.0201 0.0729  28 SER A CA  
193 C C   . SER A 26 ? 0.3345 0.2711 0.2013 0.0242  -0.0182 0.0736  28 SER A C   
194 O O   . SER A 26 ? 0.4402 0.2539 0.2115 0.0008  0.0073  0.0775  28 SER A O   
195 C CB  . SER A 26 ? 0.3640 0.2649 0.2155 0.0498  -0.0432 0.0552  28 SER A CB  
196 O OG  . SER A 26 ? 0.3134 0.3077 0.2285 0.0628  -0.0736 0.0238  28 SER A OG  
197 N N   . GLU A 27 ? 0.2774 0.2550 0.1784 0.0024  -0.0021 0.0412  29 GLU A N   
198 C CA  . GLU A 27 ? 0.3159 0.3019 0.1641 0.0186  -0.0133 0.0322  29 GLU A CA  
199 C C   . GLU A 27 ? 0.2712 0.2610 0.1862 -0.0283 0.0073  0.0434  29 GLU A C   
200 O O   . GLU A 27 ? 0.2732 0.2477 0.1907 -0.0140 0.0054  0.0382  29 GLU A O   
201 C CB  . GLU A 27 ? 0.3585 0.3533 0.2176 0.0067  0.0051  0.0308  29 GLU A CB  
202 C CG  . GLU A 27 ? 0.3543 0.3298 0.2421 -0.0155 -0.0200 0.0467  29 GLU A CG  
203 C CD  . GLU A 27 ? 0.4386 0.3964 0.2775 0.0037  -0.0320 0.0193  29 GLU A CD  
204 O OE1 . GLU A 27 ? 0.4676 0.3654 0.2727 -0.0172 -0.0317 0.0098  29 GLU A OE1 
205 O OE2 . GLU A 27 ? 0.4993 0.4226 0.2707 0.0056  -0.0519 0.0126  29 GLU A OE2 
206 N N   . ALA A 28 ? 0.2674 0.2585 0.1869 -0.0232 0.0061  0.0348  30 ALA A N   
207 C CA  . ALA A 28 ? 0.2632 0.2631 0.2251 -0.0269 0.0141  0.0335  30 ALA A CA  
208 C C   . ALA A 28 ? 0.3020 0.2845 0.2033 -0.0614 0.0050  0.0155  30 ALA A C   
209 O O   . ALA A 28 ? 0.4419 0.2971 0.2305 -0.0629 0.0094  0.0205  30 ALA A O   
210 C CB  . ALA A 28 ? 0.2445 0.3022 0.2438 -0.0434 0.0260  0.0562  30 ALA A CB  
211 N N   . VAL A 29 ? 0.2728 0.2728 0.2544 -0.0506 0.0153  0.0436  31 VAL A N   
212 C CA  . VAL A 29 ? 0.2509 0.2525 0.2759 -0.0115 0.0086  0.0313  31 VAL A CA  
213 C C   . VAL A 29 ? 0.2223 0.2449 0.2488 -0.0182 0.0151  0.0078  31 VAL A C   
214 O O   . VAL A 29 ? 0.2677 0.2780 0.2168 -0.0274 0.0227  0.0074  31 VAL A O   
215 C CB  . VAL A 29 ? 0.2597 0.2671 0.2650 -0.0062 0.0188  0.0267  31 VAL A CB  
216 C CG1 . VAL A 29 ? 0.2935 0.2569 0.2944 -0.0277 0.0039  0.0082  31 VAL A CG1 
217 C CG2 . VAL A 29 ? 0.2497 0.2956 0.2945 -0.0035 -0.0150 0.0308  31 VAL A CG2 
218 N N   . PRO A 30 ? 0.2486 0.2458 0.2353 -0.0185 0.0374  0.0029  32 PRO A N   
219 C CA  . PRO A 30 ? 0.2596 0.2568 0.2765 -0.0111 0.0438  -0.0016 32 PRO A CA  
220 C C   . PRO A 30 ? 0.2316 0.2483 0.2619 -0.0033 0.0384  0.0100  32 PRO A C   
221 O O   . PRO A 30 ? 0.2234 0.2748 0.2657 -0.0010 0.0284  0.0011  32 PRO A O   
222 C CB  . PRO A 30 ? 0.3876 0.2975 0.1936 0.0161  0.0858  -0.0143 32 PRO A CB  
223 C CG  . PRO A 30 ? 0.4034 0.3491 0.2227 0.0302  0.0262  -0.0299 32 PRO A CG  
224 C CD  . PRO A 30 ? 0.3307 0.3152 0.2049 -0.0124 0.0614  -0.0242 32 PRO A CD  
225 N N   . VAL A 31 ? 0.2470 0.3044 0.2509 -0.0071 0.0245  0.0087  33 VAL A N   
226 C CA  . VAL A 31 ? 0.2782 0.3239 0.2536 -0.0044 0.0119  0.0165  33 VAL A CA  
227 C C   . VAL A 31 ? 0.2431 0.2952 0.2637 0.0297  0.0292  -0.0164 33 VAL A C   
228 O O   . VAL A 31 ? 0.2521 0.3459 0.2630 -0.0157 0.0464  0.0107  33 VAL A O   
229 C CB  . VAL A 31 ? 0.2648 0.3255 0.2731 0.0353  0.0133  0.0280  33 VAL A CB  
230 C CG1 . VAL A 31 ? 0.2942 0.3397 0.2853 0.0695  0.0320  0.0532  33 VAL A CG1 
231 C CG2 . VAL A 31 ? 0.2983 0.3569 0.2299 -0.0237 0.0007  0.0402  33 VAL A CG2 
232 N N   . GLY A 32 ? 0.2645 0.2510 0.2838 0.0276  0.0269  -0.0215 34 GLY A N   
233 C CA  . GLY A 32 ? 0.2593 0.2501 0.2988 0.0012  0.0293  0.0015  34 GLY A CA  
234 C C   . GLY A 32 ? 0.2676 0.2448 0.2549 -0.0258 0.0114  -0.0015 34 GLY A C   
235 O O   . GLY A 32 ? 0.3228 0.2586 0.2935 -0.0426 -0.0015 0.0022  34 GLY A O   
236 N N   . GLU A 33 ? 0.2668 0.2449 0.2072 -0.0153 0.0243  -0.0266 35 GLU A N   
237 C CA  . GLU A 33 ? 0.2592 0.2429 0.1850 -0.0231 0.0214  -0.0225 35 GLU A CA  
238 C C   . GLU A 33 ? 0.2739 0.2452 0.2125 -0.0373 0.0225  -0.0334 35 GLU A C   
239 O O   . GLU A 33 ? 0.2578 0.3049 0.2822 -0.0168 0.0234  0.0045  35 GLU A O   
240 C CB  . GLU A 33 ? 0.2967 0.2571 0.2010 -0.0303 0.0045  -0.0192 35 GLU A CB  
241 C CG  . GLU A 33 ? 0.3581 0.2925 0.2332 -0.0547 -0.0062 0.0105  35 GLU A CG  
242 C CD  . GLU A 33 ? 0.4597 0.2915 0.2659 -0.0911 -0.0266 0.0032  35 GLU A CD  
243 O OE1 . GLU A 33 ? 0.4343 0.3052 0.2898 -0.0679 -0.0683 -0.0103 35 GLU A OE1 
244 O OE2 . GLU A 33 ? 0.6615 0.4038 0.2377 -0.0629 -0.0113 0.0052  35 GLU A OE2 
245 N N   . ALA A 34 ? 0.3130 0.2171 0.1814 -0.0672 0.0595  -0.0254 36 ALA A N   
246 C CA  . ALA A 34 ? 0.3157 0.2070 0.2185 -0.0647 0.0853  -0.0100 36 ALA A CA  
247 C C   . ALA A 34 ? 0.2040 0.2329 0.2207 -0.0070 0.0387  -0.0199 36 ALA A C   
248 O O   . ALA A 34 ? 0.2175 0.2444 0.2682 -0.0151 0.0498  -0.0134 36 ALA A O   
249 C CB  . ALA A 34 ? 0.4681 0.2282 0.2388 -0.1104 0.1117  -0.0455 36 ALA A CB  
250 N N   . SER A 35 ? 0.1999 0.1847 0.1655 -0.0284 0.0276  -0.0057 37 SER A N   
251 C CA  . SER A 35 ? 0.2202 0.1911 0.1543 0.0022  0.0242  -0.0012 37 SER A CA  
252 C C   . SER A 35 ? 0.1935 0.1419 0.1666 0.0037  0.0226  0.0065  37 SER A C   
253 O O   . SER A 35 ? 0.2140 0.1880 0.1728 0.0445  -0.0039 -0.0019 37 SER A O   
254 C CB  . SER A 35 ? 0.3193 0.1911 0.1725 -0.0733 0.0465  -0.0387 37 SER A CB  
255 O OG  . SER A 35 ? 0.4311 0.2138 0.2073 -0.0732 0.0597  -0.0314 37 SER A OG  
256 N N   . TRP A 36 ? 0.1557 0.1513 0.1546 0.0047  0.0074  0.0097  38 TRP A N   
257 C CA  . TRP A 36 ? 0.1381 0.1360 0.1555 -0.0121 0.0099  0.0116  38 TRP A CA  
258 C C   . TRP A 36 ? 0.1157 0.1223 0.1719 0.0075  0.0036  -0.0054 38 TRP A C   
259 O O   . TRP A 36 ? 0.1459 0.1272 0.1856 0.0108  0.0119  -0.0103 38 TRP A O   
260 C CB  . TRP A 36 ? 0.1588 0.1301 0.1758 -0.0151 -0.0014 0.0194  38 TRP A CB  
261 C CG  . TRP A 36 ? 0.1355 0.1433 0.1716 -0.0073 0.0086  0.0179  38 TRP A CG  
262 C CD1 . TRP A 36 ? 0.1538 0.1448 0.1813 -0.0077 -0.0027 0.0131  38 TRP A CD1 
263 C CD2 . TRP A 36 ? 0.1335 0.1311 0.1674 0.0011  0.0068  0.0186  38 TRP A CD2 
264 N NE1 . TRP A 36 ? 0.1488 0.1448 0.1858 -0.0060 0.0138  0.0188  38 TRP A NE1 
265 C CE2 . TRP A 36 ? 0.1302 0.1474 0.1774 -0.0022 0.0065  0.0172  38 TRP A CE2 
266 C CE3 . TRP A 36 ? 0.1383 0.1311 0.1684 0.0052  -0.0026 0.0256  38 TRP A CE3 
267 C CZ2 . TRP A 36 ? 0.1380 0.1376 0.1826 0.0019  0.0013  0.0240  38 TRP A CZ2 
268 C CZ3 . TRP A 36 ? 0.1388 0.1348 0.1793 0.0002  -0.0078 0.0166  38 TRP A CZ3 
269 C CH2 . TRP A 36 ? 0.1367 0.1427 0.1931 -0.0101 -0.0107 0.0235  38 TRP A CH2 
270 N N   . TYR A 37 ? 0.1315 0.1132 0.1495 0.0008  0.0030  0.0012  39 TYR A N   
271 C CA  . TYR A 37 ? 0.1373 0.1285 0.1429 -0.0100 -0.0012 0.0034  39 TYR A CA  
272 C C   . TYR A 37 ? 0.1355 0.1003 0.1790 0.0059  0.0064  0.0036  39 TYR A C   
273 O O   . TYR A 37 ? 0.1637 0.1144 0.1606 0.0012  -0.0076 0.0062  39 TYR A O   
274 C CB  . TYR A 37 ? 0.1346 0.1272 0.1718 -0.0023 -0.0077 0.0078  39 TYR A CB  
275 C CG  . TYR A 37 ? 0.1222 0.1384 0.1503 -0.0031 -0.0090 -0.0021 39 TYR A CG  
276 C CD1 . TYR A 37 ? 0.1538 0.1523 0.1666 -0.0022 -0.0008 0.0127  39 TYR A CD1 
277 C CD2 . TYR A 37 ? 0.1495 0.1335 0.1703 -0.0139 0.0029  -0.0002 39 TYR A CD2 
278 C CE1 . TYR A 37 ? 0.1509 0.1620 0.1605 -0.0025 -0.0051 0.0066  39 TYR A CE1 
279 C CE2 . TYR A 37 ? 0.1449 0.1417 0.1711 -0.0078 0.0063  -0.0062 39 TYR A CE2 
280 C CZ  . TYR A 37 ? 0.1647 0.1509 0.1611 -0.0231 -0.0122 0.0070  39 TYR A CZ  
281 O OH  . TYR A 37 ? 0.1875 0.1800 0.1580 -0.0180 -0.0185 -0.0062 39 TYR A OH  
282 N N   . ILE A 38 ? 0.1575 0.1171 0.1548 -0.0024 -0.0024 0.0158  40 ILE A N   
283 C CA  . ILE A 38 ? 0.1569 0.1261 0.1631 -0.0062 -0.0093 0.0158  40 ILE A CA  
284 C C   . ILE A 38 ? 0.1569 0.1185 0.1586 -0.0033 -0.0108 0.0020  40 ILE A C   
285 O O   . ILE A 38 ? 0.1810 0.1205 0.1724 0.0040  -0.0221 0.0092  40 ILE A O   
286 C CB  . ILE A 38 ? 0.1595 0.1647 0.1772 0.0228  -0.0238 -0.0008 40 ILE A CB  
287 C CG1 . ILE A 38 ? 0.1950 0.1772 0.1744 -0.0044 -0.0227 -0.0060 40 ILE A CG1 
288 C CG2 . ILE A 38 ? 0.1896 0.1996 0.2366 0.0171  -0.0252 -0.0044 40 ILE A CG2 
289 C CD1 . ILE A 38 ? 0.2163 0.1847 0.2024 0.0126  -0.0174 -0.0014 40 ILE A CD1 
290 N N   . ASN A 39 ? 0.1675 0.1386 0.1521 -0.0093 0.0070  0.0176  41 ASN A N   
291 C CA  . ASN A 39 ? 0.1858 0.1465 0.1532 -0.0285 0.0058  0.0006  41 ASN A CA  
292 C C   . ASN A 39 ? 0.1653 0.1524 0.1832 -0.0207 0.0183  0.0050  41 ASN A C   
293 O O   . ASN A 39 ? 0.2211 0.1457 0.2117 -0.0378 0.0155  0.0150  41 ASN A O   
294 C CB  . ASN A 39 ? 0.2598 0.1753 0.1657 -0.0333 0.0027  0.0204  41 ASN A CB  
295 C CG  . ASN A 39 ? 0.2555 0.1689 0.1724 -0.0390 -0.0142 0.0191  41 ASN A CG  
296 O OD1 . ASN A 39 ? 0.2655 0.1820 0.1778 -0.0302 0.0296  0.0075  41 ASN A OD1 
297 N ND2 . ASN A 39 ? 0.2619 0.2334 0.1938 -0.0354 -0.0153 0.0271  41 ASN A ND2 
298 N N   . GLY A 40 ? 0.1660 0.1414 0.1558 -0.0121 0.0153  0.0047  42 GLY A N   
299 C CA  . GLY A 40 ? 0.1567 0.1447 0.1630 -0.0004 -0.0019 -0.0319 42 GLY A CA  
300 C C   . GLY A 40 ? 0.1451 0.1251 0.1649 -0.0083 -0.0201 0.0106  42 GLY A C   
301 O O   . GLY A 40 ? 0.1674 0.1266 0.1781 -0.0069 -0.0215 -0.0109 42 GLY A O   
302 N N   . ALA A 41 ? 0.1564 0.1183 0.1781 -0.0011 -0.0027 -0.0015 43 ALA A N   
303 C CA  . ALA A 41 ? 0.1582 0.1147 0.1929 0.0032  -0.0045 0.0036  43 ALA A CA  
304 C C   . ALA A 41 ? 0.1539 0.1091 0.1769 0.0002  -0.0012 -0.0034 43 ALA A C   
305 O O   . ALA A 41 ? 0.1635 0.1159 0.1906 -0.0029 0.0021  -0.0045 43 ALA A O   
306 C CB  . ALA A 41 ? 0.1765 0.1459 0.1997 0.0116  -0.0233 0.0072  43 ALA A CB  
307 N N   . ALA A 42 ? 0.1537 0.1210 0.1841 -0.0029 0.0038  0.0015  44 ALA A N   
308 C CA  . ALA A 42 ? 0.1470 0.1225 0.1921 0.0066  -0.0091 0.0017  44 ALA A CA  
309 C C   . ALA A 42 ? 0.1680 0.1155 0.1896 -0.0059 0.0103  -0.0028 44 ALA A C   
310 O O   . ALA A 42 ? 0.1631 0.1221 0.2471 -0.0004 -0.0093 0.0070  44 ALA A O   
311 C CB  . ALA A 42 ? 0.1811 0.1563 0.1927 -0.0026 0.0120  -0.0249 44 ALA A CB  
312 N N   . VAL A 43 ? 0.1494 0.1298 0.2081 -0.0052 0.0053  -0.0052 45 VAL A N   
313 C CA  . VAL A 43 ? 0.1266 0.1428 0.2196 0.0006  0.0072  -0.0169 45 VAL A CA  
314 C C   . VAL A 43 ? 0.1492 0.1817 0.2200 0.0151  -0.0013 -0.0031 45 VAL A C   
315 O O   . VAL A 43 ? 0.2048 0.2845 0.2346 0.0743  0.0107  0.0226  45 VAL A O   
316 C CB  . VAL A 43 ? 0.1525 0.1406 0.2173 -0.0199 0.0117  -0.0188 45 VAL A CB  
317 C CG1 . VAL A 43 ? 0.1771 0.1764 0.2612 -0.0407 -0.0106 -0.0160 45 VAL A CG1 
318 C CG2 . VAL A 43 ? 0.1791 0.1928 0.2016 -0.0077 0.0010  -0.0169 45 VAL A CG2 
319 N N   . GLN A 44 ? 0.1467 0.1673 0.2329 0.0177  0.0031  -0.0286 46 GLN A N   
320 C CA  . GLN A 44 ? 0.1527 0.1701 0.2793 0.0013  0.0064  -0.0582 46 GLN A CA  
321 C C   . GLN A 44 ? 0.1580 0.2076 0.2937 0.0039  0.0117  -0.0777 46 GLN A C   
322 O O   . GLN A 44 ? 0.1602 0.2339 0.3105 -0.0132 0.0171  -0.0864 46 GLN A O   
323 C CB  . GLN A 44 ? 0.1660 0.1511 0.3395 0.0217  -0.0051 -0.0321 46 GLN A CB  
324 C CG  . GLN A 44 ? 0.1939 0.1743 0.3227 0.0116  -0.0044 -0.0441 46 GLN A CG  
325 C CD  . GLN A 44 ? 0.1740 0.1669 0.3187 -0.0003 0.0114  -0.0705 46 GLN A CD  
326 O OE1 . GLN A 44 ? 0.1837 0.2629 0.3137 -0.0111 0.0191  -0.0972 46 GLN A OE1 
327 N NE2 . GLN A 44 ? 0.1839 0.1948 0.3196 0.0099  0.0182  -0.0516 46 GLN A NE2 
328 N N   . PRO A 45 ? 0.1668 0.2612 0.2728 0.0047  0.0165  -0.0662 47 PRO A N   
329 C CA  . PRO A 45 ? 0.2239 0.3089 0.3058 -0.0300 0.0484  -0.0706 47 PRO A CA  
330 C C   . PRO A 45 ? 0.1576 0.3431 0.3572 -0.0219 0.0367  -0.0969 47 PRO A C   
331 O O   . PRO A 45 ? 0.1950 0.4076 0.4390 -0.0302 0.0205  -0.1091 47 PRO A O   
332 C CB  . PRO A 45 ? 0.2784 0.3877 0.3022 -0.0247 0.0579  -0.0517 47 PRO A CB  
333 C CG  . PRO A 45 ? 0.2885 0.4295 0.3009 -0.0310 0.0623  -0.0799 47 PRO A CG  
334 C CD  . PRO A 45 ? 0.2308 0.3453 0.2715 0.0023  0.0298  -0.0646 47 PRO A CD  
335 N N   . ASP A 46 ? 0.1741 0.3261 0.3762 0.0161  -0.0011 -0.0975 48 ASP A N   
336 C CA  . ASP A 46 ? 0.2046 0.3275 0.4217 0.0424  -0.0369 -0.1036 48 ASP A CA  
337 C C   . ASP A 46 ? 0.2362 0.3181 0.4117 0.0066  -0.0559 -0.0603 48 ASP A C   
338 O O   . ASP A 46 ? 0.2836 0.4063 0.4331 0.0683  -0.0909 -0.0660 48 ASP A O   
339 C CB  . ASP A 46 ? 0.2333 0.3507 0.4769 0.0777  -0.0488 -0.1104 48 ASP A CB  
340 C CG  . ASP A 46 ? 0.2966 0.2928 0.5167 0.0800  -0.0649 -0.1370 48 ASP A CG  
341 O OD1 . ASP A 46 ? 0.2344 0.2606 0.5225 0.0367  -0.0946 -0.1148 48 ASP A OD1 
342 O OD2 . ASP A 46 ? 0.3833 0.3862 0.5587 0.0970  -0.0415 -0.1357 48 ASP A OD2 
343 N N   . ASP A 47 ? 0.2070 0.3052 0.3602 0.0029  -0.0313 -0.0803 49 ASP A N   
344 C CA  . ASP A 47 ? 0.3120 0.3054 0.3041 0.0186  -0.0546 -0.0543 49 ASP A CA  
345 C C   . ASP A 47 ? 0.3227 0.2759 0.3626 0.0918  -0.0779 -0.0671 49 ASP A C   
346 O O   . ASP A 47 ? 0.5331 0.3175 0.3574 -0.0330 -0.0574 -0.0645 49 ASP A O   
347 C CB  . ASP A 47 ? 0.2327 0.4742 0.2945 0.0649  -0.0398 -0.0439 49 ASP A CB  
348 C CG  . ASP A 47 ? 0.2462 0.4301 0.3701 -0.0203 -0.0607 -0.0850 49 ASP A CG  
349 O OD1 . ASP A 47 ? 0.3327 0.2916 0.3900 0.0468  -0.0650 -0.0341 49 ASP A OD1 
350 O OD2 . ASP A 47 ? 0.2657 0.4577 0.3776 -0.0610 -0.0084 -0.0890 49 ASP A OD2 
351 N N   . SER A 48 ? 0.3791 0.3156 0.4357 0.1303  -0.1206 -0.0814 50 SER A N   
352 C CA  A SER A 48 ? 0.3303 0.3745 0.4629 0.1232  -0.0894 -0.1079 50 SER A CA  
353 C CA  B SER A 48 ? 0.3030 0.3791 0.4630 0.1521  -0.0898 -0.1155 50 SER A CA  
354 C C   . SER A 48 ? 0.3185 0.3677 0.4497 0.0581  -0.0575 -0.1350 50 SER A C   
355 O O   . SER A 48 ? 0.2893 0.5141 0.5426 0.0060  -0.0446 -0.2024 50 SER A O   
356 C CB  A SER A 48 ? 0.4024 0.4290 0.4495 0.1211  -0.0664 -0.0703 50 SER A CB  
357 C CB  B SER A 48 ? 0.4781 0.4267 0.3979 0.1485  -0.0650 -0.0634 50 SER A CB  
358 O OG  A SER A 48 ? 0.4843 0.4769 0.4333 0.0783  -0.0511 -0.0427 50 SER A OG  
359 O OG  B SER A 48 ? 0.5609 0.4543 0.3568 0.1138  -0.0394 -0.0274 50 SER A OG  
360 N N   . ASP A 49 ? 0.2538 0.2301 0.3304 0.0507  -0.0706 -0.0312 51 ASP A N   
361 C CA  . ASP A 49 ? 0.2338 0.1978 0.2999 0.0380  -0.0389 0.0069  51 ASP A CA  
362 C C   . ASP A 49 ? 0.1963 0.2246 0.2623 0.0220  -0.0359 -0.0039 51 ASP A C   
363 O O   . ASP A 49 ? 0.1874 0.2201 0.2484 0.0038  -0.0398 -0.0005 51 ASP A O   
364 C CB  . ASP A 49 ? 0.2369 0.2003 0.3667 0.0265  -0.0247 0.0498  51 ASP A CB  
365 C CG  . ASP A 49 ? 0.2978 0.2403 0.4007 0.0689  0.0109  0.0672  51 ASP A CG  
366 O OD1 . ASP A 49 ? 0.3250 0.2819 0.4205 0.0847  0.0061  0.0702  51 ASP A OD1 
367 O OD2 . ASP A 49 ? 0.3417 0.1966 0.4329 0.0559  0.0384  0.0557  51 ASP A OD2 
368 N N   . TRP A 50 ? 0.2868 0.1703 0.2809 0.0328  -0.0791 0.0077  52 TRP A N   
369 C CA  . TRP A 50 ? 0.2677 0.1866 0.2722 0.0657  -0.0873 -0.0188 52 TRP A CA  
370 C C   . TRP A 50 ? 0.3597 0.2313 0.2389 0.1055  -0.0496 -0.0652 52 TRP A C   
371 O O   . TRP A 50 ? 0.5497 0.2727 0.2708 0.1747  -0.0494 -0.0537 52 TRP A O   
372 C CB  . TRP A 50 ? 0.2675 0.1856 0.3659 0.0263  -0.1342 -0.0249 52 TRP A CB  
373 C CG  . TRP A 50 ? 0.2462 0.1947 0.4096 -0.0297 -0.1452 0.0590  52 TRP A CG  
374 C CD1 . TRP A 50 ? 0.2806 0.2153 0.4364 -0.0400 -0.1643 0.0745  52 TRP A CD1 
375 C CD2 . TRP A 50 ? 0.2275 0.2309 0.3415 -0.0398 -0.1262 0.0552  52 TRP A CD2 
376 N NE1 . TRP A 50 ? 0.2791 0.2922 0.4407 -0.0624 -0.1423 0.1152  52 TRP A NE1 
377 C CE2 . TRP A 50 ? 0.2680 0.2734 0.3677 -0.0872 -0.1309 0.0920  52 TRP A CE2 
378 C CE3 . TRP A 50 ? 0.2215 0.2352 0.2339 -0.0270 -0.0809 0.0313  52 TRP A CE3 
379 C CZ2 . TRP A 50 ? 0.2650 0.3915 0.3102 -0.0810 -0.1049 0.1008  52 TRP A CZ2 
380 C CZ3 . TRP A 50 ? 0.2054 0.3198 0.2314 -0.0025 -0.0501 0.0342  52 TRP A CZ3 
381 C CH2 . TRP A 50 ? 0.2011 0.3945 0.2750 -0.0413 -0.0717 0.0535  52 TRP A CH2 
382 N N   . THR A 51 ? 0.2511 0.2315 0.2052 0.0653  -0.0303 -0.0271 53 THR A N   
383 C CA  . THR A 51 ? 0.2570 0.2795 0.2072 0.0805  -0.0495 -0.0440 53 THR A CA  
384 C C   . THR A 51 ? 0.2164 0.2369 0.2051 0.0575  -0.0347 -0.0008 53 THR A C   
385 O O   . THR A 51 ? 0.2630 0.2578 0.2160 0.0890  -0.0410 -0.0557 53 THR A O   
386 C CB  . THR A 51 ? 0.1863 0.3869 0.2631 0.0740  -0.0354 0.0149  53 THR A CB  
387 O OG1 . THR A 51 ? 0.2279 0.4689 0.3506 0.0773  -0.0168 0.0483  53 THR A OG1 
388 C CG2 . THR A 51 ? 0.2372 0.4049 0.2426 0.0188  -0.0047 0.0045  53 THR A CG2 
389 N N   . VAL A 52 ? 0.1813 0.1790 0.2075 0.0231  -0.0185 0.0056  54 VAL A N   
390 C CA  . VAL A 52 ? 0.1676 0.1731 0.1943 -0.0062 0.0192  0.0001  54 VAL A CA  
391 C C   . VAL A 52 ? 0.1476 0.1595 0.2232 -0.0056 0.0112  -0.0149 54 VAL A C   
392 O O   . VAL A 52 ? 0.1602 0.1953 0.2609 0.0029  0.0299  -0.0090 54 VAL A O   
393 C CB  . VAL A 52 ? 0.1805 0.1651 0.2153 -0.0198 -0.0161 0.0141  54 VAL A CB  
394 C CG1 . VAL A 52 ? 0.1921 0.2124 0.2105 -0.0070 -0.0146 0.0030  54 VAL A CG1 
395 C CG2 . VAL A 52 ? 0.2146 0.2209 0.2416 -0.0430 -0.0093 0.0328  54 VAL A CG2 
396 N N   . THR A 53 ? 0.1588 0.1657 0.2066 -0.0137 0.0181  -0.0172 55 THR A N   
397 C CA  . THR A 53 ? 0.1615 0.1858 0.2047 -0.0370 0.0241  -0.0029 55 THR A CA  
398 C C   . THR A 53 ? 0.1592 0.1746 0.2017 -0.0224 0.0296  -0.0134 55 THR A C   
399 O O   . THR A 53 ? 0.1531 0.1824 0.1823 -0.0253 0.0152  -0.0097 55 THR A O   
400 C CB  . THR A 53 ? 0.1702 0.2143 0.2325 -0.0179 0.0225  -0.0305 55 THR A CB  
401 O OG1 . THR A 53 ? 0.1874 0.2057 0.2060 -0.0413 0.0181  -0.0148 55 THR A OG1 
402 C CG2 . THR A 53 ? 0.1984 0.2309 0.2673 -0.0149 -0.0131 0.0071  55 THR A CG2 
403 N N   . ALA A 54 ? 0.1742 0.1851 0.1919 -0.0344 0.0353  -0.0067 56 ALA A N   
404 C CA  . ALA A 54 ? 0.1796 0.2107 0.1803 -0.0529 0.0135  -0.0003 56 ALA A CA  
405 C C   . ALA A 54 ? 0.1856 0.2227 0.1741 -0.0423 0.0205  0.0115  56 ALA A C   
406 O O   . ALA A 54 ? 0.1829 0.2442 0.2196 -0.0221 0.0476  -0.0015 56 ALA A O   
407 C CB  . ALA A 54 ? 0.2083 0.2934 0.2136 -0.0665 -0.0126 -0.0070 56 ALA A CB  
408 N N   . ASP A 55 ? 0.1661 0.2105 0.1702 -0.0543 0.0036  0.0279  57 ASP A N   
409 C CA  . ASP A 55 ? 0.1848 0.2260 0.1721 -0.0298 0.0061  0.0013  57 ASP A CA  
410 C C   . ASP A 55 ? 0.1874 0.2770 0.1628 -0.0575 0.0079  0.0127  57 ASP A C   
411 O O   . ASP A 55 ? 0.1882 0.2223 0.1765 -0.0312 0.0014  0.0354  57 ASP A O   
412 C CB  . ASP A 55 ? 0.1837 0.2369 0.1591 -0.0598 0.0000  0.0014  57 ASP A CB  
413 C CG  . ASP A 55 ? 0.2221 0.2880 0.1717 -0.0554 -0.0088 0.0139  57 ASP A CG  
414 O OD1 . ASP A 55 ? 0.2776 0.3883 0.1955 -0.1286 -0.0244 0.0511  57 ASP A OD1 
415 O OD2 . ASP A 55 ? 0.2794 0.2525 0.1848 -0.0669 -0.0366 0.0217  57 ASP A OD2 
416 N N   . GLY A 56 ? 0.1949 0.3915 0.1705 -0.0451 -0.0010 0.0367  58 GLY A N   
417 C CA  . GLY A 56 ? 0.2038 0.4449 0.1706 -0.0101 0.0089  0.0558  58 GLY A CA  
418 C C   . GLY A 56 ? 0.2518 0.4386 0.1460 -0.0126 0.0048  0.0577  58 GLY A C   
419 O O   . GLY A 56 ? 0.2072 0.4264 0.1824 -0.0061 0.0061  0.0211  58 GLY A O   
420 N N   . SER A 57 ? 0.2080 0.4008 0.1722 -0.0121 0.0088  0.0821  59 SER A N   
421 C CA  . SER A 57 ? 0.2023 0.3698 0.1882 0.0093  0.0026  0.0804  59 SER A CA  
422 C C   . SER A 57 ? 0.1752 0.2380 0.1804 -0.0303 -0.0039 0.0368  59 SER A C   
423 O O   . SER A 57 ? 0.1849 0.2334 0.1914 -0.0286 -0.0156 0.0418  59 SER A O   
424 C CB  . SER A 57 ? 0.2573 0.3311 0.2279 -0.0271 -0.0171 0.0946  59 SER A CB  
425 O OG  . SER A 57 ? 0.2733 0.3353 0.3147 -0.0404 0.0105  0.1073  59 SER A OG  
426 N N   . HIS A 58 ? 0.1855 0.2004 0.1751 -0.0355 -0.0063 0.0337  60 HIS A N   
427 C CA  . HIS A 58 ? 0.2169 0.1596 0.1531 -0.0360 -0.0111 0.0341  60 HIS A CA  
428 C C   . HIS A 58 ? 0.1929 0.1863 0.1588 -0.0247 0.0283  0.0078  60 HIS A C   
429 O O   . HIS A 58 ? 0.1981 0.2048 0.2413 -0.0077 0.0633  0.0308  60 HIS A O   
430 C CB  . HIS A 58 ? 0.2035 0.1859 0.2202 -0.0340 -0.0411 0.0275  60 HIS A CB  
431 C CG  . HIS A 58 ? 0.2543 0.2150 0.2638 -0.0895 -0.0488 0.0743  60 HIS A CG  
432 N ND1 . HIS A 58 ? 0.3981 0.2723 0.3153 -0.0672 0.0084  0.0475  60 HIS A ND1 
433 C CD2 . HIS A 58 ? 0.2970 0.2438 0.3334 0.0135  -0.0682 -0.0223 60 HIS A CD2 
434 C CE1 . HIS A 58 ? 0.3848 0.2508 0.3443 -0.0577 -0.0299 0.0425  60 HIS A CE1 
435 N NE2 . HIS A 58 ? 0.3724 0.1725 0.3738 -0.0433 -0.1008 0.0100  60 HIS A NE2 
436 N N   . HIS A 59 ? 0.1650 0.1626 0.1499 -0.0163 0.0157  0.0192  61 HIS A N   
437 C CA  . HIS A 59 ? 0.1553 0.1534 0.1758 -0.0214 0.0010  0.0097  61 HIS A CA  
438 C C   . HIS A 59 ? 0.1639 0.1533 0.1576 -0.0156 0.0177  0.0095  61 HIS A C   
439 O O   . HIS A 59 ? 0.2032 0.1735 0.1817 0.0008  0.0271  0.0107  61 HIS A O   
440 C CB  . HIS A 59 ? 0.1735 0.1714 0.1796 -0.0202 0.0026  0.0167  61 HIS A CB  
441 C CG  . HIS A 59 ? 0.1734 0.1697 0.1919 -0.0412 -0.0184 0.0221  61 HIS A CG  
442 N ND1 . HIS A 59 ? 0.1867 0.1856 0.1825 -0.0318 -0.0052 0.0110  61 HIS A ND1 
443 C CD2 . HIS A 59 ? 0.2093 0.2009 0.2240 -0.0343 -0.0568 0.0327  61 HIS A CD2 
444 C CE1 . HIS A 59 ? 0.2009 0.1769 0.1860 -0.0299 -0.0118 0.0218  61 HIS A CE1 
445 N NE2 . HIS A 59 ? 0.2204 0.2162 0.1933 -0.0535 -0.0556 0.0098  61 HIS A NE2 
446 N N   . ALA A 60 ? 0.1638 0.1655 0.1647 -0.0161 0.0102  0.0224  62 ALA A N   
447 C CA  . ALA A 60 ? 0.1537 0.1520 0.1735 -0.0068 -0.0020 0.0168  62 ALA A CA  
448 C C   . ALA A 60 ? 0.1393 0.1736 0.1595 -0.0082 0.0072  0.0009  62 ALA A C   
449 O O   . ALA A 60 ? 0.1578 0.1892 0.1684 -0.0134 0.0117  -0.0069 62 ALA A O   
450 C CB  . ALA A 60 ? 0.2058 0.1993 0.1820 -0.0334 -0.0045 -0.0068 62 ALA A CB  
451 N N   . LEU A 61 ? 0.1530 0.1479 0.1552 -0.0032 0.0054  0.0122  63 LEU A N   
452 C CA  . LEU A 61 ? 0.1479 0.1538 0.1756 0.0012  -0.0066 0.0144  63 LEU A CA  
453 C C   . LEU A 61 ? 0.1578 0.1549 0.1625 -0.0015 -0.0035 0.0051  63 LEU A C   
454 O O   . LEU A 61 ? 0.1713 0.1672 0.1699 0.0041  0.0015  -0.0052 63 LEU A O   
455 C CB  . LEU A 61 ? 0.1481 0.1436 0.1912 -0.0116 -0.0143 0.0136  63 LEU A CB  
456 C CG  . LEU A 61 ? 0.1781 0.1519 0.1840 0.0084  -0.0180 0.0135  63 LEU A CG  
457 C CD1 . LEU A 61 ? 0.1764 0.1704 0.2120 -0.0035 -0.0147 -0.0024 63 LEU A CD1 
458 C CD2 . LEU A 61 ? 0.1572 0.1740 0.2169 -0.0258 -0.0158 0.0323  63 LEU A CD2 
459 N N   . LEU A 62 ? 0.1527 0.1665 0.1949 0.0097  -0.0200 -0.0003 64 LEU A N   
460 C CA  . LEU A 62 ? 0.1540 0.1888 0.1950 -0.0095 -0.0193 -0.0056 64 LEU A CA  
461 C C   . LEU A 62 ? 0.1767 0.1608 0.2037 0.0039  -0.0449 -0.0020 64 LEU A C   
462 O O   . LEU A 62 ? 0.2132 0.1749 0.2060 0.0005  -0.0245 -0.0155 64 LEU A O   
463 C CB  . LEU A 62 ? 0.1717 0.2579 0.2706 -0.0129 -0.0197 0.0031  64 LEU A CB  
464 C CG  . LEU A 62 ? 0.2752 0.2864 0.3641 -0.0926 0.0127  -0.0157 64 LEU A CG  
465 C CD1 . LEU A 62 ? 0.2869 0.4077 0.3713 -0.0572 0.0486  -0.0459 64 LEU A CD1 
466 C CD2 . LEU A 62 ? 0.3668 0.3121 0.4038 -0.0815 -0.0210 -0.0370 64 LEU A CD2 
467 N N   . LEU A 63 ? 0.1884 0.1883 0.1785 0.0175  -0.0437 0.0042  65 LEU A N   
468 C CA  . LEU A 63 ? 0.2100 0.1967 0.1889 0.0110  -0.0600 0.0028  65 LEU A CA  
469 C C   . LEU A 63 ? 0.2022 0.1868 0.2165 0.0404  -0.0403 0.0237  65 LEU A C   
470 O O   . LEU A 63 ? 0.1923 0.2048 0.2362 0.0201  -0.0530 -0.0147 65 LEU A O   
471 C CB  . LEU A 63 ? 0.1961 0.1829 0.2151 0.0074  -0.0313 0.0141  65 LEU A CB  
472 C CG  . LEU A 63 ? 0.1840 0.1863 0.2476 0.0090  -0.0255 0.0211  65 LEU A CG  
473 C CD1 . LEU A 63 ? 0.2189 0.1902 0.2863 0.0122  -0.0229 -0.0039 65 LEU A CD1 
474 C CD2 . LEU A 63 ? 0.2014 0.2238 0.2584 0.0104  -0.0156 0.0151  65 LEU A CD2 
475 N N   . ARG A 64 ? 0.2091 0.2685 0.2133 0.0599  -0.0311 0.0269  66 ARG A N   
476 C CA  . ARG A 64 ? 0.1934 0.2776 0.2277 0.0453  -0.0397 0.0193  66 ARG A CA  
477 C C   . ARG A 64 ? 0.1967 0.2026 0.2115 -0.0077 -0.0242 0.0121  66 ARG A C   
478 O O   . ARG A 64 ? 0.2035 0.2129 0.2290 -0.0218 -0.0239 0.0300  66 ARG A O   
479 C CB  . ARG A 64 ? 0.1997 0.3140 0.2610 0.0119  -0.0360 0.0305  66 ARG A CB  
480 C CG  . ARG A 64 ? 0.3152 0.3376 0.3258 -0.0595 -0.0462 -0.0060 66 ARG A CG  
481 C CD  . ARG A 64 ? 0.2975 0.3765 0.3446 -0.0533 -0.0815 0.0233  66 ARG A CD  
482 N NE  . ARG A 64 ? 0.3023 0.3107 0.3144 -0.0767 -0.0745 0.0559  66 ARG A NE  
483 C CZ  . ARG A 64 ? 0.2792 0.2673 0.2602 -0.0876 -0.0299 0.0627  66 ARG A CZ  
484 N NH1 . ARG A 64 ? 0.2631 0.3463 0.3330 -0.0891 -0.0862 0.1129  66 ARG A NH1 
485 N NH2 . ARG A 64 ? 0.2238 0.2116 0.2050 -0.0087 0.0001  0.0139  66 ARG A NH2 
486 N N   . SER A 65 ? 0.1768 0.2089 0.2195 0.0020  -0.0430 0.0309  67 SER A N   
487 C CA  . SER A 65 ? 0.1818 0.2057 0.2227 0.0088  -0.0404 0.0311  67 SER A CA  
488 C C   . SER A 65 ? 0.2121 0.2033 0.2335 0.0054  -0.0372 0.0031  67 SER A C   
489 O O   . SER A 65 ? 0.2203 0.1916 0.2792 -0.0074 -0.0122 -0.0038 67 SER A O   
490 C CB  . SER A 65 ? 0.2271 0.2342 0.2404 0.0117  -0.0315 0.0579  67 SER A CB  
491 O OG  . SER A 65 ? 0.3186 0.3619 0.2858 0.0563  -0.0128 0.0741  67 SER A OG  
492 N N   . ALA A 66 ? 0.1930 0.2116 0.2404 0.0078  -0.0153 0.0005  68 ALA A N   
493 C CA  . ALA A 66 ? 0.2140 0.2194 0.2747 -0.0097 0.0017  0.0257  68 ALA A CA  
494 C C   . ALA A 66 ? 0.2060 0.2378 0.2860 -0.0415 -0.0057 -0.0125 68 ALA A C   
495 O O   . ALA A 66 ? 0.3090 0.3067 0.2609 -0.0963 0.0006  -0.0056 68 ALA A O   
496 C CB  . ALA A 66 ? 0.2145 0.2119 0.3477 0.0235  -0.0044 -0.0314 68 ALA A CB  
497 N N   . GLN A 67 ? 0.2101 0.2121 0.3041 0.0116  -0.0348 0.0321  69 GLN A N   
498 C CA  . GLN A 67 ? 0.2153 0.1978 0.3208 0.0014  -0.0462 0.0557  69 GLN A CA  
499 C C   . GLN A 67 ? 0.1915 0.2075 0.2866 -0.0018 -0.0554 0.0451  69 GLN A C   
500 O O   . GLN A 67 ? 0.2096 0.1848 0.2722 -0.0218 -0.0319 0.0293  69 GLN A O   
501 C CB  . GLN A 67 ? 0.2140 0.2379 0.3792 0.0281  -0.0317 0.0741  69 GLN A CB  
502 C CG  . GLN A 67 ? 0.3550 0.3065 0.4560 0.0513  -0.0338 0.0167  69 GLN A CG  
503 C CD  . GLN A 67 ? 0.5342 0.4759 0.5055 0.0186  -0.0390 -0.0211 69 GLN A CD  
504 O OE1 . GLN A 67 ? 0.6341 0.5745 0.5485 0.0106  -0.0504 -0.0303 69 GLN A OE1 
505 N NE2 . GLN A 67 ? 0.5451 0.4716 0.5410 -0.0028 -0.0408 -0.0567 69 GLN A NE2 
506 N N   . PRO A 68 ? 0.2493 0.2400 0.2555 -0.0295 -0.0522 0.0587  70 PRO A N   
507 C CA  . PRO A 68 ? 0.2278 0.2746 0.2445 -0.0229 -0.0224 0.0838  70 PRO A CA  
508 C C   . PRO A 68 ? 0.2484 0.2132 0.2582 -0.0001 -0.0204 0.0787  70 PRO A C   
509 O O   . PRO A 68 ? 0.2104 0.2240 0.2824 -0.0105 -0.0178 0.0762  70 PRO A O   
510 C CB  . PRO A 68 ? 0.2866 0.3145 0.2585 -0.0243 -0.0406 0.0785  70 PRO A CB  
511 C CG  . PRO A 68 ? 0.3471 0.3444 0.2277 -0.0744 -0.0559 0.0800  70 PRO A CG  
512 C CD  . PRO A 68 ? 0.3018 0.3191 0.2768 -0.0222 -0.0633 0.0695  70 PRO A CD  
513 N N   . HIS A 69 ? 0.2271 0.1871 0.3058 -0.0228 -0.0306 0.0714  71 HIS A N   
514 C CA  . HIS A 69 ? 0.2977 0.1705 0.3508 -0.0404 -0.0550 0.0749  71 HIS A CA  
515 C C   . HIS A 69 ? 0.2247 0.1849 0.3296 -0.0505 -0.0569 0.0554  71 HIS A C   
516 O O   . HIS A 69 ? 0.2711 0.1984 0.3598 -0.0397 -0.0787 0.0440  71 HIS A O   
517 C CB  . HIS A 69 ? 0.3039 0.1978 0.3932 -0.0241 -0.0454 0.0472  71 HIS A CB  
518 C CG  . HIS A 69 ? 0.3135 0.1980 0.4551 -0.0365 -0.0277 0.0680  71 HIS A CG  
519 N ND1 . HIS A 69 ? 0.3212 0.2659 0.5154 -0.0399 -0.0144 0.0132  71 HIS A ND1 
520 C CD2 . HIS A 69 ? 0.3797 0.1999 0.4605 -0.0337 0.0225  0.0597  71 HIS A CD2 
521 C CE1 . HIS A 69 ? 0.3671 0.2430 0.5032 -0.0455 0.0123  -0.0135 71 HIS A CE1 
522 N NE2 . HIS A 69 ? 0.4056 0.2325 0.4797 -0.0003 0.0254  0.0264  71 HIS A NE2 
523 N N   . HIS A 70 ? 0.2217 0.1753 0.2796 -0.0138 -0.0427 0.0663  72 HIS A N   
524 C CA  . HIS A 70 ? 0.1911 0.1880 0.2547 -0.0171 -0.0331 0.0298  72 HIS A CA  
525 C C   . HIS A 70 ? 0.1981 0.1878 0.2078 -0.0080 -0.0484 0.0262  72 HIS A C   
526 O O   . HIS A 70 ? 0.2107 0.2336 0.2128 -0.0104 -0.0368 0.0365  72 HIS A O   
527 C CB  . HIS A 70 ? 0.1967 0.1745 0.2719 -0.0168 -0.0230 0.0164  72 HIS A CB  
528 C CG  . HIS A 70 ? 0.1890 0.1787 0.2829 -0.0051 -0.0304 0.0113  72 HIS A CG  
529 N ND1 . HIS A 70 ? 0.2162 0.2114 0.2790 -0.0048 -0.0105 0.0435  72 HIS A ND1 
530 C CD2 . HIS A 70 ? 0.2280 0.1917 0.3007 -0.0125 -0.0299 0.0308  72 HIS A CD2 
531 C CE1 . HIS A 70 ? 0.2291 0.2189 0.3083 0.0379  -0.0150 0.0384  72 HIS A CE1 
532 N NE2 . HIS A 70 ? 0.2242 0.2124 0.3174 0.0033  -0.0115 0.0547  72 HIS A NE2 
533 N N   . ALA A 71 ? 0.1879 0.1847 0.2147 -0.0117 -0.0365 0.0356  73 ALA A N   
534 C CA  . ALA A 71 ? 0.2005 0.1660 0.2064 -0.0085 -0.0430 0.0038  73 ALA A CA  
535 C C   . ALA A 71 ? 0.1992 0.1652 0.2013 -0.0197 -0.0189 0.0055  73 ALA A C   
536 O O   . ALA A 71 ? 0.2190 0.1858 0.1996 -0.0211 -0.0236 0.0177  73 ALA A O   
537 C CB  . ALA A 71 ? 0.2690 0.2305 0.1965 0.0184  -0.0502 0.0117  73 ALA A CB  
538 N N   . GLY A 72 ? 0.1761 0.1876 0.1710 -0.0038 -0.0183 0.0266  74 GLY A N   
539 C CA  . GLY A 72 ? 0.1853 0.2125 0.1760 -0.0185 -0.0131 0.0421  74 GLY A CA  
540 C C   . GLY A 72 ? 0.1598 0.1616 0.1684 -0.0088 -0.0070 0.0183  74 GLY A C   
541 O O   . GLY A 72 ? 0.1811 0.1774 0.1917 -0.0188 -0.0272 0.0221  74 GLY A O   
542 N N   . GLU A 73 ? 0.1626 0.1619 0.1532 -0.0078 0.0073  0.0132  75 GLU A N   
543 C CA  . GLU A 73 ? 0.1480 0.1763 0.1624 -0.0006 -0.0007 0.0103  75 GLU A CA  
544 C C   . GLU A 73 ? 0.1559 0.1416 0.1500 0.0055  0.0030  0.0088  75 GLU A C   
545 O O   . GLU A 73 ? 0.1696 0.1286 0.1672 0.0010  0.0095  0.0085  75 GLU A O   
546 C CB  . GLU A 73 ? 0.1594 0.2250 0.1891 0.0060  -0.0067 0.0307  75 GLU A CB  
547 C CG  . GLU A 73 ? 0.1862 0.2201 0.2202 0.0174  -0.0120 0.0324  75 GLU A CG  
548 C CD  . GLU A 73 ? 0.2546 0.2106 0.2950 0.0271  -0.0093 -0.0130 75 GLU A CD  
549 O OE1 . GLU A 73 ? 0.2781 0.2387 0.3293 0.0398  -0.0037 -0.0271 75 GLU A OE1 
550 O OE2 . GLU A 73 ? 0.2563 0.2975 0.3959 -0.0036 0.0052  -0.0965 75 GLU A OE2 
551 N N   . VAL A 74 ? 0.1537 0.1363 0.1396 0.0075  0.0050  0.0131  76 VAL A N   
552 C CA  . VAL A 74 ? 0.1403 0.1324 0.1461 0.0058  -0.0027 0.0076  76 VAL A CA  
553 C C   . VAL A 74 ? 0.1597 0.1110 0.1402 0.0061  -0.0007 0.0190  76 VAL A C   
554 O O   . VAL A 74 ? 0.1881 0.1320 0.1505 0.0349  -0.0024 0.0123  76 VAL A O   
555 C CB  . VAL A 74 ? 0.1640 0.1345 0.1749 -0.0043 -0.0090 0.0041  76 VAL A CB  
556 C CG1 . VAL A 74 ? 0.1725 0.1492 0.1738 -0.0045 0.0122  0.0013  76 VAL A CG1 
557 C CG2 . VAL A 74 ? 0.1971 0.1909 0.2036 -0.0086 -0.0645 0.0287  76 VAL A CG2 
558 N N   . THR A 75 ? 0.1542 0.1303 0.1405 0.0073  -0.0046 0.0007  77 THR A N   
559 C CA  . THR A 75 ? 0.1568 0.1396 0.1391 0.0024  -0.0086 -0.0021 77 THR A CA  
560 C C   . THR A 75 ? 0.1618 0.1168 0.1609 0.0107  -0.0170 -0.0020 77 THR A C   
561 O O   . THR A 75 ? 0.1605 0.1202 0.1580 0.0263  -0.0051 0.0094  77 THR A O   
562 C CB  . THR A 75 ? 0.1573 0.1550 0.1625 -0.0012 -0.0111 0.0062  77 THR A CB  
563 O OG1 . THR A 75 ? 0.1517 0.1871 0.2043 -0.0095 0.0069  0.0046  77 THR A OG1 
564 C CG2 . THR A 75 ? 0.2030 0.1399 0.1965 0.0055  -0.0492 0.0069  77 THR A CG2 
565 N N   . PHE A 76 ? 0.1773 0.1300 0.1396 0.0254  -0.0069 0.0100  78 PHE A N   
566 C CA  . PHE A 76 ? 0.1979 0.1209 0.1378 -0.0011 0.0045  0.0044  78 PHE A CA  
567 C C   . PHE A 76 ? 0.1914 0.1247 0.1458 0.0049  -0.0005 0.0060  78 PHE A C   
568 O O   . PHE A 76 ? 0.1878 0.1548 0.1703 0.0205  -0.0116 0.0132  78 PHE A O   
569 C CB  . PHE A 76 ? 0.2213 0.1338 0.1446 -0.0073 0.0053  0.0097  78 PHE A CB  
570 C CG  . PHE A 76 ? 0.2108 0.1206 0.1470 -0.0141 -0.0116 0.0114  78 PHE A CG  
571 C CD1 . PHE A 76 ? 0.1855 0.1902 0.1727 -0.0435 0.0123  0.0001  78 PHE A CD1 
572 C CD2 . PHE A 76 ? 0.2806 0.1354 0.1670 0.0061  0.0107  0.0373  78 PHE A CD2 
573 C CE1 . PHE A 76 ? 0.2127 0.2053 0.1980 -0.0708 -0.0154 -0.0230 78 PHE A CE1 
574 C CE2 . PHE A 76 ? 0.3188 0.1677 0.1866 -0.0075 0.0009  0.0207  78 PHE A CE2 
575 C CZ  . PHE A 76 ? 0.2875 0.1845 0.1877 -0.0614 0.0078  0.0094  78 PHE A CZ  
576 N N   . ALA A 77 ? 0.1933 0.1309 0.1379 -0.0057 -0.0094 -0.0001 79 ALA A N   
577 C CA  . ALA A 77 ? 0.2119 0.1411 0.1572 -0.0043 -0.0002 -0.0093 79 ALA A CA  
578 C C   . ALA A 77 ? 0.2248 0.1645 0.1573 -0.0141 -0.0217 0.0020  79 ALA A C   
579 O O   . ALA A 77 ? 0.2290 0.2233 0.1655 0.0306  0.0008  0.0044  79 ALA A O   
580 C CB  . ALA A 77 ? 0.2339 0.1607 0.2063 -0.0244 -0.0179 0.0006  79 ALA A CB  
581 N N   . CYS A 78 ? 0.2449 0.1649 0.1489 -0.0309 -0.0155 0.0117  80 CYS A N   
582 C CA  . CYS A 78 ? 0.2784 0.1825 0.1565 -0.0129 -0.0059 0.0063  80 CYS A CA  
583 C C   . CYS A 78 ? 0.3963 0.1824 0.1319 0.0085  -0.0197 0.0061  80 CYS A C   
584 O O   . CYS A 78 ? 0.3984 0.1867 0.1614 0.0301  -0.0462 0.0046  80 CYS A O   
585 C CB  . CYS A 78 ? 0.2803 0.1969 0.1779 -0.0465 0.0485  0.0096  80 CYS A CB  
586 S SG  . CYS A 78 ? 0.3982 0.2336 0.2275 -0.0244 0.0781  0.0157  80 CYS A SG  
587 N N   . ARG A 79 ? 0.4085 0.2037 0.1443 -0.0004 -0.0310 -0.0256 81 ARG A N   
588 C CA  . ARG A 79 ? 0.3776 0.2608 0.1732 -0.0022 -0.0342 -0.0163 81 ARG A CA  
589 C C   . ARG A 79 ? 0.3664 0.3173 0.1938 -0.0137 -0.0728 -0.0097 81 ARG A C   
590 O O   . ARG A 79 ? 0.4263 0.3199 0.2175 -0.0601 -0.0385 -0.0150 81 ARG A O   
591 C CB  . ARG A 79 ? 0.4165 0.2785 0.1901 -0.0352 -0.0301 0.0014  81 ARG A CB  
592 C CG  . ARG A 79 ? 0.5136 0.2660 0.1901 -0.0389 -0.0287 0.0212  81 ARG A CG  
593 C CD  . ARG A 79 ? 0.5865 0.2872 0.2417 0.0098  -0.0042 0.0285  81 ARG A CD  
594 N NE  . ARG A 79 ? 0.6155 0.2726 0.2076 -0.0113 -0.0051 0.0396  81 ARG A NE  
595 C CZ  . ARG A 79 ? 0.5997 0.2934 0.2311 -0.0088 -0.0239 0.0350  81 ARG A CZ  
596 N NH1 . ARG A 79 ? 0.6244 0.3218 0.2447 -0.0052 -0.0242 0.0441  81 ARG A NH1 
597 N NH2 . ARG A 79 ? 0.5378 0.2920 0.2524 -0.0538 -0.0298 0.0215  81 ARG A NH2 
598 N N   . ASP A 80 ? 0.4056 0.3401 0.2217 0.0007  -0.1061 -0.0271 82 ASP A N   
599 C CA  . ASP A 80 ? 0.3895 0.3891 0.2601 0.0170  -0.1140 -0.0126 82 ASP A CA  
600 C C   . ASP A 80 ? 0.4213 0.3732 0.2680 0.0769  -0.0705 -0.0239 82 ASP A C   
601 O O   . ASP A 80 ? 0.4873 0.4375 0.2935 0.0769  -0.0309 -0.0182 82 ASP A O   
602 C CB  . ASP A 80 ? 0.4643 0.4626 0.2915 0.0480  -0.1241 -0.0007 82 ASP A CB  
603 C CG  . ASP A 80 ? 0.4904 0.4520 0.3222 0.1161  -0.0940 0.0678  82 ASP A CG  
604 O OD1 . ASP A 80 ? 0.5681 0.4082 0.2856 0.0785  -0.0398 0.0785  82 ASP A OD1 
605 O OD2 . ASP A 80 ? 0.5803 0.5192 0.3796 0.1008  -0.0804 0.1116  82 ASP A OD2 
606 N N   . ALA A 81 ? 0.4065 0.2665 0.1932 0.0747  -0.0905 -0.0113 83 ALA A N   
607 C CA  . ALA A 81 ? 0.4370 0.2371 0.1880 0.0635  -0.0631 0.0054  83 ALA A CA  
608 C C   . ALA A 81 ? 0.3122 0.2472 0.1712 0.0602  -0.0343 -0.0135 83 ALA A C   
609 O O   . ALA A 81 ? 0.2922 0.2431 0.1678 0.0583  -0.0137 -0.0057 83 ALA A O   
610 C CB  . ALA A 81 ? 0.5596 0.1997 0.1993 0.0347  -0.0425 -0.0153 83 ALA A CB  
611 N N   . VAL A 82 ? 0.2706 0.2376 0.1780 0.0676  -0.0531 -0.0016 84 VAL A N   
612 C CA  A VAL A 82 ? 0.2577 0.1977 0.1918 -0.0227 -0.0441 -0.0177 84 VAL A CA  
613 C CA  B VAL A 82 ? 0.2176 0.2108 0.1975 0.0476  -0.0461 0.0063  84 VAL A CA  
614 C C   . VAL A 82 ? 0.1753 0.1841 0.1903 0.0244  -0.0233 0.0011  84 VAL A C   
615 O O   . VAL A 82 ? 0.2584 0.2582 0.2050 0.0973  -0.0423 0.0070  84 VAL A O   
616 C CB  A VAL A 82 ? 0.2567 0.2520 0.2785 -0.0388 -0.0521 -0.0341 84 VAL A CB  
617 C CB  B VAL A 82 ? 0.2347 0.2259 0.2435 0.0607  -0.0525 0.0109  84 VAL A CB  
618 C CG1 A VAL A 82 ? 0.2204 0.2011 0.3143 -0.0660 -0.0467 0.0192  84 VAL A CG1 
619 C CG1 B VAL A 82 ? 0.3016 0.1801 0.2151 0.0275  -0.0542 0.0456  84 VAL A CG1 
620 C CG2 A VAL A 82 ? 0.2521 0.2952 0.2994 -0.0008 -0.0519 -0.0548 84 VAL A CG2 
621 C CG2 B VAL A 82 ? 0.2246 0.2909 0.2844 0.0366  -0.0513 0.0106  84 VAL A CG2 
622 N N   . ALA A 83 ? 0.1670 0.1527 0.1696 0.0101  -0.0290 0.0079  85 ALA A N   
623 C CA  . ALA A 83 ? 0.1890 0.1340 0.1510 0.0057  -0.0128 0.0133  85 ALA A CA  
624 C C   . ALA A 83 ? 0.1647 0.1325 0.1751 0.0201  -0.0022 0.0115  85 ALA A C   
625 O O   . ALA A 83 ? 0.1958 0.1365 0.1560 0.0342  -0.0024 0.0066  85 ALA A O   
626 C CB  . ALA A 83 ? 0.2166 0.1327 0.1675 0.0122  -0.0012 0.0113  85 ALA A CB  
627 N N   . SER A 84 ? 0.1571 0.1265 0.1637 0.0166  0.0148  0.0103  86 SER A N   
628 C CA  . SER A 84 ? 0.1744 0.1284 0.1645 -0.0032 0.0025  0.0249  86 SER A CA  
629 C C   . SER A 84 ? 0.1345 0.1338 0.1640 0.0261  0.0084  0.0097  86 SER A C   
630 O O   . SER A 84 ? 0.1605 0.1348 0.1717 0.0303  0.0004  0.0008  86 SER A O   
631 C CB  . SER A 84 ? 0.1678 0.1364 0.2213 0.0221  0.0030  0.0263  86 SER A CB  
632 O OG  . SER A 84 ? 0.1726 0.1580 0.2895 0.0125  0.0202  0.0567  86 SER A OG  
633 N N   . ALA A 85 ? 0.1549 0.1454 0.1470 0.0263  0.0009  0.0116  87 ALA A N   
634 C CA  . ALA A 85 ? 0.1639 0.1404 0.1491 0.0189  -0.0069 0.0107  87 ALA A CA  
635 C C   . ALA A 85 ? 0.1557 0.1456 0.1525 0.0263  0.0146  -0.0009 87 ALA A C   
636 O O   . ALA A 85 ? 0.2257 0.1524 0.1553 0.0411  0.0118  0.0102  87 ALA A O   
637 C CB  . ALA A 85 ? 0.1788 0.1525 0.1575 0.0020  -0.0078 0.0065  87 ALA A CB  
638 N N   . ARG A 86 ? 0.1773 0.1549 0.1430 0.0152  0.0137  0.0251  88 ARG A N   
639 C CA  . ARG A 86 ? 0.1666 0.1781 0.1492 0.0135  0.0018  0.0172  88 ARG A CA  
640 C C   . ARG A 86 ? 0.1985 0.1420 0.1409 0.0041  -0.0045 0.0092  88 ARG A C   
641 O O   . ARG A 86 ? 0.1974 0.1485 0.1758 0.0106  -0.0078 0.0046  88 ARG A O   
642 C CB  . ARG A 86 ? 0.1887 0.2169 0.1681 0.0360  0.0146  0.0549  88 ARG A CB  
643 C CG  . ARG A 86 ? 0.2148 0.2529 0.1753 0.0459  0.0365  0.0645  88 ARG A CG  
644 C CD  . ARG A 86 ? 0.2370 0.3070 0.2125 0.0450  0.0317  0.0688  88 ARG A CD  
645 N NE  . ARG A 86 ? 0.2192 0.2807 0.2819 0.0405  0.0437  0.1034  88 ARG A NE  
646 C CZ  . ARG A 86 ? 0.2752 0.3134 0.3238 0.0296  0.0698  0.1380  88 ARG A CZ  
647 N NH1 . ARG A 86 ? 0.3599 0.3597 0.3160 0.0449  0.0879  0.0847  88 ARG A NH1 
648 N NH2 . ARG A 86 ? 0.2401 0.3194 0.4063 0.0366  0.0702  0.1812  88 ARG A NH2 
649 N N   . LEU A 87 ? 0.1955 0.1462 0.1405 0.0015  -0.0097 0.0207  89 LEU A N   
650 C CA  . LEU A 87 ? 0.1832 0.1617 0.1442 0.0105  -0.0109 0.0050  89 LEU A CA  
651 C C   . LEU A 87 ? 0.1980 0.1559 0.1356 0.0110  -0.0202 0.0109  89 LEU A C   
652 O O   . LEU A 87 ? 0.1955 0.1601 0.1738 -0.0091 -0.0026 0.0178  89 LEU A O   
653 C CB  . LEU A 87 ? 0.1795 0.1634 0.1725 -0.0086 -0.0163 0.0049  89 LEU A CB  
654 C CG  . LEU A 87 ? 0.1603 0.2178 0.1726 -0.0014 -0.0122 0.0298  89 LEU A CG  
655 C CD1 . LEU A 87 ? 0.1895 0.2355 0.1880 -0.0354 -0.0138 0.0038  89 LEU A CD1 
656 C CD2 . LEU A 87 ? 0.1902 0.2096 0.2146 0.0344  -0.0060 0.0133  89 LEU A CD2 
657 N N   . THR A 88 ? 0.1965 0.1748 0.1442 0.0084  -0.0049 0.0150  90 THR A N   
658 C CA  . THR A 88 ? 0.2196 0.2229 0.1509 0.0305  -0.0030 0.0062  90 THR A CA  
659 C C   . THR A 88 ? 0.2458 0.1766 0.1782 -0.0034 -0.0115 0.0236  90 THR A C   
660 O O   . THR A 88 ? 0.2513 0.1904 0.1787 0.0008  -0.0193 0.0216  90 THR A O   
661 C CB  . THR A 88 ? 0.2624 0.2972 0.1682 0.0344  -0.0016 -0.0062 90 THR A CB  
662 O OG1 . THR A 88 ? 0.2410 0.3247 0.2088 0.0467  0.0136  0.0107  90 THR A OG1 
663 C CG2 . THR A 88 ? 0.3174 0.3466 0.1606 0.0421  0.0112  0.0092  90 THR A CG2 
664 N N   . VAL A 89 ? 0.2391 0.2003 0.1739 -0.0029 -0.0295 0.0230  91 VAL A N   
665 C CA  . VAL A 89 ? 0.2661 0.2016 0.1711 -0.0037 -0.0220 0.0324  91 VAL A CA  
666 C C   . VAL A 89 ? 0.2696 0.2561 0.2060 0.0063  -0.0227 0.0557  91 VAL A C   
667 O O   . VAL A 89 ? 0.3179 0.3157 0.2262 -0.0286 -0.0210 0.0651  91 VAL A O   
668 C CB  . VAL A 89 ? 0.2383 0.2214 0.2243 0.0128  -0.0464 0.0553  91 VAL A CB  
669 C CG1 . VAL A 89 ? 0.2846 0.2295 0.2830 0.0091  -0.0756 0.0408  91 VAL A CG1 
670 C CG2 . VAL A 89 ? 0.2518 0.2270 0.2475 0.0304  -0.0176 0.0346  91 VAL A CG2 
671 N N   . LEU A 90 ? 0.3367 0.3184 0.1681 -0.0279 -0.0345 0.0062  92 LEU A N   
672 C CA  . LEU A 90 ? 0.4269 0.3849 0.1883 0.0027  -0.0438 -0.0048 92 LEU A CA  
673 C C   . LEU A 90 ? 0.4584 0.4660 0.2086 0.0286  -0.0297 -0.0281 92 LEU A C   
674 O O   . LEU A 90 ? 0.5105 0.4691 0.2196 0.0795  -0.0695 -0.0073 92 LEU A O   
675 C CB  . LEU A 90 ? 0.4099 0.3459 0.2022 0.0124  -0.0444 -0.0102 92 LEU A CB  
676 C CG  . LEU A 90 ? 0.4293 0.3872 0.2528 0.0658  -0.0269 -0.0417 92 LEU A CG  
677 C CD1 . LEU A 90 ? 0.4521 0.3221 0.3004 0.0433  -0.0224 -0.0589 92 LEU A CD1 
678 C CD2 . LEU A 90 ? 0.4129 0.4928 0.2542 0.0969  -0.0155 -0.0574 92 LEU A CD2 
# 
